data_6QCS
#
_entry.id   6QCS
#
_cell.length_a   1.00
_cell.length_b   1.00
_cell.length_c   1.00
_cell.angle_alpha   90.00
_cell.angle_beta   90.00
_cell.angle_gamma   90.00
#
_symmetry.space_group_name_H-M   'P 1'
#
loop_
_entity.id
_entity.type
_entity.pdbx_description
1 polymer 'Polymerase acidic protein'
2 polymer 'RNA-directed RNA polymerase catalytic subunit'
3 polymer 'Polymerase basic protein 2'
4 polymer 'Capped RNA'
5 polymer '5 end'
6 polymer '3 end'
7 non-polymer 'MAGNESIUM ION'
#
loop_
_entity_poly.entity_id
_entity_poly.type
_entity_poly.pdbx_seq_one_letter_code
_entity_poly.pdbx_strand_id
1 'polypeptide(L)'
;GSHHHHHHHHGSGSMDTFITRNFQTTIIQKAKNTMAEFSEDPELQPAMLFNICVHLEVCYVISDMNFLDEEGKAYTALEG
QGKEQNLRPQYEVIEGMPRTIAWMVQRSLAQEHGIETPKYLADLFDYKTKRFIEVGITKGLADDYFWKKKEKLGNSMELM
IFSYNQDYSLSNESSLDEEGKGRVLSRLTELQAELSLKNLWQVLIGEEDVEKGIDFKLGQTISRLRDISVPAGFSNFEGM
RSYIDNIDPKGAIERNLARMSPLVSVTPKKLTWEDLRPIGPHIYNHELPEVPYNAFLLMSDELGLANMTEGKSKKPKTLA
KECLEKYSTLRDQTDPILIMKSEKANENFLWKLWRDCVNTISNEEMSNELQKTNYAKWATGDGLTYQKIMKEVAIDDETM
CQEEPKIPNKCRVAAWVQTEMNLLSTLTSKRALDLPEIGPDVAPVEHVGSERRKYFVNEINYCKASTVMMKYVLFHTSLL
NESNASMGKYKVIPITNRVVNEKGESFDMLYGLAVKGQSHLRGDTDVVTVVTFEFSSTDPRVDSGKWPKYTVFRIGSLFV
SGREKSVYLYCRVNGTNKIQMKWGMEARRCLLQSMQQMEAIVEQESSIQGYDMTKACFKGDRVNSPKTFSIGTQEGKLVK
GSFGKALRVIFTKCLMHYVFGNAQLEGFSAESRRLLLLIQALKDRKGPWVFDLEGMYSGIEECISNNPWVIQSAYWFNEW
LGFEKEGSKVLESVDEIMDEGSGSGENLYFQ
;
A
2 'polypeptide(L)'
;GSGSGSGSGMNINPYFLFIDVPIQAAISTTFPYTGVPPYSHGTGTGYTIDTVIRTHEYSNKGKQYISDVTGCTMVDPTNG
PLPEDNEPSAYAQLDCVLEALDRMDEEHPGLFQAASQNAMETLMVTTVDKLTQGRQTFDWTVCRNQPAATALNTTITSFR
LNDLNGADKGGLIPFCQDIIDSLDRPEMTFFSVKNIKKKLPAKNRKGFLIKRIPMKVKDKITKVEYIKRALSLNTMTKDA
ERGKLKRRAIATAGIQIRGFVLVVENLAKNICENLEQSGLPVGGNEKKAKLSNAVAKMLSNCPPGGISMTVTGDNTKWNE
CLNPRIFLAMTERITRDSPIWFRDFCSIAPVLFSNKIARLGKGFMITSKTKRLKAQIPCPDLFSIPLERYNEETRAKLKK
LKPFFNEEGTASLSPGMMMGMFNMLSTVLGVAALGIKNIGNKEYLWDGLQSSDDFALFVNAKDEETCMEGINDFYRTCKL
LGINMSKKKSYCNETGMFEFTSMFYRDGFVSNFAMELPSFGVAGVNESADMAIGMTIIKNNMINNGMGPATAQTAIQLFI
ADYRYTYKCHRGDSKVEGKRMKIIKELWENTKGRDGLLVADGGPNIYNLRNLHIPEIVLKYNLMDPEYKGRLLHPQNPFV
GHLSIEGIKEADITPAHGPVKKMDYDAVSGTHSWRTKRNRSILNTDQRNMILEEQCYAKCCNLFEACFNSASYRKPVGQH
SMLEAMAHRLRMDARLDYESGRMSKDDFEKAMAHLGEIGYIGSGSGENLYFQ
;
B
3 'polypeptide(L)'
;GSGSGSGSGMTLAKIELLKQLLRDNEAKTVLKQTTVDQYNIIRKFNTSRIEKNPSLRMKWAMCSNFPLALTKGDMANRIP
LEYKGIQLKTNAEDIGTKGQMCSIAAVTWWNTYGPIGDTEGFERVYESFFLRKMRLDNATWGRITFGPVERVRKRVLLNP
LTKEMPPDEASNVIMEILFPKEAGIPRESTWIHRELIKEKREKLKGTMITPIVLAYMLERELVARRRFLPVAGATSAEFI
EMLHCLQGENWRQIYHPGGNKLTESRSQSMIVACRKIIRRSIVASNPLELAVEIANKTVIDTEPLKSCLAAIDGGDVACD
IIRAALGLKIRQRQRFGRLELKRISGRGFKNDEEILIGNGTIQKIGIWDGEEEFHVRCGECRGILKKSKMKLEKLLINSA
KKEDMRDLIILCMVFSQDTRMFQGVRGEINFLNRAGQLLSPMYQLQRYFLNRSNDLFDQWGYEESPKASELHGINESMNA
SDYTLKGVVVTRNVIDDFSSTETEKVSITKNLSLIKRTGEVIMGANDVSELESQAQLMITYDTPKMWEMGTTKELVQNTY
QWVLKNLVTLKAQFLLGKEDMFQWDAFEAFESIIPQKMAGQYSGFARAVLKQMRDQEVMKTDQFIKLLPFCFSPPKLRSN
GEPYQFLKLVLKGGGENFIEVRKGSPLFSYNPQTEVLTICGRMMSLKGKIEDEERNRSMGNAVLAGFLVSGKYDPDLGDF
KTIEELEKLKPGEKANILLYQGKPVKVVKRKRYSALSNDISQGIKRQRMTVESMGWALSGWSHPQFEKGSGSENLYFQ
;
C
4 'polyribonucleotide' (GTG)AAUGCUAUAAUAGC M
5 'polyribonucleotide' AGUAGUAACAAGAG V
6 'polyribonucleotide' UAUACCUCUGCUUCUGCUAUU R
#
loop_
_chem_comp.id
_chem_comp.type
_chem_comp.name
_chem_comp.formula
A RNA linking ADENOSINE-5'-MONOPHOSPHATE 'C10 H14 N5 O7 P'
C RNA linking CYTIDINE-5'-MONOPHOSPHATE 'C9 H14 N3 O8 P'
G RNA linking GUANOSINE-5'-MONOPHOSPHATE 'C10 H14 N5 O8 P'
GTG non-polymer 7-METHYL-GUANOSINE-5'-TRIPHOSPHATE-5'-GUANOSINE 'C21 H30 N10 O18 P3 1'
MG non-polymer 'MAGNESIUM ION' 'Mg 2'
U RNA linking URIDINE-5'-MONOPHOSPHATE 'C9 H13 N2 O9 P'
#
# COMPACT_ATOMS: atom_id res chain seq x y z
N MET A 15 25.17 -2.22 -51.97
CA MET A 15 25.30 -3.63 -52.30
C MET A 15 24.14 -4.44 -51.73
N ASP A 16 23.02 -4.45 -52.43
CA ASP A 16 21.88 -5.28 -52.05
C ASP A 16 21.23 -6.04 -53.19
N THR A 17 21.40 -5.60 -54.45
CA THR A 17 20.91 -6.40 -55.57
C THR A 17 21.73 -7.68 -55.73
N PHE A 18 22.98 -7.64 -55.29
CA PHE A 18 23.82 -8.83 -55.19
C PHE A 18 23.18 -9.88 -54.29
N ILE A 19 22.79 -9.47 -53.08
CA ILE A 19 22.13 -10.37 -52.14
C ILE A 19 20.75 -10.79 -52.66
N THR A 20 20.07 -9.87 -53.37
CA THR A 20 18.73 -10.17 -53.87
C THR A 20 18.74 -11.22 -54.98
N ARG A 21 19.77 -11.19 -55.82
CA ARG A 21 19.85 -12.15 -56.91
C ARG A 21 20.60 -13.43 -56.53
N ASN A 22 21.48 -13.39 -55.52
CA ASN A 22 22.34 -14.53 -55.24
C ASN A 22 21.81 -15.46 -54.15
N PHE A 23 20.79 -15.07 -53.41
CA PHE A 23 20.22 -15.91 -52.36
C PHE A 23 18.70 -15.93 -52.50
N GLN A 24 18.10 -17.00 -51.97
CA GLN A 24 16.64 -17.09 -51.96
C GLN A 24 16.05 -16.16 -50.90
N THR A 25 14.73 -15.97 -50.98
CA THR A 25 14.05 -15.00 -50.12
C THR A 25 14.07 -15.42 -48.66
N THR A 26 14.07 -16.73 -48.40
CA THR A 26 14.04 -17.25 -47.04
C THR A 26 15.31 -16.92 -46.28
N ILE A 27 16.46 -17.11 -46.93
CA ILE A 27 17.75 -16.82 -46.30
C ILE A 27 17.87 -15.33 -45.98
N ILE A 28 17.41 -14.48 -46.90
CA ILE A 28 17.51 -13.04 -46.72
C ILE A 28 16.60 -12.56 -45.59
N GLN A 29 15.37 -13.10 -45.53
CA GLN A 29 14.45 -12.71 -44.46
C GLN A 29 14.95 -13.20 -43.10
N LYS A 30 15.49 -14.43 -43.04
CA LYS A 30 16.03 -14.93 -41.78
C LYS A 30 17.25 -14.13 -41.34
N ALA A 31 18.09 -13.70 -42.28
CA ALA A 31 19.27 -12.91 -41.94
C ALA A 31 18.87 -11.50 -41.48
N LYS A 32 17.82 -10.94 -42.09
CA LYS A 32 17.34 -9.62 -41.68
C LYS A 32 16.73 -9.67 -40.29
N ASN A 33 15.96 -10.71 -39.99
CA ASN A 33 15.42 -10.86 -38.64
C ASN A 33 16.51 -11.15 -37.62
N THR A 34 17.56 -11.87 -38.03
CA THR A 34 18.70 -12.11 -37.15
C THR A 34 19.45 -10.82 -36.83
N MET A 35 19.58 -9.93 -37.83
CA MET A 35 20.19 -8.63 -37.56
C MET A 35 19.29 -7.75 -36.70
N ALA A 36 17.97 -7.81 -36.94
CA ALA A 36 17.02 -7.00 -36.18
C ALA A 36 16.91 -7.45 -34.73
N GLU A 37 17.21 -8.71 -34.43
CA GLU A 37 17.22 -9.17 -33.04
C GLU A 37 18.36 -8.56 -32.25
N PHE A 38 19.49 -8.27 -32.88
CA PHE A 38 20.63 -7.67 -32.20
C PHE A 38 20.66 -6.15 -32.34
N SER A 39 19.52 -5.55 -32.69
CA SER A 39 19.33 -4.09 -32.82
C SER A 39 20.31 -3.49 -33.83
N GLU A 40 20.15 -3.91 -35.08
CA GLU A 40 20.97 -3.39 -36.17
C GLU A 40 20.10 -2.95 -37.33
N ASP A 41 20.73 -2.54 -38.44
CA ASP A 41 20.00 -2.05 -39.61
C ASP A 41 20.55 -2.76 -40.83
N PRO A 42 19.73 -3.55 -41.55
CA PRO A 42 20.24 -4.27 -42.72
C PRO A 42 20.43 -3.39 -43.95
N GLU A 43 19.68 -2.29 -44.08
CA GLU A 43 19.83 -1.42 -45.23
C GLU A 43 21.11 -0.62 -45.18
N LEU A 44 21.69 -0.43 -44.00
CA LEU A 44 22.89 0.37 -43.83
C LEU A 44 24.15 -0.45 -43.62
N GLN A 45 24.04 -1.77 -43.47
CA GLN A 45 25.21 -2.62 -43.29
C GLN A 45 25.06 -3.87 -44.15
N PRO A 46 25.48 -3.82 -45.40
CA PRO A 46 25.49 -5.04 -46.23
C PRO A 46 26.59 -6.03 -45.85
N ALA A 47 27.58 -5.61 -45.05
CA ALA A 47 28.66 -6.52 -44.67
C ALA A 47 28.16 -7.60 -43.72
N MET A 48 27.51 -7.20 -42.62
CA MET A 48 27.02 -8.18 -41.67
C MET A 48 25.85 -8.97 -42.23
N LEU A 49 25.03 -8.34 -43.08
CA LEU A 49 23.96 -9.06 -43.75
C LEU A 49 24.51 -10.13 -44.69
N PHE A 50 25.60 -9.80 -45.41
CA PHE A 50 26.23 -10.78 -46.28
C PHE A 50 26.88 -11.90 -45.48
N ASN A 51 27.48 -11.57 -44.33
CA ASN A 51 28.10 -12.59 -43.49
C ASN A 51 27.07 -13.57 -42.94
N ILE A 52 25.91 -13.06 -42.49
CA ILE A 52 24.87 -13.94 -41.98
C ILE A 52 24.20 -14.73 -43.12
N CYS A 53 24.10 -14.14 -44.32
CA CYS A 53 23.56 -14.89 -45.46
C CYS A 53 24.50 -16.03 -45.88
N VAL A 54 25.81 -15.78 -45.83
CA VAL A 54 26.78 -16.83 -46.15
C VAL A 54 26.78 -17.92 -45.08
N HIS A 55 26.66 -17.51 -43.82
CA HIS A 55 26.62 -18.48 -42.71
C HIS A 55 25.39 -19.37 -42.80
N LEU A 56 24.22 -18.80 -43.08
CA LEU A 56 23.00 -19.59 -43.18
C LEU A 56 23.00 -20.45 -44.43
N GLU A 57 23.59 -19.96 -45.52
CA GLU A 57 23.65 -20.80 -46.72
C GLU A 57 24.59 -21.98 -46.54
N VAL A 58 25.70 -21.80 -45.81
CA VAL A 58 26.57 -22.93 -45.50
C VAL A 58 25.87 -23.92 -44.58
N CYS A 59 25.23 -23.41 -43.52
CA CYS A 59 24.51 -24.27 -42.58
C CYS A 59 23.31 -24.98 -43.21
N TYR A 60 22.75 -24.45 -44.29
CA TYR A 60 21.65 -25.12 -44.97
C TYR A 60 22.12 -26.05 -46.07
N VAL A 61 23.27 -25.79 -46.69
CA VAL A 61 23.80 -26.70 -47.70
C VAL A 61 24.40 -27.94 -47.05
N ILE A 62 25.06 -27.77 -45.90
CA ILE A 62 25.58 -28.91 -45.14
C ILE A 62 24.44 -29.82 -44.69
N SER A 63 23.36 -29.24 -44.18
CA SER A 63 22.21 -29.97 -43.67
C SER A 63 21.10 -30.12 -44.70
N ASP A 64 21.45 -30.30 -45.97
CA ASP A 64 20.44 -30.29 -47.02
C ASP A 64 19.72 -31.63 -47.11
N MET A 65 20.44 -32.70 -47.47
CA MET A 65 19.78 -33.96 -47.78
C MET A 65 20.43 -35.15 -47.09
N ASN A 66 20.91 -34.97 -45.86
CA ASN A 66 21.41 -36.07 -45.05
C ASN A 66 20.27 -36.62 -44.20
N PHE A 67 20.00 -37.93 -44.31
CA PHE A 67 18.82 -38.51 -43.70
C PHE A 67 19.14 -39.81 -42.97
N LEU A 68 18.49 -40.01 -41.83
CA LEU A 68 18.49 -41.27 -41.11
C LEU A 68 17.15 -41.95 -41.29
N ASP A 69 17.17 -43.23 -41.64
CA ASP A 69 15.95 -43.99 -41.89
C ASP A 69 15.43 -44.57 -40.58
N GLU A 70 14.45 -45.48 -40.69
CA GLU A 70 13.86 -46.13 -39.51
C GLU A 70 14.84 -47.05 -38.80
N GLU A 71 15.89 -47.52 -39.48
CA GLU A 71 16.96 -48.25 -38.81
C GLU A 71 18.06 -47.33 -38.30
N GLY A 72 18.11 -46.09 -38.77
CA GLY A 72 19.09 -45.12 -38.31
C GLY A 72 20.36 -45.05 -39.13
N LYS A 73 20.36 -45.57 -40.34
CA LYS A 73 21.55 -45.54 -41.21
C LYS A 73 21.49 -44.33 -42.12
N ALA A 74 22.58 -43.58 -42.17
CA ALA A 74 22.60 -42.32 -42.90
C ALA A 74 22.67 -42.56 -44.40
N TYR A 75 22.08 -41.63 -45.16
CA TYR A 75 22.17 -41.63 -46.61
C TYR A 75 21.94 -40.21 -47.12
N THR A 76 22.61 -39.90 -48.23
CA THR A 76 22.58 -38.57 -48.83
C THR A 76 21.84 -38.67 -50.16
N ALA A 77 20.51 -38.52 -50.11
CA ALA A 77 19.68 -38.55 -51.29
C ALA A 77 18.40 -37.76 -51.04
N ASN A 86 12.33 -39.31 -47.01
CA ASN A 86 12.11 -39.46 -45.57
C ASN A 86 11.80 -38.10 -44.95
N LEU A 87 11.20 -38.10 -43.77
CA LEU A 87 10.86 -36.89 -43.06
C LEU A 87 11.50 -36.86 -41.68
N ARG A 88 12.74 -37.33 -41.61
CA ARG A 88 13.59 -37.14 -40.43
C ARG A 88 15.03 -36.97 -40.92
N PRO A 89 15.50 -35.73 -41.03
CA PRO A 89 16.87 -35.50 -41.52
C PRO A 89 17.90 -35.85 -40.46
N GLN A 90 19.16 -35.79 -40.88
CA GLN A 90 20.24 -36.12 -39.96
C GLN A 90 20.60 -34.95 -39.08
N TYR A 91 20.54 -33.73 -39.61
CA TYR A 91 20.89 -32.53 -38.87
C TYR A 91 19.65 -31.71 -38.55
N GLU A 92 19.68 -31.05 -37.41
CA GLU A 92 18.70 -30.04 -37.05
C GLU A 92 19.38 -28.68 -36.99
N VAL A 93 18.85 -27.72 -37.73
CA VAL A 93 19.47 -26.40 -37.86
C VAL A 93 18.98 -25.51 -36.73
N ILE A 94 19.91 -25.08 -35.89
CA ILE A 94 19.62 -24.16 -34.79
C ILE A 94 19.85 -22.71 -35.19
N GLU A 95 20.92 -22.44 -35.94
CA GLU A 95 21.21 -21.10 -36.42
C GLU A 95 20.22 -20.69 -37.51
N GLY A 96 19.59 -19.54 -37.34
CA GLY A 96 18.62 -19.05 -38.28
C GLY A 96 17.28 -18.79 -37.64
N MET A 97 16.90 -19.66 -36.70
CA MET A 97 15.66 -19.50 -35.98
C MET A 97 15.79 -18.35 -34.99
N PRO A 98 14.66 -17.81 -34.50
CA PRO A 98 14.72 -16.81 -33.43
C PRO A 98 15.35 -17.37 -32.16
N ARG A 99 15.83 -16.44 -31.32
CA ARG A 99 16.68 -16.79 -30.18
C ARG A 99 15.94 -17.66 -29.17
N THR A 100 14.66 -17.36 -28.92
CA THR A 100 13.90 -18.16 -27.97
C THR A 100 13.57 -19.53 -28.55
N ILE A 101 13.25 -19.61 -29.84
CA ILE A 101 13.00 -20.91 -30.47
C ILE A 101 14.29 -21.72 -30.58
N ALA A 102 15.40 -21.07 -30.93
CA ALA A 102 16.66 -21.78 -31.06
C ALA A 102 17.15 -22.29 -29.71
N TRP A 103 16.95 -21.50 -28.65
CA TRP A 103 17.30 -22.03 -27.35
C TRP A 103 16.31 -23.06 -26.85
N MET A 104 15.05 -23.03 -27.29
CA MET A 104 14.13 -24.12 -27.00
C MET A 104 14.62 -25.42 -27.62
N VAL A 105 15.10 -25.36 -28.86
CA VAL A 105 15.61 -26.55 -29.54
C VAL A 105 16.89 -27.04 -28.87
N GLN A 106 17.75 -26.12 -28.43
CA GLN A 106 18.98 -26.54 -27.76
C GLN A 106 18.71 -27.13 -26.37
N ARG A 107 17.80 -26.52 -25.59
CA ARG A 107 17.41 -27.08 -24.30
C ARG A 107 16.76 -28.46 -24.45
N SER A 108 15.91 -28.62 -25.46
CA SER A 108 15.22 -29.89 -25.66
C SER A 108 16.18 -30.99 -26.10
N LEU A 109 17.06 -30.69 -27.07
CA LEU A 109 18.01 -31.70 -27.54
C LEU A 109 19.09 -32.00 -26.52
N ALA A 110 19.39 -31.07 -25.61
CA ALA A 110 20.33 -31.37 -24.55
C ALA A 110 19.68 -32.18 -23.45
N GLN A 111 18.42 -31.88 -23.11
CA GLN A 111 17.76 -32.58 -22.02
C GLN A 111 17.31 -33.98 -22.43
N GLU A 112 17.02 -34.19 -23.72
CA GLU A 112 16.55 -35.49 -24.18
C GLU A 112 17.68 -36.51 -24.19
N HIS A 113 18.74 -36.25 -24.96
CA HIS A 113 19.79 -37.23 -25.18
C HIS A 113 20.76 -37.34 -24.02
N GLY A 114 20.70 -36.45 -23.04
CA GLY A 114 21.60 -36.48 -21.91
C GLY A 114 22.86 -35.67 -22.08
N ILE A 115 23.13 -35.16 -23.28
CA ILE A 115 24.31 -34.33 -23.50
C ILE A 115 24.13 -32.99 -22.81
N GLU A 116 25.18 -32.56 -22.10
CA GLU A 116 25.08 -31.38 -21.25
C GLU A 116 24.96 -30.12 -22.08
N THR A 117 24.11 -29.20 -21.62
CA THR A 117 23.73 -28.03 -22.40
C THR A 117 24.89 -27.04 -22.49
N PRO A 118 25.33 -26.66 -23.69
CA PRO A 118 26.44 -25.72 -23.81
C PRO A 118 26.05 -24.32 -23.37
N LYS A 119 27.06 -23.51 -23.08
CA LYS A 119 26.80 -22.14 -22.66
C LYS A 119 26.36 -21.26 -23.82
N TYR A 120 26.71 -21.63 -25.05
CA TYR A 120 26.46 -20.80 -26.22
C TYR A 120 25.59 -21.54 -27.20
N LEU A 121 25.23 -20.86 -28.29
CA LEU A 121 24.23 -21.33 -29.23
C LEU A 121 24.93 -21.97 -30.42
N ALA A 122 24.76 -23.26 -30.60
CA ALA A 122 25.40 -23.95 -31.71
C ALA A 122 24.62 -23.71 -33.00
N ASP A 123 25.22 -24.11 -34.12
CA ASP A 123 24.64 -23.86 -35.43
C ASP A 123 23.96 -25.08 -36.04
N LEU A 124 24.35 -26.29 -35.67
CA LEU A 124 23.70 -27.49 -36.15
C LEU A 124 23.70 -28.53 -35.03
N PHE A 125 22.86 -29.54 -35.18
CA PHE A 125 22.85 -30.70 -34.31
C PHE A 125 22.87 -31.95 -35.17
N ASP A 126 23.74 -32.89 -34.85
CA ASP A 126 23.84 -34.14 -35.57
C ASP A 126 23.18 -35.25 -34.76
N TYR A 127 22.16 -35.88 -35.34
CA TYR A 127 21.42 -36.95 -34.68
C TYR A 127 22.11 -38.31 -34.78
N LYS A 128 23.13 -38.44 -35.64
CA LYS A 128 23.89 -39.68 -35.73
C LYS A 128 24.99 -39.72 -34.67
N THR A 129 25.88 -38.74 -34.69
CA THR A 129 26.84 -38.57 -33.61
C THR A 129 26.19 -38.05 -32.35
N LYS A 130 25.01 -37.42 -32.48
CA LYS A 130 24.30 -36.71 -31.41
C LYS A 130 25.20 -35.67 -30.75
N ARG A 131 25.66 -34.74 -31.58
CA ARG A 131 26.59 -33.71 -31.12
C ARG A 131 26.22 -32.36 -31.73
N PHE A 132 26.48 -31.30 -30.97
CA PHE A 132 26.29 -29.95 -31.47
C PHE A 132 27.47 -29.53 -32.34
N ILE A 133 27.18 -29.22 -33.60
CA ILE A 133 28.19 -28.87 -34.58
C ILE A 133 28.13 -27.38 -34.88
N GLU A 134 29.14 -26.65 -34.42
CA GLU A 134 29.19 -25.22 -34.65
C GLU A 134 30.05 -24.93 -35.86
N VAL A 135 29.58 -24.01 -36.71
CA VAL A 135 30.26 -23.63 -37.94
C VAL A 135 30.84 -22.24 -37.75
N GLY A 136 32.06 -22.03 -38.26
CA GLY A 136 32.62 -20.70 -38.38
C GLY A 136 33.02 -20.40 -39.81
N ILE A 137 33.11 -19.13 -40.17
CA ILE A 137 33.54 -18.72 -41.51
C ILE A 137 34.61 -17.65 -41.36
N THR A 138 35.78 -17.89 -41.93
CA THR A 138 36.91 -16.97 -41.88
C THR A 138 37.46 -16.79 -43.28
N LYS A 139 38.45 -15.90 -43.42
CA LYS A 139 39.09 -15.65 -44.70
C LYS A 139 40.57 -15.99 -44.72
N GLY A 140 41.17 -16.29 -43.58
CA GLY A 140 42.57 -16.64 -43.53
C GLY A 140 42.82 -18.09 -43.22
N LEU A 141 43.70 -18.36 -42.26
CA LEU A 141 44.00 -19.74 -41.86
C LEU A 141 42.81 -20.33 -41.12
N ALA A 142 42.30 -21.46 -41.63
CA ALA A 142 41.19 -22.13 -40.98
C ALA A 142 41.59 -22.72 -39.64
N ASP A 143 42.85 -23.11 -39.47
CA ASP A 143 43.34 -23.56 -38.17
C ASP A 143 43.41 -22.40 -37.17
N ASP A 144 43.64 -21.19 -37.68
CA ASP A 144 43.68 -20.02 -36.81
C ASP A 144 42.31 -19.72 -36.21
N TYR A 145 41.27 -19.73 -37.04
CA TYR A 145 39.92 -19.51 -36.53
C TYR A 145 39.42 -20.72 -35.74
N PHE A 146 39.93 -21.91 -36.08
CA PHE A 146 39.68 -23.10 -35.27
C PHE A 146 40.15 -22.91 -33.84
N TRP A 147 41.39 -22.45 -33.67
CA TRP A 147 41.89 -22.23 -32.32
C TRP A 147 41.30 -20.97 -31.68
N LYS A 148 40.84 -20.01 -32.48
CA LYS A 148 40.08 -18.89 -31.92
C LYS A 148 38.75 -19.35 -31.33
N LYS A 149 38.12 -20.34 -31.96
CA LYS A 149 36.91 -20.93 -31.38
C LYS A 149 37.23 -21.76 -30.15
N LYS A 150 38.31 -22.55 -30.21
CA LYS A 150 38.74 -23.35 -29.07
C LYS A 150 39.22 -22.51 -27.88
N GLU A 151 39.54 -21.23 -28.11
CA GLU A 151 39.83 -20.32 -27.01
C GLU A 151 38.61 -20.13 -26.10
N LYS A 152 37.40 -20.16 -26.66
CA LYS A 152 36.21 -19.85 -25.89
C LYS A 152 35.26 -21.03 -25.72
N LEU A 153 35.39 -22.11 -26.49
CA LEU A 153 34.47 -23.23 -26.35
C LEU A 153 34.96 -24.26 -25.34
N GLY A 154 36.11 -24.85 -25.58
CA GLY A 154 36.56 -26.00 -24.80
C GLY A 154 36.33 -27.27 -25.59
N ASN A 155 35.79 -28.30 -24.93
CA ASN A 155 35.41 -29.53 -25.61
C ASN A 155 33.91 -29.75 -25.45
N SER A 156 33.12 -28.69 -25.64
CA SER A 156 31.68 -28.75 -25.48
C SER A 156 30.94 -28.88 -26.80
N MET A 157 31.53 -28.47 -27.91
CA MET A 157 30.92 -28.57 -29.23
C MET A 157 31.91 -29.20 -30.20
N GLU A 158 31.43 -29.45 -31.41
CA GLU A 158 32.31 -29.80 -32.52
C GLU A 158 32.62 -28.53 -33.32
N LEU A 159 33.32 -28.66 -34.43
CA LEU A 159 33.70 -27.50 -35.23
C LEU A 159 33.73 -27.85 -36.70
N MET A 160 33.30 -26.91 -37.54
CA MET A 160 33.42 -27.01 -39.00
C MET A 160 33.83 -25.63 -39.50
N ILE A 161 35.13 -25.39 -39.58
CA ILE A 161 35.67 -24.10 -40.00
C ILE A 161 36.02 -24.17 -41.48
N PHE A 162 35.66 -23.12 -42.22
CA PHE A 162 35.90 -23.06 -43.66
C PHE A 162 36.47 -21.70 -44.03
N SER A 163 36.92 -21.58 -45.27
CA SER A 163 37.44 -20.32 -45.78
C SER A 163 37.21 -20.26 -47.29
N TYR A 164 37.52 -19.11 -47.86
CA TYR A 164 37.18 -18.79 -49.24
C TYR A 164 38.23 -19.28 -50.24
N ASN A 165 39.25 -20.01 -49.80
CA ASN A 165 40.39 -20.37 -50.62
C ASN A 165 40.69 -21.86 -50.51
N GLN A 166 39.62 -22.67 -50.42
CA GLN A 166 39.69 -24.14 -50.36
C GLN A 166 40.51 -24.64 -49.17
N ASP A 167 40.41 -23.95 -48.04
CA ASP A 167 41.13 -24.30 -46.81
C ASP A 167 40.12 -24.45 -45.68
N TYR A 168 39.77 -25.69 -45.35
CA TYR A 168 38.85 -26.00 -44.27
C TYR A 168 39.60 -26.61 -43.10
N SER A 169 38.88 -26.77 -41.98
CA SER A 169 39.43 -27.44 -40.81
C SER A 169 38.25 -28.01 -40.01
N LEU A 170 38.03 -29.32 -40.15
CA LEU A 170 36.93 -29.98 -39.47
C LEU A 170 37.37 -30.46 -38.09
N SER A 171 36.43 -30.97 -37.32
CA SER A 171 36.69 -31.33 -35.93
C SER A 171 37.33 -32.71 -35.84
N ASN A 172 37.88 -33.00 -34.67
CA ASN A 172 38.59 -34.25 -34.41
C ASN A 172 37.68 -35.43 -34.15
N GLU A 173 36.36 -35.22 -34.10
CA GLU A 173 35.37 -36.28 -34.02
C GLU A 173 34.26 -36.04 -35.02
N SER A 174 34.64 -35.61 -36.23
CA SER A 174 33.70 -35.20 -37.26
C SER A 174 33.30 -36.38 -38.14
N SER A 175 32.17 -36.21 -38.82
CA SER A 175 31.67 -37.18 -39.79
C SER A 175 31.15 -36.47 -41.03
N LEU A 176 31.89 -35.49 -41.53
CA LEU A 176 31.50 -34.77 -42.74
C LEU A 176 32.03 -35.49 -43.97
N ASP A 177 31.13 -35.71 -44.94
CA ASP A 177 31.48 -36.42 -46.17
C ASP A 177 32.14 -35.44 -47.16
N GLU A 178 32.33 -35.89 -48.41
CA GLU A 178 33.04 -35.10 -49.41
C GLU A 178 32.17 -34.62 -50.56
N GLU A 179 30.88 -34.95 -50.58
CA GLU A 179 29.99 -34.34 -51.55
C GLU A 179 29.61 -32.93 -51.13
N GLY A 180 29.09 -32.79 -49.91
CA GLY A 180 28.81 -31.47 -49.37
C GLY A 180 30.06 -30.65 -49.14
N LYS A 181 31.19 -31.31 -48.88
CA LYS A 181 32.46 -30.59 -48.77
C LYS A 181 32.90 -30.04 -50.12
N GLY A 182 32.49 -30.67 -51.21
CA GLY A 182 32.71 -30.08 -52.52
C GLY A 182 31.77 -28.93 -52.78
N ARG A 183 30.50 -29.08 -52.41
CA ARG A 183 29.50 -28.07 -52.72
C ARG A 183 29.71 -26.78 -51.91
N VAL A 184 30.14 -26.91 -50.65
CA VAL A 184 30.33 -25.75 -49.78
C VAL A 184 31.48 -24.89 -50.28
N LEU A 185 32.61 -25.52 -50.62
CA LEU A 185 33.76 -24.76 -51.09
C LEU A 185 33.55 -24.25 -52.51
N SER A 186 32.79 -24.98 -53.34
CA SER A 186 32.42 -24.46 -54.65
C SER A 186 31.55 -23.22 -54.54
N ARG A 187 30.61 -23.21 -53.58
CA ARG A 187 29.75 -22.06 -53.36
C ARG A 187 30.54 -20.88 -52.80
N LEU A 188 31.47 -21.13 -51.88
CA LEU A 188 32.29 -20.06 -51.32
C LEU A 188 33.20 -19.44 -52.38
N THR A 189 33.79 -20.27 -53.25
CA THR A 189 34.66 -19.74 -54.29
C THR A 189 33.86 -18.99 -55.35
N GLU A 190 32.64 -19.46 -55.67
CA GLU A 190 31.83 -18.75 -56.65
C GLU A 190 31.33 -17.42 -56.09
N LEU A 191 31.01 -17.38 -54.80
CA LEU A 191 30.66 -16.11 -54.15
C LEU A 191 31.83 -15.15 -54.14
N GLN A 192 33.05 -15.66 -53.91
CA GLN A 192 34.24 -14.81 -53.96
C GLN A 192 34.50 -14.27 -55.36
N ALA A 193 34.29 -15.10 -56.39
CA ALA A 193 34.50 -14.68 -57.76
C ALA A 193 33.47 -13.66 -58.20
N GLU A 194 32.22 -13.81 -57.75
CA GLU A 194 31.21 -12.81 -58.09
C GLU A 194 31.33 -11.53 -57.26
N LEU A 195 31.90 -11.61 -56.04
CA LEU A 195 32.21 -10.40 -55.30
C LEU A 195 33.34 -9.63 -55.96
N SER A 196 34.38 -10.33 -56.41
CA SER A 196 35.51 -9.67 -57.05
C SER A 196 35.20 -9.22 -58.47
N LEU A 197 34.21 -9.83 -59.12
CA LEU A 197 33.87 -9.46 -60.49
C LEU A 197 33.19 -8.09 -60.56
N LYS A 198 32.31 -7.81 -59.60
CA LYS A 198 31.59 -6.55 -59.57
C LYS A 198 32.20 -5.53 -58.61
N ASN A 199 33.47 -5.73 -58.22
CA ASN A 199 34.23 -4.83 -57.33
C ASN A 199 33.51 -4.63 -56.00
N LEU A 200 33.23 -5.74 -55.33
CA LEU A 200 32.48 -5.71 -54.07
C LEU A 200 33.26 -6.26 -52.89
N TRP A 201 34.42 -6.89 -53.12
CA TRP A 201 35.23 -7.40 -52.01
C TRP A 201 35.85 -6.25 -51.22
N GLN A 202 36.02 -5.08 -51.84
CA GLN A 202 36.53 -3.92 -51.12
C GLN A 202 35.52 -3.40 -50.10
N VAL A 203 34.22 -3.61 -50.35
CA VAL A 203 33.20 -3.23 -49.38
C VAL A 203 33.24 -4.17 -48.18
N LEU A 204 33.63 -5.42 -48.40
CA LEU A 204 33.68 -6.40 -47.33
C LEU A 204 34.99 -6.38 -46.56
N ILE A 205 36.07 -5.86 -47.16
CA ILE A 205 37.31 -5.66 -46.43
C ILE A 205 37.14 -4.54 -45.39
N GLY A 206 36.59 -3.41 -45.82
CA GLY A 206 36.34 -2.33 -44.89
C GLY A 206 35.13 -2.61 -44.01
N GLU A 207 35.16 -2.03 -42.81
CA GLU A 207 34.09 -2.19 -41.84
C GLU A 207 33.05 -1.09 -42.04
N GLU A 208 31.79 -1.49 -42.15
CA GLU A 208 30.68 -0.54 -42.22
C GLU A 208 30.16 -0.35 -40.80
N ASP A 209 30.78 0.59 -40.08
CA ASP A 209 30.56 0.78 -38.65
C ASP A 209 29.81 2.09 -38.42
N VAL A 210 28.64 1.98 -37.79
CA VAL A 210 27.88 3.14 -37.31
C VAL A 210 27.05 2.66 -36.14
N GLU A 211 26.85 3.56 -35.16
CA GLU A 211 26.12 3.19 -33.95
C GLU A 211 24.62 3.17 -34.22
N LYS A 212 23.97 2.07 -33.82
CA LYS A 212 22.51 1.99 -33.86
C LYS A 212 21.96 2.55 -32.55
N GLY A 213 22.12 3.86 -32.40
CA GLY A 213 21.62 4.55 -31.23
C GLY A 213 20.11 4.69 -31.26
N ILE A 214 19.58 5.13 -30.13
CA ILE A 214 18.13 5.29 -30.01
C ILE A 214 17.70 6.50 -30.81
N ASP A 215 16.68 6.33 -31.65
CA ASP A 215 16.22 7.37 -32.55
C ASP A 215 14.77 7.72 -32.23
N PHE A 216 14.47 9.01 -32.17
CA PHE A 216 13.13 9.46 -31.83
C PHE A 216 12.89 10.80 -32.54
N LYS A 217 12.24 10.75 -33.68
CA LYS A 217 12.01 11.93 -34.51
C LYS A 217 10.66 12.55 -34.17
N LEU A 218 10.67 13.84 -33.88
CA LEU A 218 9.44 14.59 -33.67
C LEU A 218 8.90 15.04 -35.02
N GLY A 219 7.63 14.76 -35.27
CA GLY A 219 7.02 15.02 -36.56
C GLY A 219 6.65 16.48 -36.77
N GLN A 220 5.59 16.69 -37.54
CA GLN A 220 5.16 18.04 -37.86
C GLN A 220 4.15 18.58 -36.86
N THR A 221 3.16 17.77 -36.47
CA THR A 221 2.12 18.24 -35.57
C THR A 221 2.64 18.40 -34.15
N ILE A 222 3.45 17.45 -33.68
CA ILE A 222 3.92 17.50 -32.30
C ILE A 222 4.96 18.60 -32.13
N SER A 223 5.68 18.95 -33.20
CA SER A 223 6.60 20.09 -33.13
C SER A 223 5.84 21.40 -33.04
N ARG A 224 4.73 21.51 -33.78
CA ARG A 224 3.90 22.70 -33.72
C ARG A 224 3.22 22.83 -32.36
N LEU A 225 2.77 21.72 -31.80
CA LEU A 225 2.16 21.72 -30.48
C LEU A 225 3.17 22.08 -29.40
N ARG A 226 4.40 21.58 -29.52
CA ARG A 226 5.43 21.95 -28.54
C ARG A 226 5.87 23.39 -28.70
N ASP A 227 5.80 23.93 -29.92
CA ASP A 227 6.10 25.35 -30.12
C ASP A 227 5.03 26.23 -29.47
N ILE A 228 3.75 25.90 -29.67
CA ILE A 228 2.69 26.72 -29.07
C ILE A 228 2.44 26.38 -27.61
N SER A 229 3.11 25.38 -27.06
CA SER A 229 2.93 25.00 -25.66
C SER A 229 4.00 25.60 -24.75
N VAL A 230 4.57 26.74 -25.13
CA VAL A 230 5.65 27.36 -24.35
C VAL A 230 5.04 28.48 -23.51
N PRO A 231 5.70 28.92 -22.42
CA PRO A 231 5.20 30.07 -21.68
C PRO A 231 5.24 31.36 -22.47
N ALA A 232 4.62 32.40 -21.91
CA ALA A 232 4.48 33.68 -22.60
C ALA A 232 5.81 34.42 -22.58
N GLY A 233 6.30 34.77 -23.77
CA GLY A 233 7.56 35.46 -23.89
C GLY A 233 8.52 34.77 -24.83
N PHE A 234 8.13 33.59 -25.33
CA PHE A 234 8.97 32.79 -26.20
C PHE A 234 8.23 32.52 -27.49
N SER A 235 8.93 32.65 -28.62
CA SER A 235 8.29 32.47 -29.92
C SER A 235 8.21 31.00 -30.30
N ASN A 236 9.30 30.27 -30.12
CA ASN A 236 9.35 28.86 -30.46
C ASN A 236 9.79 28.06 -29.24
N PHE A 237 10.05 26.78 -29.43
CA PHE A 237 10.47 25.95 -28.31
C PHE A 237 11.97 25.99 -28.07
N GLU A 238 12.79 26.14 -29.12
CA GLU A 238 14.23 26.14 -28.93
C GLU A 238 14.70 27.40 -28.23
N GLY A 239 13.97 28.51 -28.38
CA GLY A 239 14.27 29.69 -27.59
C GLY A 239 14.04 29.47 -26.11
N MET A 240 12.95 28.76 -25.76
CA MET A 240 12.69 28.44 -24.37
C MET A 240 13.70 27.44 -23.82
N ARG A 241 14.10 26.48 -24.65
CA ARG A 241 15.07 25.47 -24.25
C ARG A 241 16.45 26.08 -24.01
N SER A 242 16.89 26.98 -24.89
CA SER A 242 18.17 27.63 -24.69
C SER A 242 18.12 28.67 -23.57
N TYR A 243 16.96 29.28 -23.34
CA TYR A 243 16.81 30.16 -22.19
C TYR A 243 16.89 29.38 -20.89
N ILE A 244 16.36 28.16 -20.88
CA ILE A 244 16.49 27.31 -19.70
C ILE A 244 17.94 26.88 -19.50
N ASP A 245 18.61 26.51 -20.59
CA ASP A 245 19.96 25.97 -20.48
C ASP A 245 21.02 27.03 -20.19
N ASN A 246 20.83 28.26 -20.65
CA ASN A 246 21.93 29.22 -20.67
C ASN A 246 21.93 30.19 -19.50
N ILE A 247 20.78 30.78 -19.16
CA ILE A 247 20.77 31.89 -18.21
C ILE A 247 20.92 31.40 -16.78
N ASP A 248 21.21 32.33 -15.88
CA ASP A 248 21.35 32.05 -14.45
C ASP A 248 20.29 32.83 -13.70
N PRO A 249 19.26 32.18 -13.17
CA PRO A 249 18.12 32.91 -12.61
C PRO A 249 18.29 33.31 -11.16
N LYS A 250 19.52 33.31 -10.63
CA LYS A 250 19.75 33.59 -9.23
C LYS A 250 19.37 35.02 -8.87
N GLY A 251 18.53 35.17 -7.85
CA GLY A 251 18.05 36.47 -7.44
C GLY A 251 16.75 36.89 -8.06
N ALA A 252 15.91 35.95 -8.49
CA ALA A 252 14.67 36.27 -9.17
C ALA A 252 13.44 36.16 -8.27
N ILE A 253 13.54 35.45 -7.15
CA ILE A 253 12.43 35.38 -6.22
C ILE A 253 12.39 36.63 -5.35
N GLU A 254 13.56 37.14 -4.95
CA GLU A 254 13.62 38.38 -4.18
C GLU A 254 13.14 39.57 -4.99
N ARG A 255 13.36 39.56 -6.31
CA ARG A 255 12.91 40.67 -7.14
C ARG A 255 11.43 40.53 -7.52
N ASN A 256 10.91 39.32 -7.56
CA ASN A 256 9.49 39.14 -7.81
C ASN A 256 8.65 39.36 -6.56
N LEU A 257 9.24 39.17 -5.38
CA LEU A 257 8.54 39.44 -4.14
C LEU A 257 8.66 40.89 -3.69
N ALA A 258 9.60 41.64 -4.27
CA ALA A 258 9.74 43.04 -3.94
C ALA A 258 8.75 43.91 -4.71
N ARG A 259 8.17 43.39 -5.80
CA ARG A 259 7.26 44.16 -6.61
C ARG A 259 5.82 43.67 -6.53
N MET A 260 5.57 42.55 -5.85
CA MET A 260 4.20 42.09 -5.65
C MET A 260 3.51 42.96 -4.61
N SER A 261 2.19 42.93 -4.64
CA SER A 261 1.40 43.81 -3.78
C SER A 261 1.48 43.36 -2.32
N PRO A 262 1.38 44.29 -1.38
CA PRO A 262 1.28 43.90 0.03
C PRO A 262 -0.08 43.35 0.44
N LEU A 263 -1.05 43.33 -0.48
CA LEU A 263 -2.36 42.75 -0.21
C LEU A 263 -2.38 41.24 -0.37
N VAL A 264 -1.30 40.65 -0.89
CA VAL A 264 -1.21 39.20 -1.02
C VAL A 264 -0.49 38.71 0.24
N SER A 265 -1.27 38.35 1.25
CA SER A 265 -0.72 37.92 2.52
C SER A 265 -1.63 36.86 3.13
N VAL A 266 -1.15 36.25 4.22
CA VAL A 266 -1.99 35.29 4.93
C VAL A 266 -2.92 36.00 5.91
N THR A 267 -2.52 37.20 6.37
CA THR A 267 -3.12 37.96 7.47
C THR A 267 -3.40 37.08 8.68
N PRO A 268 -2.38 36.53 9.35
CA PRO A 268 -2.65 35.54 10.39
C PRO A 268 -3.08 36.18 11.69
N LYS A 269 -4.12 35.61 12.28
CA LYS A 269 -4.67 36.10 13.53
C LYS A 269 -4.42 35.08 14.63
N LYS A 270 -4.00 35.56 15.80
CA LYS A 270 -3.76 34.67 16.93
C LYS A 270 -5.07 34.24 17.54
N LEU A 271 -5.27 32.93 17.65
CA LEU A 271 -6.52 32.39 18.16
C LEU A 271 -6.59 32.51 19.67
N THR A 272 -7.76 32.92 20.15
CA THR A 272 -8.08 32.97 21.56
C THR A 272 -9.37 32.19 21.81
N TRP A 273 -9.79 32.14 23.07
CA TRP A 273 -11.06 31.49 23.38
C TRP A 273 -12.24 32.36 22.95
N GLU A 274 -12.05 33.68 22.94
CA GLU A 274 -13.12 34.61 22.58
C GLU A 274 -13.43 34.59 21.10
N ASP A 275 -12.51 34.08 20.26
CA ASP A 275 -12.75 33.94 18.84
C ASP A 275 -13.57 32.70 18.50
N LEU A 276 -13.88 31.86 19.48
CA LEU A 276 -14.58 30.60 19.25
C LEU A 276 -16.06 30.80 19.52
N ARG A 277 -16.74 31.40 18.54
CA ARG A 277 -18.18 31.54 18.60
C ARG A 277 -18.85 30.18 18.42
N PRO A 278 -20.09 30.02 18.89
CA PRO A 278 -20.80 28.76 18.68
C PRO A 278 -21.14 28.53 17.22
N ILE A 279 -20.89 27.31 16.75
CA ILE A 279 -21.26 26.96 15.37
C ILE A 279 -22.76 26.80 15.28
N GLY A 280 -23.28 27.03 14.07
CA GLY A 280 -24.69 26.87 13.76
C GLY A 280 -25.67 27.67 14.60
N PRO A 281 -25.73 28.99 14.44
CA PRO A 281 -26.76 29.75 15.17
C PRO A 281 -28.17 29.49 14.67
N HIS A 282 -28.35 29.12 13.40
CA HIS A 282 -29.68 28.96 12.83
C HIS A 282 -30.42 27.73 13.34
N ILE A 283 -29.75 26.83 14.05
CA ILE A 283 -30.44 25.72 14.71
C ILE A 283 -31.06 26.15 16.04
N TYR A 284 -30.77 27.37 16.49
CA TYR A 284 -31.34 27.85 17.74
C TYR A 284 -32.63 28.61 17.57
N ASN A 285 -32.85 29.22 16.40
CA ASN A 285 -34.01 30.06 16.22
C ASN A 285 -35.25 29.22 15.95
N HIS A 286 -36.40 29.68 16.45
CA HIS A 286 -37.61 28.89 16.49
C HIS A 286 -38.53 29.08 15.29
N GLU A 287 -38.15 29.89 14.31
CA GLU A 287 -38.97 29.97 13.10
C GLU A 287 -38.89 28.68 12.30
N LEU A 288 -37.70 28.08 12.24
CA LEU A 288 -37.50 26.84 11.52
C LEU A 288 -38.21 25.69 12.21
N PRO A 289 -38.73 24.72 11.47
CA PRO A 289 -39.33 23.55 12.10
C PRO A 289 -38.27 22.66 12.69
N GLU A 290 -38.61 21.96 13.78
CA GLU A 290 -37.65 21.04 14.35
C GLU A 290 -37.58 19.79 13.50
N VAL A 291 -36.42 19.15 13.50
CA VAL A 291 -36.11 18.13 12.50
C VAL A 291 -36.88 16.85 12.83
N PRO A 292 -37.56 16.26 11.87
CA PRO A 292 -38.39 15.08 12.15
C PRO A 292 -37.54 13.82 12.28
N TYR A 293 -38.22 12.72 12.57
CA TYR A 293 -37.59 11.41 12.62
C TYR A 293 -37.56 10.85 11.21
N ASN A 294 -36.36 10.56 10.71
CA ASN A 294 -36.21 10.08 9.34
C ASN A 294 -35.36 8.81 9.27
N ALA A 295 -35.26 8.06 10.36
CA ALA A 295 -34.54 6.81 10.32
C ALA A 295 -35.39 5.75 9.64
N PHE A 296 -34.76 4.59 9.37
CA PHE A 296 -35.47 3.52 8.68
C PHE A 296 -36.47 2.85 9.61
N LEU A 297 -35.99 2.23 10.68
CA LEU A 297 -36.83 1.58 11.67
C LEU A 297 -36.85 2.42 12.94
N LEU A 298 -37.85 2.16 13.78
CA LEU A 298 -37.90 2.78 15.09
C LEU A 298 -36.75 2.25 15.95
N MET A 299 -36.22 3.10 16.83
CA MET A 299 -35.05 2.72 17.59
C MET A 299 -35.32 2.61 19.09
N SER A 300 -35.75 3.68 19.74
CA SER A 300 -36.05 3.60 21.16
C SER A 300 -37.54 3.53 21.43
N ASP A 301 -38.36 3.83 20.43
CA ASP A 301 -39.80 3.65 20.49
C ASP A 301 -40.24 2.29 20.00
N GLU A 302 -39.33 1.33 19.89
CA GLU A 302 -39.69 0.01 19.39
C GLU A 302 -40.41 -0.79 20.46
N LEU A 303 -41.11 -1.82 20.01
CA LEU A 303 -41.80 -2.76 20.91
C LEU A 303 -41.86 -4.11 20.22
N GLY A 304 -41.22 -5.10 20.81
CA GLY A 304 -41.16 -6.43 20.23
C GLY A 304 -42.19 -7.35 20.87
N LEU A 305 -42.83 -8.16 20.04
CA LEU A 305 -43.81 -9.14 20.50
C LEU A 305 -43.07 -10.45 20.76
N ALA A 306 -42.72 -10.70 22.01
CA ALA A 306 -41.90 -11.85 22.38
C ALA A 306 -42.67 -13.16 22.26
N ASN A 307 -41.92 -14.25 22.10
CA ASN A 307 -42.46 -15.59 22.01
C ASN A 307 -41.34 -16.56 22.32
N MET A 308 -41.48 -17.32 23.40
CA MET A 308 -40.40 -18.19 23.87
C MET A 308 -40.21 -19.37 22.94
N THR A 309 -38.96 -19.65 22.58
CA THR A 309 -38.59 -20.79 21.75
C THR A 309 -37.47 -21.57 22.44
N GLU A 310 -37.10 -22.70 21.83
CA GLU A 310 -36.20 -23.67 22.45
C GLU A 310 -34.81 -23.66 21.84
N GLY A 311 -34.33 -22.49 21.43
CA GLY A 311 -32.99 -22.38 20.89
C GLY A 311 -32.83 -22.96 19.49
N LYS A 312 -33.80 -22.74 18.62
CA LYS A 312 -33.78 -23.27 17.26
C LYS A 312 -33.98 -22.14 16.27
N SER A 313 -33.87 -22.47 15.00
CA SER A 313 -34.20 -21.58 13.90
C SER A 313 -35.36 -22.14 13.11
N LYS A 314 -36.06 -21.24 12.43
CA LYS A 314 -37.16 -21.61 11.54
C LYS A 314 -37.34 -20.49 10.52
N LYS A 315 -38.33 -20.67 9.66
CA LYS A 315 -38.67 -19.63 8.69
C LYS A 315 -39.17 -18.39 9.41
N PRO A 316 -38.86 -17.20 8.89
CA PRO A 316 -39.36 -15.98 9.53
C PRO A 316 -40.86 -15.78 9.36
N LYS A 317 -41.46 -16.39 8.35
CA LYS A 317 -42.91 -16.39 8.25
C LYS A 317 -43.54 -17.15 9.40
N THR A 318 -43.00 -18.33 9.73
CA THR A 318 -43.54 -19.10 10.84
C THR A 318 -43.20 -18.46 12.19
N LEU A 319 -42.07 -17.75 12.26
CA LEU A 319 -41.73 -16.99 13.46
C LEU A 319 -42.73 -15.86 13.71
N ALA A 320 -43.02 -15.06 12.68
CA ALA A 320 -44.01 -14.01 12.81
C ALA A 320 -45.42 -14.57 13.02
N LYS A 321 -45.72 -15.72 12.42
CA LYS A 321 -47.02 -16.35 12.57
C LYS A 321 -47.24 -16.83 14.00
N GLU A 322 -46.21 -17.40 14.63
CA GLU A 322 -46.35 -17.82 16.02
C GLU A 322 -46.36 -16.63 16.97
N CYS A 323 -45.56 -15.59 16.70
CA CYS A 323 -45.56 -14.40 17.53
C CYS A 323 -46.89 -13.65 17.46
N LEU A 324 -47.57 -13.70 16.31
CA LEU A 324 -48.88 -13.10 16.21
C LEU A 324 -49.98 -14.03 16.73
N GLU A 325 -49.75 -15.35 16.69
CA GLU A 325 -50.70 -16.28 17.27
C GLU A 325 -50.75 -16.15 18.79
N LYS A 326 -49.62 -15.79 19.40
CA LYS A 326 -49.65 -15.48 20.83
C LYS A 326 -50.48 -14.23 21.11
N TYR A 327 -50.21 -13.15 20.36
CA TYR A 327 -50.94 -11.89 20.53
C TYR A 327 -52.05 -11.79 19.48
N SER A 328 -53.03 -12.70 19.60
CA SER A 328 -54.08 -12.79 18.60
C SER A 328 -55.10 -11.66 18.68
N THR A 329 -55.13 -10.93 19.80
CA THR A 329 -55.98 -9.76 19.91
C THR A 329 -55.52 -8.66 18.96
N LEU A 330 -54.21 -8.41 18.91
CA LEU A 330 -53.66 -7.45 17.96
C LEU A 330 -53.73 -7.96 16.53
N ARG A 331 -53.76 -9.27 16.35
CA ARG A 331 -53.82 -9.83 15.01
C ARG A 331 -55.22 -9.70 14.42
N ASP A 332 -56.26 -9.91 15.23
CA ASP A 332 -57.61 -9.90 14.70
C ASP A 332 -58.28 -8.53 14.70
N GLN A 333 -57.58 -7.47 15.13
CA GLN A 333 -58.14 -6.13 15.15
C GLN A 333 -58.25 -5.61 13.72
N THR A 334 -59.48 -5.53 13.20
CA THR A 334 -59.75 -5.10 11.84
C THR A 334 -60.41 -3.74 11.78
N ASP A 335 -60.42 -2.99 12.87
CA ASP A 335 -61.06 -1.68 12.93
C ASP A 335 -60.00 -0.62 13.17
N PRO A 336 -59.74 0.26 12.19
CA PRO A 336 -58.66 1.25 12.36
C PRO A 336 -59.11 2.41 13.24
N ILE A 337 -58.28 2.74 14.23
CA ILE A 337 -58.50 3.94 15.03
C ILE A 337 -57.38 4.91 14.68
N LEU A 338 -57.63 5.78 13.70
CA LEU A 338 -56.60 6.66 13.17
C LEU A 338 -56.21 7.72 14.18
N ILE A 339 -54.92 7.81 14.47
CA ILE A 339 -54.40 8.76 15.45
C ILE A 339 -53.75 9.91 14.73
N MET A 340 -52.76 9.62 13.91
CA MET A 340 -51.98 10.61 13.19
C MET A 340 -51.87 10.16 11.74
N LYS A 341 -51.93 11.12 10.82
CA LYS A 341 -51.87 10.84 9.39
C LYS A 341 -50.84 11.74 8.74
N SER A 342 -49.97 11.16 7.93
CA SER A 342 -49.05 11.93 7.10
C SER A 342 -49.83 12.69 6.04
N GLU A 343 -49.22 13.75 5.50
CA GLU A 343 -49.96 14.66 4.64
C GLU A 343 -50.30 14.02 3.30
N LYS A 344 -49.29 13.56 2.57
CA LYS A 344 -49.54 12.90 1.29
C LYS A 344 -49.63 11.39 1.44
N ALA A 345 -50.47 10.94 2.35
CA ALA A 345 -50.62 9.51 2.62
C ALA A 345 -52.05 9.08 2.36
N ASN A 346 -52.34 7.84 2.70
CA ASN A 346 -53.68 7.27 2.54
C ASN A 346 -53.86 6.34 3.73
N GLU A 347 -54.72 6.74 4.68
CA GLU A 347 -54.92 5.91 5.85
C GLU A 347 -55.69 4.64 5.50
N ASN A 348 -56.56 4.72 4.50
CA ASN A 348 -57.33 3.56 4.05
C ASN A 348 -56.43 2.54 3.38
N PHE A 349 -55.53 2.99 2.51
CA PHE A 349 -54.66 2.07 1.78
C PHE A 349 -53.60 1.46 2.70
N LEU A 350 -53.10 2.23 3.66
CA LEU A 350 -52.13 1.66 4.60
C LEU A 350 -52.79 0.69 5.56
N TRP A 351 -54.06 0.91 5.93
CA TRP A 351 -54.72 -0.09 6.77
C TRP A 351 -55.08 -1.34 5.97
N LYS A 352 -55.45 -1.19 4.69
CA LYS A 352 -55.68 -2.35 3.85
C LYS A 352 -54.39 -3.14 3.64
N LEU A 353 -53.25 -2.46 3.52
CA LEU A 353 -51.99 -3.16 3.37
C LEU A 353 -51.56 -3.85 4.66
N TRP A 354 -51.88 -3.27 5.82
CA TRP A 354 -51.61 -3.96 7.08
C TRP A 354 -52.44 -5.22 7.22
N ARG A 355 -53.73 -5.16 6.86
CA ARG A 355 -54.56 -6.35 6.90
C ARG A 355 -54.11 -7.39 5.88
N ASP A 356 -53.59 -6.94 4.73
CA ASP A 356 -53.05 -7.87 3.75
C ASP A 356 -51.80 -8.57 4.26
N CYS A 357 -50.92 -7.83 4.94
CA CYS A 357 -49.72 -8.42 5.53
C CYS A 357 -50.07 -9.42 6.62
N VAL A 358 -51.06 -9.10 7.45
CA VAL A 358 -51.44 -10.00 8.53
C VAL A 358 -52.10 -11.26 7.98
N ASN A 359 -52.98 -11.10 6.99
CA ASN A 359 -53.66 -12.26 6.41
C ASN A 359 -52.75 -13.12 5.54
N THR A 360 -51.66 -12.55 5.01
CA THR A 360 -50.72 -13.32 4.21
C THR A 360 -49.64 -13.97 5.06
N ILE A 361 -49.21 -13.33 6.15
CA ILE A 361 -48.20 -13.94 7.02
C ILE A 361 -48.78 -15.01 7.92
N SER A 362 -50.11 -15.18 7.95
CA SER A 362 -50.77 -16.10 8.87
C SER A 362 -51.66 -17.09 8.15
N ASN A 363 -51.29 -17.53 6.95
CA ASN A 363 -51.99 -18.62 6.30
C ASN A 363 -51.13 -19.87 6.32
N GLU A 364 -51.58 -20.91 5.62
CA GLU A 364 -50.89 -22.19 5.64
C GLU A 364 -49.98 -22.41 4.44
N GLU A 365 -50.04 -21.53 3.43
CA GLU A 365 -49.08 -21.61 2.34
C GLU A 365 -47.70 -21.16 2.80
N MET A 366 -46.68 -21.63 2.10
CA MET A 366 -45.31 -21.32 2.47
C MET A 366 -44.77 -20.08 1.75
N SER A 367 -45.59 -19.40 0.95
CA SER A 367 -45.15 -18.29 0.12
C SER A 367 -45.67 -16.99 0.71
N ASN A 368 -44.75 -16.06 0.98
CA ASN A 368 -45.07 -14.76 1.55
C ASN A 368 -45.19 -13.67 0.50
N GLU A 369 -45.60 -14.02 -0.71
CA GLU A 369 -45.79 -13.02 -1.75
C GLU A 369 -47.10 -12.29 -1.54
N LEU A 370 -47.16 -11.06 -2.01
CA LEU A 370 -48.31 -10.19 -1.86
C LEU A 370 -48.85 -9.83 -3.23
N GLN A 371 -50.17 -9.83 -3.37
CA GLN A 371 -50.77 -9.55 -4.66
C GLN A 371 -50.72 -8.05 -4.96
N LYS A 372 -50.66 -7.73 -6.25
CA LYS A 372 -50.52 -6.35 -6.71
C LYS A 372 -51.90 -5.73 -6.87
N THR A 373 -52.47 -5.35 -5.74
CA THR A 373 -53.74 -4.64 -5.70
C THR A 373 -53.49 -3.15 -5.81
N ASN A 374 -54.57 -2.36 -5.78
CA ASN A 374 -54.42 -0.92 -5.98
C ASN A 374 -53.79 -0.24 -4.77
N TYR A 375 -54.04 -0.75 -3.57
CA TYR A 375 -53.38 -0.18 -2.40
C TYR A 375 -51.91 -0.57 -2.31
N ALA A 376 -51.58 -1.79 -2.74
CA ALA A 376 -50.18 -2.19 -2.81
C ALA A 376 -49.44 -1.42 -3.89
N LYS A 377 -50.09 -1.19 -5.04
CA LYS A 377 -49.50 -0.36 -6.09
C LYS A 377 -49.41 1.11 -5.71
N TRP A 378 -50.26 1.59 -4.80
CA TRP A 378 -50.07 2.94 -4.30
C TRP A 378 -48.92 3.02 -3.32
N ALA A 379 -48.85 2.07 -2.39
CA ALA A 379 -47.87 2.17 -1.33
C ALA A 379 -46.47 1.87 -1.82
N THR A 380 -46.33 1.01 -2.84
CA THR A 380 -45.01 0.77 -3.38
C THR A 380 -44.65 1.77 -4.46
N GLY A 381 -45.60 2.19 -5.28
CA GLY A 381 -45.32 3.15 -6.33
C GLY A 381 -45.11 2.43 -7.63
N ASP A 382 -46.12 2.42 -8.48
CA ASP A 382 -46.12 1.63 -9.70
C ASP A 382 -46.41 2.55 -10.87
N GLY A 383 -45.53 2.51 -11.87
CA GLY A 383 -45.70 3.37 -13.02
C GLY A 383 -45.45 4.83 -12.72
N LEU A 384 -44.62 5.12 -11.73
CA LEU A 384 -44.28 6.49 -11.40
C LEU A 384 -43.04 7.00 -12.13
N THR A 385 -42.34 6.13 -12.84
CA THR A 385 -41.17 6.57 -13.56
C THR A 385 -41.59 7.30 -14.83
N TYR A 386 -40.76 8.26 -15.24
CA TYR A 386 -41.07 9.07 -16.40
C TYR A 386 -40.75 8.29 -17.67
N GLN A 387 -41.45 8.63 -18.74
CA GLN A 387 -41.17 8.00 -20.02
C GLN A 387 -39.94 8.63 -20.65
N LYS A 388 -39.10 7.79 -21.25
CA LYS A 388 -37.94 8.27 -21.98
C LYS A 388 -38.34 8.47 -23.43
N ILE A 389 -38.25 9.71 -23.90
CA ILE A 389 -38.51 10.04 -25.30
C ILE A 389 -37.19 10.46 -25.93
N MET A 390 -37.19 10.54 -27.26
CA MET A 390 -35.98 10.87 -27.98
C MET A 390 -35.68 12.36 -27.86
N LYS A 391 -34.44 12.73 -28.16
CA LYS A 391 -33.98 14.09 -27.90
C LYS A 391 -34.50 15.11 -28.90
N GLU A 392 -34.84 14.70 -30.12
CA GLU A 392 -35.38 15.66 -31.08
C GLU A 392 -36.82 16.03 -30.76
N VAL A 393 -37.62 15.03 -30.36
CA VAL A 393 -39.01 15.22 -29.97
C VAL A 393 -39.11 16.13 -28.75
N ALA A 394 -38.12 16.09 -27.87
CA ALA A 394 -38.10 16.93 -26.69
C ALA A 394 -37.38 18.26 -26.90
N ILE A 395 -36.47 18.32 -27.88
CA ILE A 395 -35.82 19.59 -28.20
C ILE A 395 -36.80 20.50 -28.91
N ASP A 396 -37.69 19.93 -29.73
CA ASP A 396 -38.75 20.71 -30.35
C ASP A 396 -39.82 21.15 -29.36
N ASP A 397 -39.86 20.58 -28.17
CA ASP A 397 -40.81 20.98 -27.13
C ASP A 397 -40.31 22.23 -26.40
N GLU A 398 -41.24 22.93 -25.77
CA GLU A 398 -40.92 24.11 -24.98
C GLU A 398 -41.32 23.99 -23.52
N THR A 399 -42.12 22.99 -23.15
CA THR A 399 -42.55 22.80 -21.78
C THR A 399 -41.58 21.96 -20.97
N MET A 400 -40.71 21.21 -21.64
CA MET A 400 -39.79 20.29 -20.96
C MET A 400 -38.54 21.07 -20.55
N CYS A 401 -38.56 21.60 -19.33
CA CYS A 401 -37.42 22.31 -18.77
C CYS A 401 -36.64 21.40 -17.84
N GLN A 402 -35.38 21.77 -17.60
CA GLN A 402 -34.62 21.08 -16.57
C GLN A 402 -35.12 21.49 -15.20
N GLU A 403 -35.41 20.51 -14.35
CA GLU A 403 -35.99 20.80 -13.05
C GLU A 403 -34.96 21.41 -12.11
N GLU A 404 -35.44 22.28 -11.24
CA GLU A 404 -34.60 22.78 -10.17
C GLU A 404 -34.45 21.68 -9.14
N PRO A 405 -33.23 21.23 -8.84
CA PRO A 405 -33.07 20.15 -7.86
C PRO A 405 -33.30 20.67 -6.45
N LYS A 406 -33.89 19.81 -5.62
CA LYS A 406 -34.25 20.20 -4.27
C LYS A 406 -33.01 20.31 -3.39
N ILE A 407 -32.98 21.35 -2.57
CA ILE A 407 -31.93 21.57 -1.58
C ILE A 407 -32.53 21.10 -0.26
N PRO A 408 -31.77 20.46 0.63
CA PRO A 408 -32.31 20.09 1.94
C PRO A 408 -32.78 21.29 2.75
N ASN A 409 -33.78 21.05 3.58
CA ASN A 409 -34.37 22.10 4.40
C ASN A 409 -33.40 22.52 5.49
N LYS A 410 -33.72 23.61 6.16
CA LYS A 410 -32.99 24.03 7.35
C LYS A 410 -33.90 23.83 8.55
N CYS A 411 -33.45 23.05 9.51
CA CYS A 411 -34.23 22.68 10.67
C CYS A 411 -33.50 23.09 11.95
N ARG A 412 -34.22 23.07 13.07
CA ARG A 412 -33.66 23.42 14.35
C ARG A 412 -33.58 22.19 15.23
N VAL A 413 -33.03 22.38 16.44
CA VAL A 413 -32.74 21.27 17.34
C VAL A 413 -34.03 20.65 17.85
N ALA A 414 -34.24 19.39 17.54
CA ALA A 414 -35.38 18.64 18.06
C ALA A 414 -34.97 17.91 19.33
N ALA A 415 -35.88 17.87 20.29
CA ALA A 415 -35.54 17.35 21.61
C ALA A 415 -35.52 15.83 21.66
N TRP A 416 -35.89 15.13 20.59
CA TRP A 416 -35.95 13.69 20.67
C TRP A 416 -34.61 13.01 20.44
N VAL A 417 -33.63 13.71 19.85
CA VAL A 417 -32.34 13.09 19.59
C VAL A 417 -31.59 12.85 20.88
N GLN A 418 -31.71 13.78 21.83
CA GLN A 418 -31.19 13.58 23.17
C GLN A 418 -31.91 12.44 23.87
N THR A 419 -33.20 12.27 23.61
CA THR A 419 -33.96 11.17 24.20
C THR A 419 -33.49 9.82 23.64
N GLU A 420 -33.23 9.74 22.34
CA GLU A 420 -32.69 8.52 21.75
C GLU A 420 -31.30 8.22 22.29
N MET A 421 -30.46 9.25 22.44
CA MET A 421 -29.12 9.06 22.97
C MET A 421 -29.14 8.61 24.43
N ASN A 422 -30.11 9.11 25.20
CA ASN A 422 -30.20 8.69 26.60
C ASN A 422 -30.76 7.29 26.74
N LEU A 423 -31.72 6.93 25.90
CA LEU A 423 -32.39 5.65 26.06
C LEU A 423 -31.59 4.49 25.47
N LEU A 424 -30.84 4.70 24.39
CA LEU A 424 -30.10 3.58 23.81
C LEU A 424 -28.84 3.24 24.59
N SER A 425 -28.34 4.15 25.41
CA SER A 425 -27.15 3.89 26.20
C SER A 425 -27.45 3.20 27.52
N THR A 426 -28.72 2.92 27.81
CA THR A 426 -29.10 2.28 29.06
C THR A 426 -29.15 0.77 28.88
N LEU A 427 -28.85 0.06 29.94
CA LEU A 427 -28.84 -1.40 29.90
C LEU A 427 -30.25 -1.95 29.80
N THR A 428 -30.36 -3.14 29.21
CA THR A 428 -31.57 -3.94 29.22
C THR A 428 -31.24 -5.26 29.91
N SER A 429 -32.18 -6.21 29.83
CA SER A 429 -31.96 -7.55 30.34
C SER A 429 -31.84 -8.58 29.24
N LYS A 430 -31.87 -8.14 27.98
CA LYS A 430 -31.81 -9.04 26.84
C LYS A 430 -30.48 -8.90 26.12
N ARG A 431 -30.05 -9.99 25.48
CA ARG A 431 -28.80 -10.02 24.74
C ARG A 431 -29.09 -10.43 23.30
N ALA A 432 -29.00 -9.48 22.38
CA ALA A 432 -29.36 -9.74 21.00
C ALA A 432 -28.18 -10.11 20.11
N LEU A 433 -26.96 -10.07 20.64
CA LEU A 433 -25.78 -10.41 19.84
C LEU A 433 -25.74 -11.91 19.54
N ASP A 434 -25.16 -12.24 18.39
CA ASP A 434 -25.09 -13.61 17.91
C ASP A 434 -23.65 -14.02 17.61
N LEU A 435 -22.74 -13.70 18.53
CA LEU A 435 -21.32 -13.81 18.26
C LEU A 435 -20.88 -15.27 18.20
N PRO A 436 -20.31 -15.73 17.09
CA PRO A 436 -19.89 -17.13 17.00
C PRO A 436 -18.61 -17.43 17.77
N GLU A 437 -18.13 -18.65 17.64
CA GLU A 437 -17.04 -19.16 18.44
C GLU A 437 -15.69 -18.82 17.80
N ILE A 438 -14.65 -18.88 18.62
CA ILE A 438 -13.28 -18.87 18.11
C ILE A 438 -12.60 -20.13 18.61
N GLY A 439 -11.34 -20.30 18.26
CA GLY A 439 -10.60 -21.46 18.67
C GLY A 439 -10.25 -21.43 20.14
N PRO A 440 -9.83 -22.56 20.69
CA PRO A 440 -9.39 -22.58 22.08
C PRO A 440 -8.09 -21.81 22.27
N ASP A 441 -7.84 -21.43 23.52
CA ASP A 441 -6.72 -20.58 23.85
C ASP A 441 -5.51 -21.42 24.26
N VAL A 442 -4.34 -21.04 23.75
CA VAL A 442 -3.07 -21.63 24.12
C VAL A 442 -2.12 -20.59 24.69
N ALA A 443 -1.89 -19.52 23.94
CA ALA A 443 -1.01 -18.45 24.38
C ALA A 443 -1.68 -17.64 25.50
N PRO A 444 -0.89 -17.03 26.39
CA PRO A 444 -1.49 -16.21 27.44
C PRO A 444 -2.14 -14.93 26.93
N VAL A 445 -1.75 -14.44 25.75
CA VAL A 445 -2.41 -13.28 25.17
C VAL A 445 -3.84 -13.62 24.78
N GLU A 446 -4.09 -14.85 24.36
CA GLU A 446 -5.44 -15.26 24.02
C GLU A 446 -6.32 -15.37 25.27
N HIS A 447 -5.74 -15.81 26.39
CA HIS A 447 -6.48 -15.82 27.65
C HIS A 447 -6.78 -14.41 28.13
N VAL A 448 -5.81 -13.49 27.99
CA VAL A 448 -6.02 -12.09 28.38
C VAL A 448 -7.10 -11.45 27.51
N GLY A 449 -7.08 -11.75 26.20
CA GLY A 449 -8.10 -11.25 25.32
C GLY A 449 -9.49 -11.80 25.62
N SER A 450 -9.58 -13.08 25.99
CA SER A 450 -10.87 -13.67 26.32
C SER A 450 -11.43 -13.12 27.63
N GLU A 451 -10.57 -12.95 28.62
CA GLU A 451 -10.99 -12.39 29.90
C GLU A 451 -11.40 -10.93 29.76
N ARG A 452 -10.73 -10.18 28.88
CA ARG A 452 -11.11 -8.80 28.65
C ARG A 452 -12.36 -8.68 27.79
N ARG A 453 -12.56 -9.62 26.87
CA ARG A 453 -13.78 -9.66 26.08
C ARG A 453 -14.99 -9.97 26.94
N LYS A 454 -14.84 -10.80 27.97
CA LYS A 454 -15.97 -11.09 28.85
C LYS A 454 -16.43 -9.87 29.66
N TYR A 455 -15.64 -8.81 29.74
CA TYR A 455 -16.06 -7.52 30.25
C TYR A 455 -16.59 -6.63 29.15
N PHE A 456 -15.83 -6.48 28.07
CA PHE A 456 -16.13 -5.50 27.03
C PHE A 456 -17.34 -5.87 26.20
N VAL A 457 -17.70 -7.14 26.13
CA VAL A 457 -18.79 -7.56 25.27
C VAL A 457 -20.13 -7.55 26.00
N ASN A 458 -20.14 -7.84 27.31
CA ASN A 458 -21.39 -7.84 28.07
C ASN A 458 -21.99 -6.44 28.20
N GLU A 459 -21.14 -5.42 28.39
CA GLU A 459 -21.63 -4.05 28.52
C GLU A 459 -22.25 -3.55 27.23
N ILE A 460 -21.67 -3.92 26.09
CA ILE A 460 -22.28 -3.61 24.81
C ILE A 460 -23.53 -4.46 24.60
N ASN A 461 -23.49 -5.71 25.07
CA ASN A 461 -24.49 -6.70 24.72
C ASN A 461 -25.81 -6.44 25.42
N TYR A 462 -25.76 -6.01 26.67
CA TYR A 462 -26.99 -5.78 27.41
C TYR A 462 -27.64 -4.44 27.08
N CYS A 463 -26.94 -3.52 26.46
CA CYS A 463 -27.53 -2.21 26.20
C CYS A 463 -28.53 -2.30 25.05
N LYS A 464 -29.38 -1.27 24.95
CA LYS A 464 -30.48 -1.27 23.99
C LYS A 464 -29.97 -1.09 22.56
N ALA A 465 -28.85 -0.39 22.40
CA ALA A 465 -28.32 -0.08 21.08
C ALA A 465 -27.86 -1.32 20.34
N SER A 466 -27.43 -2.36 21.05
CA SER A 466 -27.06 -3.60 20.38
C SER A 466 -28.27 -4.34 19.86
N THR A 467 -29.39 -4.27 20.59
CA THR A 467 -30.65 -4.84 20.11
C THR A 467 -31.13 -4.13 18.85
N VAL A 468 -31.03 -2.80 18.84
CA VAL A 468 -31.41 -2.04 17.65
C VAL A 468 -30.47 -2.34 16.48
N MET A 469 -29.17 -2.46 16.76
CA MET A 469 -28.19 -2.78 15.73
C MET A 469 -28.46 -4.14 15.09
N MET A 470 -28.77 -5.15 15.92
CA MET A 470 -29.03 -6.47 15.38
C MET A 470 -30.34 -6.50 14.60
N LYS A 471 -31.33 -5.70 15.02
CA LYS A 471 -32.55 -5.57 14.25
C LYS A 471 -32.28 -5.01 12.85
N TYR A 472 -31.45 -3.96 12.78
CA TYR A 472 -31.07 -3.37 11.50
C TYR A 472 -30.32 -4.35 10.62
N VAL A 473 -29.38 -5.11 11.21
CA VAL A 473 -28.53 -6.03 10.46
C VAL A 473 -29.36 -7.16 9.87
N LEU A 474 -30.23 -7.77 10.68
CA LEU A 474 -31.03 -8.89 10.20
C LEU A 474 -32.07 -8.45 9.18
N PHE A 475 -32.66 -7.26 9.35
CA PHE A 475 -33.62 -6.78 8.37
C PHE A 475 -32.96 -6.45 7.04
N HIS A 476 -31.78 -5.83 7.06
CA HIS A 476 -31.10 -5.51 5.81
C HIS A 476 -30.61 -6.76 5.10
N THR A 477 -30.21 -7.79 5.86
CA THR A 477 -29.81 -9.06 5.26
C THR A 477 -30.98 -9.74 4.55
N SER A 478 -32.12 -9.87 5.24
CA SER A 478 -33.27 -10.52 4.61
C SER A 478 -33.85 -9.67 3.48
N LEU A 479 -33.75 -8.35 3.59
CA LEU A 479 -34.27 -7.48 2.54
C LEU A 479 -33.41 -7.53 1.29
N LEU A 480 -32.08 -7.64 1.45
CA LEU A 480 -31.21 -7.79 0.29
C LEU A 480 -31.41 -9.14 -0.39
N ASN A 481 -31.58 -10.20 0.41
CA ASN A 481 -31.84 -11.51 -0.15
C ASN A 481 -33.16 -11.55 -0.91
N GLU A 482 -34.21 -10.91 -0.38
CA GLU A 482 -35.48 -10.91 -1.09
C GLU A 482 -35.53 -9.91 -2.22
N SER A 483 -34.65 -8.91 -2.23
CA SER A 483 -34.60 -8.00 -3.37
C SER A 483 -33.92 -8.65 -4.56
N ASN A 484 -32.86 -9.41 -4.32
CA ASN A 484 -32.22 -10.08 -5.45
C ASN A 484 -32.96 -11.35 -5.85
N ALA A 485 -33.63 -12.01 -4.91
CA ALA A 485 -34.24 -13.31 -5.20
C ALA A 485 -35.51 -13.16 -6.03
N SER A 486 -36.52 -12.47 -5.48
CA SER A 486 -37.80 -12.27 -6.15
C SER A 486 -37.92 -10.80 -6.53
N MET A 487 -37.76 -10.50 -7.82
CA MET A 487 -37.60 -9.12 -8.26
C MET A 487 -38.92 -8.45 -8.61
N GLY A 488 -39.80 -9.14 -9.31
CA GLY A 488 -41.05 -8.54 -9.71
C GLY A 488 -42.20 -8.90 -8.80
N LYS A 489 -41.92 -9.06 -7.51
CA LYS A 489 -42.89 -9.54 -6.55
C LYS A 489 -42.88 -8.66 -5.31
N TYR A 490 -44.08 -8.35 -4.81
CA TYR A 490 -44.22 -7.68 -3.52
C TYR A 490 -44.19 -8.73 -2.43
N LYS A 491 -43.28 -8.60 -1.48
CA LYS A 491 -43.09 -9.64 -0.49
C LYS A 491 -43.17 -9.06 0.91
N VAL A 492 -43.74 -9.84 1.82
CA VAL A 492 -43.83 -9.46 3.22
C VAL A 492 -42.58 -9.95 3.94
N ILE A 493 -41.86 -9.03 4.56
CA ILE A 493 -40.61 -9.36 5.25
C ILE A 493 -40.78 -8.98 6.72
N PRO A 494 -40.87 -9.94 7.63
CA PRO A 494 -41.05 -9.58 9.05
C PRO A 494 -39.77 -9.06 9.68
N ILE A 495 -39.92 -8.00 10.45
CA ILE A 495 -38.80 -7.43 11.21
C ILE A 495 -38.67 -8.22 12.50
N THR A 496 -37.65 -9.06 12.59
CA THR A 496 -37.49 -9.95 13.73
C THR A 496 -36.12 -9.76 14.37
N ASN A 497 -35.99 -10.34 15.56
CA ASN A 497 -34.72 -10.41 16.26
C ASN A 497 -34.83 -11.55 17.27
N ARG A 498 -33.72 -12.20 17.57
CA ARG A 498 -33.69 -13.29 18.53
C ARG A 498 -32.89 -12.84 19.74
N VAL A 499 -33.45 -13.05 20.92
CA VAL A 499 -33.00 -12.37 22.13
C VAL A 499 -32.90 -13.39 23.26
N VAL A 500 -31.95 -13.18 24.16
CA VAL A 500 -31.68 -14.09 25.27
C VAL A 500 -31.68 -13.29 26.56
N ASN A 501 -32.44 -13.75 27.56
CA ASN A 501 -32.54 -13.05 28.82
C ASN A 501 -31.35 -13.39 29.73
N GLU A 502 -31.43 -12.98 31.00
CA GLU A 502 -30.38 -13.20 31.96
C GLU A 502 -30.32 -14.64 32.49
N LYS A 503 -31.35 -15.43 32.24
CA LYS A 503 -31.42 -16.80 32.71
C LYS A 503 -31.34 -17.83 31.58
N GLY A 504 -31.11 -17.39 30.35
CA GLY A 504 -30.80 -18.28 29.26
C GLY A 504 -31.96 -18.67 28.37
N GLU A 505 -33.16 -18.18 28.63
CA GLU A 505 -34.32 -18.54 27.84
C GLU A 505 -34.40 -17.65 26.60
N SER A 506 -34.39 -18.25 25.42
CA SER A 506 -34.46 -17.43 24.22
C SER A 506 -35.88 -16.96 23.96
N PHE A 507 -35.98 -15.91 23.15
CA PHE A 507 -37.25 -15.33 22.73
C PHE A 507 -37.09 -14.84 21.30
N ASP A 508 -38.22 -14.65 20.64
CA ASP A 508 -38.27 -14.12 19.29
C ASP A 508 -39.07 -12.82 19.34
N MET A 509 -38.40 -11.69 19.24
CA MET A 509 -39.05 -10.40 19.18
C MET A 509 -39.46 -10.12 17.74
N LEU A 510 -40.74 -9.85 17.52
CA LEU A 510 -41.25 -9.37 16.24
C LEU A 510 -41.62 -7.90 16.41
N TYR A 511 -40.93 -7.03 15.68
CA TYR A 511 -41.13 -5.59 15.83
C TYR A 511 -42.08 -5.01 14.79
N GLY A 512 -42.40 -5.76 13.74
CA GLY A 512 -43.33 -5.28 12.74
C GLY A 512 -43.26 -6.14 11.51
N LEU A 513 -43.95 -5.66 10.47
CA LEU A 513 -43.90 -6.25 9.15
C LEU A 513 -43.45 -5.20 8.16
N ALA A 514 -43.03 -5.64 6.98
CA ALA A 514 -42.51 -4.71 5.99
C ALA A 514 -42.77 -5.26 4.60
N VAL A 515 -43.31 -4.43 3.74
CA VAL A 515 -43.58 -4.79 2.35
C VAL A 515 -42.40 -4.32 1.50
N LYS A 516 -41.96 -5.17 0.59
CA LYS A 516 -40.96 -4.81 -0.38
C LYS A 516 -41.65 -4.47 -1.70
N GLY A 517 -41.12 -3.48 -2.41
CA GLY A 517 -41.67 -3.14 -3.70
C GLY A 517 -41.18 -4.06 -4.80
N GLN A 518 -40.99 -3.51 -5.99
CA GLN A 518 -40.55 -4.28 -7.15
C GLN A 518 -39.14 -3.83 -7.49
N SER A 519 -38.15 -4.65 -7.14
CA SER A 519 -36.76 -4.23 -7.11
C SER A 519 -35.99 -4.86 -8.27
N HIS A 520 -36.04 -4.21 -9.43
CA HIS A 520 -35.14 -4.53 -10.53
C HIS A 520 -33.93 -3.59 -10.49
N LEU A 521 -33.19 -3.69 -9.38
CA LEU A 521 -32.14 -2.73 -9.06
C LEU A 521 -30.92 -2.97 -9.94
N ARG A 522 -30.79 -2.17 -11.00
CA ARG A 522 -29.61 -2.29 -11.85
C ARG A 522 -28.46 -1.44 -11.33
N GLY A 523 -28.65 -0.12 -11.29
CA GLY A 523 -27.62 0.73 -10.72
C GLY A 523 -27.56 0.60 -9.22
N ASP A 524 -26.43 1.03 -8.65
CA ASP A 524 -26.25 0.89 -7.22
C ASP A 524 -27.04 1.92 -6.42
N THR A 525 -27.41 3.04 -7.03
CA THR A 525 -28.20 4.06 -6.34
C THR A 525 -29.68 3.96 -6.68
N ASP A 526 -30.12 2.85 -7.25
CA ASP A 526 -31.53 2.67 -7.57
C ASP A 526 -32.30 2.23 -6.35
N VAL A 527 -33.52 2.77 -6.22
CA VAL A 527 -34.28 2.67 -4.98
C VAL A 527 -35.34 1.58 -5.11
N VAL A 528 -35.44 0.75 -4.07
CA VAL A 528 -36.55 -0.17 -3.87
C VAL A 528 -37.39 0.40 -2.74
N THR A 529 -38.71 0.41 -2.94
CA THR A 529 -39.64 0.98 -1.98
C THR A 529 -40.03 -0.05 -0.93
N VAL A 530 -39.91 0.32 0.33
CA VAL A 530 -40.23 -0.55 1.47
C VAL A 530 -41.27 0.17 2.31
N VAL A 531 -42.41 -0.46 2.53
CA VAL A 531 -43.48 0.11 3.34
C VAL A 531 -43.46 -0.62 4.67
N THR A 532 -43.07 0.07 5.73
CA THR A 532 -42.85 -0.57 7.03
C THR A 532 -43.98 -0.25 7.99
N PHE A 533 -44.50 -1.29 8.63
CA PHE A 533 -45.49 -1.19 9.70
C PHE A 533 -44.84 -1.71 10.96
N GLU A 534 -44.72 -0.88 11.97
CA GLU A 534 -43.97 -1.25 13.16
C GLU A 534 -44.77 -1.00 14.42
N PHE A 535 -44.72 -1.95 15.35
CA PHE A 535 -45.42 -1.78 16.61
C PHE A 535 -44.68 -0.79 17.50
N SER A 536 -45.43 -0.14 18.38
CA SER A 536 -44.84 0.76 19.36
C SER A 536 -45.81 0.92 20.51
N SER A 537 -45.33 1.55 21.58
CA SER A 537 -46.16 1.92 22.72
C SER A 537 -46.08 3.40 23.02
N THR A 538 -45.52 4.19 22.12
CA THR A 538 -45.33 5.62 22.34
C THR A 538 -46.47 6.37 21.69
N ASP A 539 -47.12 7.23 22.47
CA ASP A 539 -48.19 8.07 21.97
C ASP A 539 -47.62 9.11 21.03
N PRO A 540 -48.01 9.13 19.74
CA PRO A 540 -47.40 10.08 18.80
C PRO A 540 -47.86 11.52 18.98
N ARG A 541 -48.83 11.79 19.84
CA ARG A 541 -49.32 13.13 20.08
C ARG A 541 -48.70 13.78 21.30
N VAL A 542 -47.82 13.08 22.01
CA VAL A 542 -46.99 13.73 23.02
C VAL A 542 -45.99 14.66 22.35
N ASP A 543 -45.36 14.20 21.28
CA ASP A 543 -44.24 14.85 20.61
C ASP A 543 -44.47 14.89 19.10
N SER A 544 -45.62 15.41 18.67
CA SER A 544 -46.07 15.34 17.29
C SER A 544 -45.18 16.06 16.29
N GLY A 545 -44.21 16.86 16.74
CA GLY A 545 -43.20 17.41 15.86
C GLY A 545 -42.10 16.46 15.48
N LYS A 546 -42.16 15.23 15.98
CA LYS A 546 -41.20 14.19 15.65
C LYS A 546 -41.69 13.29 14.51
N TRP A 547 -43.00 13.07 14.41
CA TRP A 547 -43.58 12.16 13.41
C TRP A 547 -44.53 12.85 12.44
N PRO A 548 -44.05 13.64 11.47
CA PRO A 548 -44.90 13.97 10.33
C PRO A 548 -44.72 13.06 9.14
N LYS A 549 -43.86 12.05 9.25
CA LYS A 549 -43.65 11.07 8.20
C LYS A 549 -44.37 9.76 8.45
N TYR A 550 -45.05 9.63 9.58
CA TYR A 550 -45.64 8.36 10.00
C TYR A 550 -47.15 8.50 10.10
N THR A 551 -47.85 7.45 9.67
CA THR A 551 -49.29 7.33 9.88
C THR A 551 -49.53 6.33 11.00
N VAL A 552 -50.13 6.78 12.09
CA VAL A 552 -50.22 5.99 13.31
C VAL A 552 -51.65 5.55 13.53
N PHE A 553 -51.84 4.25 13.77
CA PHE A 553 -53.10 3.69 14.21
C PHE A 553 -52.96 3.18 15.64
N ARG A 554 -54.08 2.90 16.27
CA ARG A 554 -54.10 2.30 17.60
C ARG A 554 -54.78 0.95 17.47
N ILE A 555 -54.02 -0.13 17.65
CA ILE A 555 -54.51 -1.46 17.27
C ILE A 555 -54.78 -2.35 18.47
N GLY A 556 -54.47 -1.92 19.68
CA GLY A 556 -54.83 -2.73 20.83
C GLY A 556 -54.07 -2.31 22.08
N SER A 557 -54.13 -3.19 23.08
CA SER A 557 -53.52 -2.94 24.37
C SER A 557 -52.81 -4.20 24.84
N LEU A 558 -51.78 -4.00 25.66
CA LEU A 558 -50.98 -5.12 26.19
C LEU A 558 -50.82 -4.99 27.69
N PHE A 559 -50.62 -6.14 28.33
CA PHE A 559 -50.35 -6.23 29.76
C PHE A 559 -48.95 -6.78 29.91
N VAL A 560 -47.99 -5.92 30.23
CA VAL A 560 -46.61 -6.35 30.33
C VAL A 560 -46.37 -7.11 31.64
N SER A 561 -46.68 -6.49 32.77
CA SER A 561 -46.80 -7.22 34.03
C SER A 561 -48.20 -7.11 34.61
N GLY A 562 -48.65 -5.89 34.92
CA GLY A 562 -49.99 -5.67 35.43
C GLY A 562 -50.58 -4.37 34.94
N ARG A 563 -49.85 -3.67 34.09
CA ARG A 563 -50.25 -2.36 33.59
C ARG A 563 -50.61 -2.43 32.11
N GLU A 564 -51.46 -1.50 31.70
CA GLU A 564 -52.15 -1.54 30.41
C GLU A 564 -51.50 -0.54 29.47
N LYS A 565 -50.54 -1.00 28.68
CA LYS A 565 -49.88 -0.18 27.68
C LYS A 565 -50.62 -0.32 26.35
N SER A 566 -50.88 0.80 25.69
CA SER A 566 -51.49 0.75 24.38
C SER A 566 -50.47 0.29 23.34
N VAL A 567 -50.98 -0.19 22.22
CA VAL A 567 -50.15 -0.63 21.10
C VAL A 567 -50.54 0.16 19.88
N TYR A 568 -49.61 0.93 19.35
CA TYR A 568 -49.81 1.73 18.15
C TYR A 568 -49.05 1.10 17.01
N LEU A 569 -49.53 1.35 15.80
CA LEU A 569 -48.91 0.87 14.59
C LEU A 569 -48.45 2.06 13.77
N TYR A 570 -47.15 2.10 13.47
CA TYR A 570 -46.55 3.19 12.72
C TYR A 570 -46.31 2.71 11.29
N CYS A 571 -47.01 3.32 10.33
CA CYS A 571 -46.93 2.95 8.93
C CYS A 571 -46.19 4.04 8.17
N ARG A 572 -45.22 3.63 7.34
CA ARG A 572 -44.43 4.61 6.62
C ARG A 572 -43.92 4.05 5.32
N VAL A 573 -44.12 4.77 4.23
CA VAL A 573 -43.44 4.49 2.98
C VAL A 573 -42.00 4.97 3.09
N ASN A 574 -41.07 4.15 2.61
CA ASN A 574 -39.65 4.41 2.77
C ASN A 574 -38.94 3.76 1.60
N GLY A 575 -37.62 3.87 1.56
CA GLY A 575 -36.91 3.25 0.46
C GLY A 575 -35.46 3.05 0.80
N THR A 576 -34.80 2.23 -0.02
CA THR A 576 -33.39 1.98 0.18
C THR A 576 -32.78 1.57 -1.15
N ASN A 577 -31.45 1.42 -1.17
CA ASN A 577 -30.73 0.95 -2.35
C ASN A 577 -29.79 -0.18 -1.93
N LYS A 578 -29.01 -0.67 -2.89
CA LYS A 578 -28.09 -1.78 -2.60
C LYS A 578 -26.93 -1.35 -1.71
N ILE A 579 -26.53 -0.08 -1.78
CA ILE A 579 -25.38 0.38 -1.00
C ILE A 579 -25.74 0.49 0.47
N GLN A 580 -26.92 1.03 0.78
CA GLN A 580 -27.33 1.13 2.17
C GLN A 580 -27.67 -0.23 2.75
N MET A 581 -28.17 -1.16 1.94
CA MET A 581 -28.38 -2.52 2.41
C MET A 581 -27.06 -3.23 2.70
N LYS A 582 -26.05 -3.02 1.84
CA LYS A 582 -24.74 -3.62 2.06
C LYS A 582 -24.09 -3.05 3.32
N TRP A 583 -24.20 -1.75 3.52
CA TRP A 583 -23.65 -1.17 4.74
C TRP A 583 -24.50 -1.48 5.96
N GLY A 584 -25.74 -1.92 5.77
CA GLY A 584 -26.52 -2.43 6.88
C GLY A 584 -26.17 -3.84 7.27
N MET A 585 -25.76 -4.66 6.31
CA MET A 585 -25.23 -5.98 6.65
C MET A 585 -23.91 -5.86 7.40
N GLU A 586 -23.06 -4.93 7.00
CA GLU A 586 -21.80 -4.68 7.68
C GLU A 586 -21.94 -3.59 8.73
N ALA A 587 -22.92 -3.74 9.62
CA ALA A 587 -23.17 -2.76 10.65
C ALA A 587 -22.77 -3.25 12.04
N ARG A 588 -22.25 -4.47 12.15
CA ARG A 588 -21.76 -4.97 13.42
C ARG A 588 -20.44 -4.31 13.82
N ARG A 589 -19.74 -3.68 12.87
CA ARG A 589 -18.43 -3.09 13.10
C ARG A 589 -18.46 -1.89 14.03
N CYS A 590 -19.64 -1.38 14.36
CA CYS A 590 -19.80 -0.41 15.45
C CYS A 590 -19.36 -0.96 16.80
N LEU A 591 -19.27 -2.29 16.95
CA LEU A 591 -18.58 -2.88 18.10
C LEU A 591 -17.12 -2.44 18.12
N LEU A 592 -16.41 -2.65 17.00
CA LEU A 592 -14.95 -2.55 16.98
C LEU A 592 -14.48 -1.13 17.23
N GLN A 593 -15.07 -0.17 16.52
CA GLN A 593 -14.76 1.24 16.71
C GLN A 593 -15.12 1.73 18.11
N SER A 594 -16.05 1.07 18.79
CA SER A 594 -16.30 1.39 20.17
C SER A 594 -15.42 0.61 21.13
N MET A 595 -14.99 -0.59 20.74
CA MET A 595 -14.26 -1.43 21.67
C MET A 595 -12.80 -1.03 21.73
N GLN A 596 -12.18 -0.88 20.56
CA GLN A 596 -10.76 -0.58 20.44
C GLN A 596 -10.41 0.72 21.14
N GLN A 597 -11.21 1.76 20.89
CA GLN A 597 -11.02 3.07 21.52
C GLN A 597 -11.10 2.98 23.04
N MET A 598 -11.89 2.06 23.58
CA MET A 598 -11.84 1.90 25.02
C MET A 598 -10.74 0.94 25.44
N GLU A 599 -10.48 -0.10 24.63
CA GLU A 599 -9.54 -1.14 25.03
C GLU A 599 -8.12 -0.60 25.05
N ALA A 600 -7.81 0.29 24.10
CA ALA A 600 -6.54 1.01 24.09
C ALA A 600 -6.32 1.75 25.39
N ILE A 601 -7.37 2.38 25.91
CA ILE A 601 -7.30 3.07 27.20
C ILE A 601 -6.93 2.11 28.31
N VAL A 602 -7.54 0.92 28.30
CA VAL A 602 -7.22 -0.11 29.29
C VAL A 602 -5.77 -0.54 29.16
N GLU A 603 -5.28 -0.64 27.91
CA GLU A 603 -3.88 -1.01 27.71
C GLU A 603 -2.96 0.09 28.20
N GLN A 604 -3.37 1.35 28.02
CA GLN A 604 -2.55 2.44 28.53
C GLN A 604 -2.59 2.52 30.05
N GLU A 605 -3.55 1.87 30.69
CA GLU A 605 -3.49 1.78 32.14
C GLU A 605 -2.49 0.73 32.57
N SER A 606 -2.41 -0.38 31.82
CA SER A 606 -1.67 -1.54 32.27
C SER A 606 -0.17 -1.27 32.27
N SER A 607 0.31 -0.53 31.27
CA SER A 607 1.70 -0.12 31.23
C SER A 607 2.08 0.82 32.37
N ILE A 608 1.11 1.49 32.98
CA ILE A 608 1.42 2.29 34.15
C ILE A 608 1.44 1.43 35.40
N GLN A 609 0.77 0.28 35.39
CA GLN A 609 0.59 -0.50 36.60
C GLN A 609 1.23 -1.87 36.59
N GLY A 610 1.58 -2.42 35.42
CA GLY A 610 2.30 -3.66 35.36
C GLY A 610 1.45 -4.90 35.22
N TYR A 611 0.20 -4.86 35.67
CA TYR A 611 -0.72 -5.98 35.57
C TYR A 611 -1.91 -5.57 34.72
N ASP A 612 -2.84 -6.50 34.53
CA ASP A 612 -4.00 -6.22 33.68
C ASP A 612 -5.02 -5.40 34.45
N MET A 613 -5.53 -4.36 33.80
CA MET A 613 -6.43 -3.41 34.45
C MET A 613 -7.79 -3.34 33.79
N THR A 614 -8.40 -4.49 33.50
CA THR A 614 -9.78 -4.47 33.03
C THR A 614 -10.78 -4.51 34.17
N LYS A 615 -10.55 -5.39 35.15
CA LYS A 615 -11.38 -5.38 36.35
C LYS A 615 -11.14 -4.12 37.17
N ALA A 616 -9.91 -3.62 37.19
CA ALA A 616 -9.58 -2.43 37.96
C ALA A 616 -10.04 -1.14 37.29
N CYS A 617 -10.50 -1.20 36.05
CA CYS A 617 -11.11 -0.06 35.39
C CYS A 617 -12.63 -0.17 35.30
N PHE A 618 -13.16 -1.37 35.11
CA PHE A 618 -14.61 -1.54 35.11
C PHE A 618 -15.18 -1.52 36.54
N LYS A 619 -14.52 -2.22 37.47
CA LYS A 619 -15.10 -2.43 38.80
C LYS A 619 -14.20 -1.91 39.92
N GLY A 620 -12.89 -1.99 39.74
CA GLY A 620 -11.94 -1.63 40.78
C GLY A 620 -11.41 -2.83 41.52
N ASP A 621 -10.43 -2.57 42.38
CA ASP A 621 -9.79 -3.61 43.18
C ASP A 621 -9.37 -2.99 44.51
N ARG A 622 -8.45 -3.66 45.21
CA ARG A 622 -8.01 -3.17 46.51
C ARG A 622 -7.17 -1.90 46.39
N VAL A 623 -6.41 -1.76 45.31
CA VAL A 623 -5.50 -0.64 45.15
C VAL A 623 -6.09 0.46 44.28
N ASN A 624 -6.52 0.14 43.08
CA ASN A 624 -6.99 1.13 42.13
C ASN A 624 -8.47 1.42 42.33
N SER A 625 -8.81 2.70 42.25
CA SER A 625 -10.19 3.13 42.20
C SER A 625 -10.77 2.85 40.81
N PRO A 626 -12.09 2.76 40.68
CA PRO A 626 -12.67 2.57 39.35
C PRO A 626 -12.48 3.80 38.47
N LYS A 627 -12.59 3.56 37.16
CA LYS A 627 -12.41 4.61 36.18
C LYS A 627 -13.73 5.32 35.94
N THR A 628 -13.71 6.64 35.90
CA THR A 628 -14.90 7.45 35.67
C THR A 628 -14.62 8.52 34.63
N PHE A 629 -15.62 8.80 33.78
CA PHE A 629 -15.51 9.76 32.70
C PHE A 629 -16.63 10.79 32.80
N SER A 630 -16.32 12.04 32.48
CA SER A 630 -17.35 13.06 32.34
C SER A 630 -18.17 12.73 31.10
N ILE A 631 -19.45 12.42 31.28
CA ILE A 631 -20.20 11.91 30.13
C ILE A 631 -21.55 12.59 29.97
N GLY A 632 -21.98 13.36 30.97
CA GLY A 632 -23.29 13.96 30.88
C GLY A 632 -23.42 15.36 31.45
N THR A 633 -24.65 15.85 31.53
CA THR A 633 -24.95 17.18 32.05
C THR A 633 -26.26 17.13 32.81
N GLN A 634 -26.24 17.55 34.07
CA GLN A 634 -27.45 17.66 34.88
C GLN A 634 -27.48 19.03 35.53
N GLU A 635 -28.62 19.73 35.37
CA GLU A 635 -28.92 21.10 35.79
C GLU A 635 -27.77 22.08 35.57
N GLY A 636 -27.07 21.95 34.44
CA GLY A 636 -25.95 22.81 34.14
C GLY A 636 -24.64 22.41 34.75
N LYS A 637 -24.56 21.23 35.37
CA LYS A 637 -23.35 20.75 36.01
C LYS A 637 -22.90 19.45 35.36
N LEU A 638 -21.70 19.01 35.73
CA LEU A 638 -21.13 17.80 35.16
C LEU A 638 -21.74 16.55 35.78
N VAL A 639 -21.67 15.46 35.04
CA VAL A 639 -22.05 14.14 35.51
C VAL A 639 -20.96 13.17 35.06
N LYS A 640 -20.37 12.46 36.01
CA LYS A 640 -19.44 11.40 35.70
C LYS A 640 -20.17 10.06 35.59
N GLY A 641 -19.53 9.11 34.92
CA GLY A 641 -20.07 7.79 34.75
C GLY A 641 -18.95 6.77 34.74
N SER A 642 -19.34 5.51 34.70
CA SER A 642 -18.37 4.42 34.75
C SER A 642 -17.73 4.22 33.39
N PHE A 643 -16.78 3.28 33.34
CA PHE A 643 -16.12 2.93 32.09
C PHE A 643 -17.11 2.28 31.12
N GLY A 644 -18.03 1.46 31.64
CA GLY A 644 -18.97 0.78 30.78
C GLY A 644 -20.02 1.70 30.20
N LYS A 645 -20.39 2.75 30.93
CA LYS A 645 -21.31 3.74 30.38
C LYS A 645 -20.67 4.53 29.26
N ALA A 646 -19.38 4.85 29.39
CA ALA A 646 -18.66 5.52 28.31
C ALA A 646 -18.50 4.60 27.09
N LEU A 647 -18.31 3.31 27.34
CA LEU A 647 -18.29 2.35 26.24
C LEU A 647 -19.63 2.29 25.52
N ARG A 648 -20.72 2.30 26.27
CA ARG A 648 -22.05 2.30 25.66
C ARG A 648 -22.34 3.60 24.92
N VAL A 649 -21.81 4.72 25.42
CA VAL A 649 -22.01 6.01 24.75
C VAL A 649 -21.26 6.07 23.43
N ILE A 650 -20.03 5.56 23.39
CA ILE A 650 -19.29 5.52 22.14
C ILE A 650 -19.90 4.51 21.16
N PHE A 651 -20.44 3.40 21.66
CA PHE A 651 -21.13 2.46 20.78
C PHE A 651 -22.39 3.06 20.18
N THR A 652 -23.14 3.81 20.98
CA THR A 652 -24.33 4.49 20.47
C THR A 652 -23.97 5.57 19.46
N LYS A 653 -22.87 6.29 19.70
CA LYS A 653 -22.40 7.29 18.75
C LYS A 653 -22.00 6.65 17.43
N CYS A 654 -21.30 5.53 17.48
CA CYS A 654 -20.91 4.85 16.26
C CYS A 654 -22.08 4.15 15.59
N LEU A 655 -23.18 3.89 16.29
CA LEU A 655 -24.39 3.40 15.64
C LEU A 655 -25.16 4.53 14.97
N MET A 656 -25.22 5.70 15.62
CA MET A 656 -25.88 6.86 15.03
C MET A 656 -25.09 7.41 13.85
N HIS A 657 -23.79 7.13 13.79
CA HIS A 657 -23.03 7.42 12.58
C HIS A 657 -23.54 6.61 11.40
N TYR A 658 -23.97 5.37 11.63
CA TYR A 658 -24.50 4.56 10.54
C TYR A 658 -25.93 4.97 10.20
N VAL A 659 -26.79 5.09 11.21
CA VAL A 659 -28.22 5.21 10.98
C VAL A 659 -28.57 6.56 10.38
N PHE A 660 -27.99 7.64 10.92
CA PHE A 660 -28.21 8.98 10.41
C PHE A 660 -27.06 9.45 9.53
N GLY A 661 -26.46 8.56 8.75
CA GLY A 661 -25.25 8.92 8.05
C GLY A 661 -25.41 9.17 6.57
N ASN A 662 -25.19 10.40 6.14
CA ASN A 662 -25.17 10.76 4.73
C ASN A 662 -24.02 11.75 4.51
N ALA A 663 -24.03 12.42 3.37
CA ALA A 663 -22.94 13.32 2.99
C ALA A 663 -22.87 14.56 3.88
N GLN A 664 -23.98 14.94 4.50
CA GLN A 664 -23.96 16.04 5.45
C GLN A 664 -23.13 15.69 6.69
N LEU A 665 -23.24 14.44 7.15
CA LEU A 665 -22.46 14.00 8.30
C LEU A 665 -20.98 13.86 7.95
N GLU A 666 -20.68 13.41 6.73
CA GLU A 666 -19.30 13.34 6.27
C GLU A 666 -18.65 14.71 6.21
N GLY A 667 -19.33 15.67 5.56
CA GLY A 667 -18.80 17.02 5.51
C GLY A 667 -18.69 17.68 6.86
N PHE A 668 -19.67 17.42 7.74
CA PHE A 668 -19.67 18.02 9.06
C PHE A 668 -18.53 17.51 9.92
N SER A 669 -18.32 16.18 9.92
CA SER A 669 -17.23 15.61 10.70
C SER A 669 -15.87 16.05 10.17
N ALA A 670 -15.70 16.06 8.84
CA ALA A 670 -14.42 16.43 8.27
C ALA A 670 -14.11 17.90 8.47
N GLU A 671 -15.12 18.76 8.49
CA GLU A 671 -14.85 20.17 8.66
C GLU A 671 -14.82 20.62 10.13
N SER A 672 -15.43 19.86 11.04
CA SER A 672 -15.35 20.19 12.45
C SER A 672 -14.19 19.52 13.17
N ARG A 673 -13.54 18.53 12.52
CA ARG A 673 -12.33 17.95 13.10
C ARG A 673 -11.21 18.97 13.23
N ARG A 674 -11.10 19.91 12.27
CA ARG A 674 -10.11 20.97 12.36
C ARG A 674 -10.39 21.89 13.54
N LEU A 675 -11.66 22.16 13.81
CA LEU A 675 -12.01 22.99 14.95
C LEU A 675 -11.76 22.27 16.27
N LEU A 676 -11.97 20.94 16.30
CA LEU A 676 -11.58 20.14 17.45
C LEU A 676 -10.08 20.21 17.70
N LEU A 677 -9.28 20.13 16.63
CA LEU A 677 -7.84 20.19 16.80
C LEU A 677 -7.36 21.58 17.18
N LEU A 678 -8.09 22.62 16.78
CA LEU A 678 -7.77 23.98 17.23
C LEU A 678 -8.10 24.15 18.71
N ILE A 679 -9.22 23.61 19.18
CA ILE A 679 -9.56 23.65 20.61
C ILE A 679 -8.52 22.87 21.41
N GLN A 680 -8.06 21.73 20.87
CA GLN A 680 -7.02 20.95 21.53
C GLN A 680 -5.71 21.71 21.60
N ALA A 681 -5.37 22.45 20.54
CA ALA A 681 -4.16 23.28 20.56
C ALA A 681 -4.29 24.43 21.54
N LEU A 682 -5.51 24.91 21.77
CA LEU A 682 -5.71 25.91 22.83
C LEU A 682 -5.60 25.30 24.22
N LYS A 683 -5.99 24.02 24.38
CA LYS A 683 -5.92 23.39 25.69
C LYS A 683 -4.50 23.01 26.09
N ASP A 684 -3.66 22.65 25.12
CA ASP A 684 -2.27 22.28 25.39
C ASP A 684 -1.35 23.46 25.59
N ARG A 685 -1.88 24.69 25.49
CA ARG A 685 -1.12 25.94 25.53
C ARG A 685 -0.02 25.96 24.47
N LYS A 686 -0.32 25.46 23.28
CA LYS A 686 0.61 25.61 22.18
C LYS A 686 0.51 26.96 21.52
N GLY A 687 -0.59 27.68 21.73
CA GLY A 687 -0.78 28.97 21.11
C GLY A 687 -1.01 28.92 19.61
N PRO A 688 -2.17 28.45 19.18
CA PRO A 688 -2.42 28.31 17.74
C PRO A 688 -2.75 29.63 17.07
N TRP A 689 -2.47 29.66 15.76
CA TRP A 689 -2.75 30.81 14.91
C TRP A 689 -3.63 30.38 13.76
N VAL A 690 -4.56 31.24 13.35
CA VAL A 690 -5.42 30.98 12.21
C VAL A 690 -5.20 32.05 11.17
N PHE A 691 -5.45 31.71 9.91
CA PHE A 691 -5.31 32.66 8.81
C PHE A 691 -6.64 33.20 8.35
N ASP A 692 -7.67 32.36 8.27
CA ASP A 692 -9.02 32.78 7.91
C ASP A 692 -9.98 31.90 8.70
N LEU A 693 -10.43 32.39 9.86
CA LEU A 693 -11.27 31.59 10.73
C LEU A 693 -12.72 31.55 10.25
N GLU A 694 -13.20 32.64 9.65
CA GLU A 694 -14.59 32.69 9.21
C GLU A 694 -14.85 31.77 8.03
N GLY A 695 -13.81 31.48 7.24
CA GLY A 695 -13.94 30.46 6.22
C GLY A 695 -14.12 29.07 6.78
N MET A 696 -13.50 28.79 7.93
CA MET A 696 -13.65 27.50 8.58
C MET A 696 -15.09 27.31 9.07
N TYR A 697 -15.64 28.31 9.73
CA TYR A 697 -17.02 28.26 10.19
C TYR A 697 -17.99 28.21 9.02
N SER A 698 -17.71 28.95 7.94
CA SER A 698 -18.59 28.94 6.79
C SER A 698 -18.54 27.60 6.04
N GLY A 699 -17.42 26.89 6.13
CA GLY A 699 -17.36 25.55 5.56
C GLY A 699 -18.00 24.52 6.44
N ILE A 700 -17.99 24.73 7.76
CA ILE A 700 -18.70 23.84 8.68
C ILE A 700 -20.20 23.97 8.50
N GLU A 701 -20.71 25.21 8.53
CA GLU A 701 -22.13 25.47 8.64
C GLU A 701 -22.93 25.16 7.39
N GLU A 702 -22.29 24.82 6.27
CA GLU A 702 -23.08 24.52 5.09
C GLU A 702 -23.57 23.08 5.04
N CYS A 703 -23.08 22.23 5.95
CA CYS A 703 -23.51 20.85 6.04
C CYS A 703 -24.61 20.64 7.08
N ILE A 704 -24.92 21.66 7.87
CA ILE A 704 -25.96 21.56 8.91
C ILE A 704 -27.26 21.99 8.23
N SER A 705 -27.96 21.03 7.62
CA SER A 705 -29.26 21.35 7.02
C SER A 705 -30.40 20.60 7.68
N ASN A 706 -30.50 19.28 7.53
CA ASN A 706 -31.64 18.58 8.11
C ASN A 706 -31.30 17.19 8.62
N ASN A 707 -30.04 16.89 8.85
CA ASN A 707 -29.65 15.62 9.46
C ASN A 707 -29.76 15.75 10.97
N PRO A 708 -30.50 14.86 11.65
CA PRO A 708 -30.67 15.02 13.10
C PRO A 708 -29.40 14.84 13.90
N TRP A 709 -28.53 13.93 13.46
CA TRP A 709 -27.28 13.73 14.17
C TRP A 709 -26.34 14.91 14.00
N VAL A 710 -26.38 15.59 12.84
CA VAL A 710 -25.52 16.74 12.62
C VAL A 710 -25.99 17.94 13.45
N ILE A 711 -27.30 18.14 13.54
CA ILE A 711 -27.83 19.26 14.33
C ILE A 711 -27.60 19.02 15.81
N GLN A 712 -27.81 17.79 16.29
CA GLN A 712 -27.53 17.53 17.70
C GLN A 712 -26.04 17.50 17.98
N SER A 713 -25.20 17.19 16.99
CA SER A 713 -23.77 17.25 17.18
C SER A 713 -23.29 18.70 17.27
N ALA A 714 -23.92 19.60 16.50
CA ALA A 714 -23.61 21.02 16.63
C ALA A 714 -24.07 21.57 17.97
N TYR A 715 -25.23 21.10 18.45
CA TYR A 715 -25.71 21.49 19.78
C TYR A 715 -24.77 21.03 20.88
N TRP A 716 -24.31 19.78 20.80
CA TRP A 716 -23.40 19.24 21.78
C TRP A 716 -22.02 19.87 21.69
N PHE A 717 -21.60 20.26 20.49
CA PHE A 717 -20.34 20.97 20.32
C PHE A 717 -20.40 22.34 20.98
N ASN A 718 -21.52 23.05 20.83
CA ASN A 718 -21.67 24.34 21.48
C ASN A 718 -21.69 24.20 23.01
N GLU A 719 -22.38 23.17 23.51
CA GLU A 719 -22.42 22.92 24.96
C GLU A 719 -21.04 22.53 25.49
N TRP A 720 -20.33 21.67 24.78
CA TRP A 720 -18.99 21.24 25.20
C TRP A 720 -17.99 22.38 25.12
N LEU A 721 -18.11 23.24 24.10
CA LEU A 721 -17.23 24.40 23.98
C LEU A 721 -17.49 25.41 25.08
N GLY A 722 -18.75 25.58 25.49
CA GLY A 722 -19.03 26.41 26.65
C GLY A 722 -18.49 25.83 27.94
N PHE A 723 -18.43 24.50 28.05
CA PHE A 723 -17.79 23.90 29.21
C PHE A 723 -16.27 23.99 29.16
N GLU A 724 -15.68 23.98 27.96
CA GLU A 724 -14.23 24.09 27.83
C GLU A 724 -13.74 25.51 28.03
N LYS A 725 -14.57 26.51 27.72
CA LYS A 725 -14.18 27.90 27.92
C LYS A 725 -14.10 28.25 29.40
N GLU A 726 -15.09 27.80 30.18
CA GLU A 726 -15.15 28.23 31.57
C GLU A 726 -14.20 27.44 32.44
N GLY A 727 -13.70 26.31 31.93
CA GLY A 727 -12.67 25.56 32.65
C GLY A 727 -11.27 26.00 32.34
N SER A 728 -11.10 26.85 31.33
CA SER A 728 -9.77 27.28 30.93
C SER A 728 -9.29 28.49 31.71
N LYS A 729 -10.10 29.00 32.64
CA LYS A 729 -9.76 30.20 33.38
C LYS A 729 -8.70 29.98 34.44
N VAL A 730 -8.37 28.73 34.76
CA VAL A 730 -7.23 28.45 35.64
C VAL A 730 -5.91 28.52 34.87
N LEU A 731 -5.97 28.46 33.54
CA LEU A 731 -4.74 28.55 32.75
C LEU A 731 -4.27 29.99 32.59
N GLU A 732 -5.19 30.94 32.63
CA GLU A 732 -4.83 32.35 32.60
C GLU A 732 -4.29 32.84 33.93
N SER A 733 -4.50 32.08 35.01
CA SER A 733 -4.09 32.47 36.34
C SER A 733 -2.75 31.88 36.76
N VAL A 734 -1.92 31.48 35.80
CA VAL A 734 -0.62 30.92 36.13
C VAL A 734 0.42 32.04 36.25
N ASP A 735 1.28 31.91 37.26
CA ASP A 735 2.37 32.75 37.74
C ASP A 735 1.91 34.02 38.47
N GLU A 736 0.63 34.38 38.28
CA GLU A 736 -0.12 35.43 39.00
C GLU A 736 0.66 36.71 39.27
N ILE A 737 1.32 37.24 38.24
CA ILE A 737 1.98 38.52 38.41
C ILE A 737 1.15 39.62 37.75
N GLY B 9 -32.49 13.88 35.61
CA GLY B 9 -32.50 14.63 34.37
C GLY B 9 -31.11 14.79 33.76
N MET B 10 -30.41 13.67 33.64
CA MET B 10 -29.06 13.66 33.08
C MET B 10 -29.13 13.44 31.58
N ASN B 11 -28.44 14.28 30.81
CA ASN B 11 -28.44 14.22 29.36
C ASN B 11 -27.04 13.94 28.87
N ILE B 12 -26.91 12.91 28.03
CA ILE B 12 -25.61 12.41 27.62
C ILE B 12 -25.04 13.28 26.52
N ASN B 13 -23.78 13.68 26.67
CA ASN B 13 -23.04 14.42 25.65
C ASN B 13 -21.85 13.58 25.21
N PRO B 14 -21.79 13.10 23.96
CA PRO B 14 -20.66 12.28 23.52
C PRO B 14 -19.39 13.06 23.22
N TYR B 15 -19.44 14.38 23.20
CA TYR B 15 -18.21 15.16 23.06
C TYR B 15 -17.46 15.27 24.38
N PHE B 16 -18.11 14.95 25.49
CA PHE B 16 -17.51 15.14 26.81
C PHE B 16 -16.39 14.17 27.09
N LEU B 17 -16.25 13.10 26.29
CA LEU B 17 -15.07 12.25 26.33
C LEU B 17 -13.80 13.04 26.07
N PHE B 18 -13.88 14.04 25.20
CA PHE B 18 -12.74 14.94 24.94
C PHE B 18 -12.41 15.83 26.12
N ILE B 19 -13.19 15.81 27.21
CA ILE B 19 -12.75 16.47 28.43
C ILE B 19 -11.68 15.63 29.13
N ASP B 20 -11.80 14.30 29.08
CA ASP B 20 -10.87 13.45 29.82
C ASP B 20 -9.77 12.85 28.95
N VAL B 21 -10.05 12.54 27.70
CA VAL B 21 -9.07 12.00 26.77
C VAL B 21 -8.67 13.13 25.83
N PRO B 22 -7.42 13.25 25.39
CA PRO B 22 -7.10 14.19 24.33
C PRO B 22 -7.72 13.78 23.01
N ILE B 23 -7.82 14.75 22.11
CA ILE B 23 -8.59 14.55 20.89
C ILE B 23 -7.82 13.66 19.92
N GLN B 24 -6.50 13.84 19.83
CA GLN B 24 -5.67 13.00 18.96
C GLN B 24 -5.68 11.55 19.41
N ALA B 25 -5.77 11.30 20.72
CA ALA B 25 -5.87 9.93 21.20
C ALA B 25 -7.28 9.37 21.11
N ALA B 26 -8.27 10.18 20.75
CA ALA B 26 -9.64 9.72 20.57
C ALA B 26 -10.15 9.98 19.16
N ILE B 27 -9.24 10.21 18.21
CA ILE B 27 -9.60 10.72 16.90
C ILE B 27 -10.37 9.71 16.08
N SER B 28 -10.31 8.43 16.45
CA SER B 28 -11.11 7.40 15.79
C SER B 28 -12.61 7.60 16.01
N THR B 29 -13.00 8.33 17.06
CA THR B 29 -14.40 8.67 17.28
C THR B 29 -14.83 9.93 16.54
N THR B 30 -13.95 10.52 15.72
CA THR B 30 -14.32 11.65 14.89
C THR B 30 -14.38 11.28 13.41
N PHE B 31 -14.39 9.99 13.10
CA PHE B 31 -14.50 9.50 11.73
C PHE B 31 -15.78 8.68 11.62
N PRO B 32 -16.79 9.14 10.92
CA PRO B 32 -18.03 8.36 10.79
C PRO B 32 -17.97 7.32 9.66
N TYR B 33 -17.09 6.35 9.81
CA TYR B 33 -16.77 5.45 8.70
C TYR B 33 -17.56 4.16 8.75
N THR B 34 -18.60 4.09 9.56
CA THR B 34 -19.57 3.00 9.49
C THR B 34 -20.80 3.39 8.68
N GLY B 35 -20.98 4.67 8.39
CA GLY B 35 -22.06 5.12 7.54
C GLY B 35 -21.78 4.86 6.08
N VAL B 36 -22.73 5.27 5.25
CA VAL B 36 -22.64 5.03 3.82
C VAL B 36 -21.74 6.11 3.20
N PRO B 37 -20.80 5.76 2.34
CA PRO B 37 -20.06 6.78 1.61
C PRO B 37 -20.93 7.45 0.58
N PRO B 38 -20.76 8.75 0.37
CA PRO B 38 -21.66 9.49 -0.54
C PRO B 38 -21.39 9.15 -2.00
N TYR B 39 -22.42 8.67 -2.68
CA TYR B 39 -22.34 8.33 -4.08
C TYR B 39 -23.02 9.43 -4.90
N SER B 40 -22.55 9.61 -6.13
CA SER B 40 -23.15 10.56 -7.03
C SER B 40 -24.26 9.90 -7.82
N HIS B 41 -25.35 10.62 -8.01
CA HIS B 41 -26.50 10.16 -8.78
C HIS B 41 -26.52 10.91 -10.09
N GLY B 42 -26.96 10.24 -11.15
CA GLY B 42 -27.18 10.91 -12.42
C GLY B 42 -25.92 11.27 -13.17
N THR B 43 -25.87 12.49 -13.71
CA THR B 43 -24.78 12.90 -14.57
C THR B 43 -23.68 13.59 -13.77
N GLY B 44 -22.54 13.76 -14.42
CA GLY B 44 -21.44 14.51 -13.85
C GLY B 44 -20.98 15.60 -14.80
N THR B 45 -21.92 16.11 -15.59
CA THR B 45 -21.58 17.19 -16.51
C THR B 45 -21.54 18.53 -15.82
N GLY B 46 -22.32 18.71 -14.76
CA GLY B 46 -22.28 19.95 -14.01
C GLY B 46 -20.95 20.17 -13.32
N TYR B 47 -20.38 19.11 -12.76
CA TYR B 47 -19.08 19.23 -12.12
C TYR B 47 -17.95 19.40 -13.12
N THR B 48 -18.10 18.82 -14.31
CA THR B 48 -17.11 19.02 -15.38
C THR B 48 -17.12 20.45 -15.87
N ILE B 49 -18.30 21.01 -16.12
CA ILE B 49 -18.42 22.39 -16.57
C ILE B 49 -17.97 23.35 -15.46
N ASP B 50 -18.21 22.99 -14.20
CA ASP B 50 -17.72 23.80 -13.08
C ASP B 50 -16.19 23.78 -13.00
N THR B 51 -15.58 22.64 -13.27
CA THR B 51 -14.12 22.55 -13.30
C THR B 51 -13.53 23.40 -14.42
N VAL B 52 -14.16 23.37 -15.60
CA VAL B 52 -13.70 24.18 -16.74
C VAL B 52 -13.83 25.67 -16.42
N ILE B 53 -14.95 26.08 -15.84
CA ILE B 53 -15.18 27.49 -15.51
C ILE B 53 -14.22 27.97 -14.42
N ARG B 54 -14.03 27.17 -13.37
CA ARG B 54 -13.11 27.56 -12.31
C ARG B 54 -11.67 27.56 -12.78
N THR B 55 -11.34 26.71 -13.76
CA THR B 55 -9.97 26.71 -14.27
C THR B 55 -9.70 27.94 -15.12
N HIS B 56 -10.65 28.33 -15.98
CA HIS B 56 -10.43 29.52 -16.77
C HIS B 56 -10.65 30.81 -15.98
N GLU B 57 -11.33 30.75 -14.84
CA GLU B 57 -11.51 31.94 -14.03
C GLU B 57 -10.24 32.31 -13.29
N TYR B 58 -9.48 31.32 -12.83
CA TYR B 58 -8.25 31.57 -12.10
C TYR B 58 -7.07 31.89 -12.99
N SER B 59 -7.28 31.93 -14.31
CA SER B 59 -6.18 32.25 -15.23
C SER B 59 -6.63 33.15 -16.37
N ASN B 60 -7.71 33.91 -16.22
CA ASN B 60 -8.24 34.70 -17.33
C ASN B 60 -7.43 35.96 -17.63
N LYS B 61 -6.48 36.33 -16.77
CA LYS B 61 -5.65 37.50 -17.01
C LYS B 61 -4.37 37.18 -17.75
N GLY B 62 -4.31 36.03 -18.43
CA GLY B 62 -3.16 35.65 -19.21
C GLY B 62 -3.39 35.82 -20.70
N LYS B 63 -2.48 35.24 -21.48
CA LYS B 63 -2.47 35.41 -22.92
C LYS B 63 -3.46 34.45 -23.55
N GLN B 64 -4.48 34.99 -24.22
CA GLN B 64 -5.45 34.16 -24.93
C GLN B 64 -5.09 34.10 -26.40
N TYR B 65 -5.29 32.93 -27.01
CA TYR B 65 -5.06 32.77 -28.44
C TYR B 65 -5.87 31.59 -28.95
N ILE B 66 -5.84 31.41 -30.26
CA ILE B 66 -6.56 30.33 -30.93
C ILE B 66 -5.52 29.45 -31.61
N SER B 67 -5.53 28.17 -31.28
CA SER B 67 -4.49 27.26 -31.73
C SER B 67 -4.59 26.99 -33.23
N ASP B 68 -3.45 27.01 -33.90
CA ASP B 68 -3.38 26.69 -35.32
C ASP B 68 -3.12 25.22 -35.56
N VAL B 69 -3.44 24.37 -34.60
CA VAL B 69 -3.45 22.92 -34.79
C VAL B 69 -4.87 22.38 -34.76
N THR B 70 -5.57 22.60 -33.66
CA THR B 70 -6.94 22.13 -33.48
C THR B 70 -7.97 23.22 -33.76
N GLY B 71 -7.72 24.45 -33.32
CA GLY B 71 -8.67 25.53 -33.45
C GLY B 71 -9.25 25.99 -32.14
N CYS B 72 -8.93 25.32 -31.04
CA CYS B 72 -9.53 25.62 -29.76
C CYS B 72 -8.95 26.90 -29.17
N THR B 73 -9.62 27.41 -28.14
CA THR B 73 -9.25 28.66 -27.49
C THR B 73 -8.37 28.33 -26.28
N MET B 74 -7.10 28.74 -26.35
CA MET B 74 -6.13 28.44 -25.33
C MET B 74 -5.82 29.68 -24.51
N VAL B 75 -5.56 29.47 -23.22
CA VAL B 75 -5.21 30.53 -22.28
C VAL B 75 -3.87 30.19 -21.63
N ASP B 76 -2.99 31.18 -21.52
CA ASP B 76 -1.64 31.01 -21.00
C ASP B 76 -1.45 31.88 -19.77
N PRO B 77 -1.48 31.32 -18.57
CA PRO B 77 -1.24 32.14 -17.38
C PRO B 77 0.22 32.26 -17.01
N THR B 78 1.05 31.35 -17.53
CA THR B 78 2.46 31.32 -17.18
C THR B 78 3.17 32.55 -17.71
N ASN B 79 4.00 33.17 -16.86
CA ASN B 79 4.57 34.50 -17.06
C ASN B 79 3.48 35.53 -17.35
N GLY B 80 2.34 35.38 -16.67
CA GLY B 80 1.32 36.39 -16.67
C GLY B 80 1.60 37.39 -15.56
N PRO B 81 0.65 38.28 -15.30
CA PRO B 81 0.89 39.31 -14.29
C PRO B 81 0.77 38.77 -12.88
N LEU B 82 1.48 39.41 -11.96
CA LEU B 82 1.46 39.02 -10.57
C LEU B 82 0.07 39.27 -9.96
N PRO B 83 -0.34 38.47 -8.98
CA PRO B 83 -1.65 38.68 -8.38
C PRO B 83 -1.68 39.87 -7.45
N GLU B 84 -2.89 40.38 -7.22
CA GLU B 84 -3.10 41.54 -6.37
C GLU B 84 -4.01 41.26 -5.18
N ASP B 85 -4.53 40.03 -5.06
CA ASP B 85 -5.38 39.66 -3.95
C ASP B 85 -5.22 38.17 -3.69
N ASN B 86 -5.91 37.68 -2.65
CA ASN B 86 -5.78 36.31 -2.22
C ASN B 86 -6.71 35.35 -2.96
N GLU B 87 -7.18 35.73 -4.14
CA GLU B 87 -7.80 34.76 -5.02
C GLU B 87 -6.76 33.76 -5.50
N PRO B 88 -7.16 32.53 -5.79
CA PRO B 88 -6.22 31.56 -6.35
C PRO B 88 -5.77 31.97 -7.74
N SER B 89 -4.48 32.22 -7.89
CA SER B 89 -3.89 32.67 -9.14
C SER B 89 -3.01 31.56 -9.71
N ALA B 90 -3.11 31.35 -11.01
CA ALA B 90 -2.29 30.37 -11.70
C ALA B 90 -1.15 31.02 -12.48
N TYR B 91 -0.80 32.26 -12.14
CA TYR B 91 0.22 33.01 -12.88
C TYR B 91 1.58 32.70 -12.28
N ALA B 92 2.11 31.54 -12.64
CA ALA B 92 3.42 31.12 -12.20
C ALA B 92 4.51 31.81 -13.00
N GLN B 93 5.50 32.34 -12.31
CA GLN B 93 6.63 32.99 -12.96
C GLN B 93 7.71 31.97 -13.25
N LEU B 94 8.28 32.05 -14.46
CA LEU B 94 9.21 31.02 -14.91
C LEU B 94 10.56 31.12 -14.20
N ASP B 95 11.03 32.35 -13.95
CA ASP B 95 12.31 32.54 -13.29
C ASP B 95 12.29 32.07 -11.85
N CYS B 96 11.14 32.18 -11.17
CA CYS B 96 11.02 31.70 -9.80
C CYS B 96 11.08 30.18 -9.76
N VAL B 97 10.42 29.52 -10.71
CA VAL B 97 10.46 28.05 -10.79
C VAL B 97 11.87 27.57 -11.11
N LEU B 98 12.55 28.26 -12.03
CA LEU B 98 13.90 27.85 -12.40
C LEU B 98 14.90 28.09 -11.27
N GLU B 99 14.72 29.17 -10.50
CA GLU B 99 15.56 29.40 -9.34
C GLU B 99 15.30 28.39 -8.24
N ALA B 100 14.04 27.95 -8.08
CA ALA B 100 13.73 26.92 -7.09
C ALA B 100 14.35 25.58 -7.49
N LEU B 101 14.26 25.21 -8.76
CA LEU B 101 14.87 23.97 -9.21
C LEU B 101 16.39 24.02 -9.18
N ASP B 102 16.97 25.20 -9.40
CA ASP B 102 18.42 25.32 -9.32
C ASP B 102 18.92 25.26 -7.88
N ARG B 103 18.16 25.82 -6.94
CA ARG B 103 18.51 25.63 -5.53
C ARG B 103 18.33 24.17 -5.10
N MET B 104 17.33 23.48 -5.66
CA MET B 104 17.16 22.06 -5.34
C MET B 104 18.28 21.21 -5.94
N ASP B 105 18.81 21.60 -7.09
CA ASP B 105 19.96 20.90 -7.64
C ASP B 105 21.24 21.22 -6.88
N GLU B 106 21.38 22.45 -6.39
CA GLU B 106 22.55 22.80 -5.61
C GLU B 106 22.55 22.10 -4.26
N GLU B 107 21.38 21.86 -3.67
CA GLU B 107 21.33 21.18 -2.38
C GLU B 107 21.63 19.69 -2.53
N HIS B 108 21.19 19.07 -3.64
CA HIS B 108 21.43 17.66 -3.91
C HIS B 108 22.16 17.55 -5.24
N PRO B 109 23.49 17.64 -5.25
CA PRO B 109 24.22 17.66 -6.52
C PRO B 109 24.27 16.29 -7.17
N GLY B 110 24.04 16.26 -8.47
CA GLY B 110 24.03 15.04 -9.24
C GLY B 110 22.71 14.29 -9.25
N LEU B 111 21.68 14.85 -8.61
CA LEU B 111 20.41 14.13 -8.49
C LEU B 111 19.65 14.09 -9.81
N PHE B 112 19.66 15.19 -10.55
CA PHE B 112 18.87 15.27 -11.78
C PHE B 112 19.45 14.38 -12.86
N GLN B 113 20.78 14.34 -12.98
CA GLN B 113 21.44 13.50 -13.97
C GLN B 113 21.26 12.02 -13.64
N ALA B 114 21.32 11.67 -12.35
CA ALA B 114 21.13 10.29 -11.95
C ALA B 114 19.69 9.83 -12.16
N ALA B 115 18.74 10.70 -11.84
CA ALA B 115 17.33 10.38 -12.06
C ALA B 115 17.01 10.24 -13.55
N SER B 116 17.56 11.12 -14.38
CA SER B 116 17.34 11.04 -15.82
C SER B 116 17.98 9.80 -16.42
N GLN B 117 19.16 9.41 -15.92
CA GLN B 117 19.81 8.23 -16.48
C GLN B 117 19.10 6.96 -16.06
N ASN B 118 18.61 6.90 -14.82
CA ASN B 118 17.83 5.73 -14.39
C ASN B 118 16.52 5.64 -15.14
N ALA B 119 15.86 6.77 -15.40
CA ALA B 119 14.61 6.77 -16.14
C ALA B 119 14.83 6.38 -17.60
N MET B 120 15.96 6.79 -18.19
CA MET B 120 16.23 6.43 -19.58
C MET B 120 16.58 4.95 -19.71
N GLU B 121 17.35 4.42 -18.76
CA GLU B 121 17.66 3.00 -18.77
C GLU B 121 16.42 2.16 -18.49
N THR B 122 15.48 2.66 -17.69
CA THR B 122 14.24 1.93 -17.48
C THR B 122 13.31 2.00 -18.68
N LEU B 123 13.35 3.12 -19.42
CA LEU B 123 12.54 3.24 -20.64
C LEU B 123 13.07 2.35 -21.75
N MET B 124 14.40 2.17 -21.81
CA MET B 124 14.98 1.41 -22.91
C MET B 124 14.66 -0.08 -22.86
N VAL B 125 14.26 -0.62 -21.69
CA VAL B 125 13.89 -2.02 -21.56
C VAL B 125 12.43 -2.18 -21.13
N THR B 126 11.55 -1.29 -21.57
CA THR B 126 10.13 -1.40 -21.25
C THR B 126 9.36 -1.83 -22.50
N THR B 127 8.41 -2.75 -22.32
CA THR B 127 7.62 -3.28 -23.41
C THR B 127 6.27 -2.59 -23.50
N VAL B 128 5.49 -2.95 -24.52
CA VAL B 128 4.18 -2.34 -24.74
C VAL B 128 3.17 -2.85 -23.72
N ASP B 129 3.37 -4.07 -23.21
CA ASP B 129 2.44 -4.65 -22.25
C ASP B 129 2.53 -4.04 -20.86
N LYS B 130 3.38 -3.04 -20.66
CA LYS B 130 3.25 -2.16 -19.49
C LYS B 130 2.00 -1.30 -19.57
N LEU B 131 1.44 -1.09 -20.76
CA LEU B 131 0.24 -0.28 -20.94
C LEU B 131 -1.05 -1.07 -20.75
N THR B 132 -1.01 -2.19 -20.02
CA THR B 132 -2.20 -2.93 -19.66
C THR B 132 -2.47 -2.88 -18.16
N GLN B 133 -1.86 -1.93 -17.44
CA GLN B 133 -1.84 -1.96 -15.99
C GLN B 133 -2.48 -0.73 -15.35
N GLY B 134 -3.38 -0.04 -16.04
CA GLY B 134 -4.10 1.07 -15.44
C GLY B 134 -5.58 0.99 -15.76
N ARG B 135 -6.42 0.94 -14.72
CA ARG B 135 -7.76 0.34 -14.75
C ARG B 135 -8.65 0.71 -15.93
N GLN B 136 -9.02 1.98 -16.08
CA GLN B 136 -9.91 2.41 -17.15
C GLN B 136 -9.18 3.44 -18.00
N THR B 137 -9.41 3.38 -19.30
CA THR B 137 -8.70 4.22 -20.25
C THR B 137 -9.69 4.66 -21.34
N PHE B 138 -9.60 5.91 -21.75
CA PHE B 138 -10.46 6.43 -22.79
C PHE B 138 -10.06 5.85 -24.14
N ASP B 139 -10.96 5.09 -24.74
CA ASP B 139 -10.75 4.51 -26.06
C ASP B 139 -11.27 5.50 -27.10
N TRP B 140 -10.38 5.92 -28.00
CA TRP B 140 -10.68 6.90 -29.03
C TRP B 140 -11.40 6.29 -30.23
N THR B 141 -11.30 4.98 -30.42
CA THR B 141 -11.97 4.36 -31.55
C THR B 141 -13.47 4.25 -31.32
N VAL B 142 -13.87 3.89 -30.10
CA VAL B 142 -15.29 3.83 -29.75
C VAL B 142 -15.72 5.01 -28.88
N CYS B 143 -14.78 5.87 -28.48
CA CYS B 143 -15.03 7.07 -27.66
C CYS B 143 -15.73 6.73 -26.34
N ARG B 144 -15.08 5.88 -25.56
CA ARG B 144 -15.70 5.39 -24.33
C ARG B 144 -14.61 5.17 -23.29
N ASN B 145 -14.96 4.55 -22.18
CA ASN B 145 -13.99 4.07 -21.21
C ASN B 145 -13.95 2.56 -21.28
N GLN B 146 -12.76 2.01 -21.48
CA GLN B 146 -12.56 0.58 -21.65
C GLN B 146 -11.47 0.13 -20.70
N PRO B 147 -11.33 -1.18 -20.48
CA PRO B 147 -10.11 -1.68 -19.85
C PRO B 147 -8.89 -1.38 -20.70
N ALA B 148 -7.74 -1.24 -20.03
CA ALA B 148 -6.53 -0.77 -20.71
C ALA B 148 -6.02 -1.76 -21.74
N ALA B 149 -6.17 -3.06 -21.48
CA ALA B 149 -5.70 -4.06 -22.41
C ALA B 149 -6.64 -4.27 -23.60
N THR B 150 -7.81 -3.65 -23.58
CA THR B 150 -8.67 -3.61 -24.75
C THR B 150 -8.54 -2.31 -25.53
N ALA B 151 -8.35 -1.19 -24.82
CA ALA B 151 -8.03 0.07 -25.48
C ALA B 151 -6.69 -0.03 -26.22
N LEU B 152 -5.70 -0.65 -25.57
CA LEU B 152 -4.40 -0.85 -26.21
C LEU B 152 -4.50 -1.77 -27.42
N ASN B 153 -5.28 -2.84 -27.30
CA ASN B 153 -5.38 -3.79 -28.40
C ASN B 153 -6.13 -3.20 -29.58
N THR B 154 -7.15 -2.37 -29.32
CA THR B 154 -7.85 -1.71 -30.43
C THR B 154 -6.99 -0.64 -31.07
N THR B 155 -6.18 0.05 -30.28
CA THR B 155 -5.21 1.01 -30.83
C THR B 155 -4.18 0.33 -31.72
N ILE B 156 -3.73 -0.86 -31.32
CA ILE B 156 -2.73 -1.59 -32.11
C ILE B 156 -3.33 -2.12 -33.40
N THR B 157 -4.51 -2.74 -33.29
CA THR B 157 -5.15 -3.31 -34.47
C THR B 157 -5.70 -2.25 -35.41
N SER B 158 -5.88 -1.01 -34.95
CA SER B 158 -6.21 0.08 -35.86
C SER B 158 -4.98 0.77 -36.41
N PHE B 159 -3.86 0.75 -35.66
CA PHE B 159 -2.61 1.28 -36.16
C PHE B 159 -2.04 0.41 -37.26
N ARG B 160 -2.38 -0.87 -37.27
CA ARG B 160 -1.93 -1.77 -38.32
C ARG B 160 -2.50 -1.41 -39.69
N LEU B 161 -3.67 -0.78 -39.74
CA LEU B 161 -4.31 -0.40 -40.99
C LEU B 161 -3.80 0.90 -41.57
N ASN B 162 -2.69 1.44 -41.06
CA ASN B 162 -2.20 2.76 -41.48
C ASN B 162 -0.70 2.75 -41.71
N ASP B 163 -0.09 1.57 -41.84
CA ASP B 163 1.37 1.38 -41.90
C ASP B 163 2.05 2.00 -40.68
N LEU B 164 1.53 1.67 -39.50
CA LEU B 164 2.14 2.03 -38.23
C LEU B 164 2.35 0.75 -37.44
N ASN B 165 3.60 0.34 -37.30
CA ASN B 165 3.95 -0.98 -36.77
C ASN B 165 5.02 -0.87 -35.70
N GLY B 166 4.85 0.06 -34.77
CA GLY B 166 5.73 0.11 -33.63
C GLY B 166 5.39 -0.86 -32.53
N ALA B 167 4.30 -1.60 -32.67
CA ALA B 167 3.92 -2.62 -31.72
C ALA B 167 4.52 -3.98 -32.03
N ASP B 168 4.91 -4.22 -33.29
CA ASP B 168 5.52 -5.50 -33.63
C ASP B 168 6.95 -5.59 -33.12
N LYS B 169 7.66 -4.46 -33.05
CA LYS B 169 9.03 -4.47 -32.59
C LYS B 169 9.17 -4.65 -31.09
N GLY B 170 8.09 -4.54 -30.33
CA GLY B 170 8.07 -4.98 -28.96
C GLY B 170 8.49 -3.94 -27.93
N GLY B 171 9.20 -2.91 -28.33
CA GLY B 171 9.60 -1.89 -27.39
C GLY B 171 8.54 -0.85 -27.19
N LEU B 172 8.75 -0.02 -26.17
CA LEU B 172 7.84 1.10 -25.93
C LEU B 172 8.20 2.30 -26.80
N ILE B 173 9.47 2.47 -27.13
CA ILE B 173 9.93 3.62 -27.90
C ILE B 173 9.46 3.57 -29.36
N PRO B 174 9.47 2.44 -30.10
CA PRO B 174 8.82 2.48 -31.42
C PRO B 174 7.32 2.66 -31.37
N PHE B 175 6.65 2.19 -30.31
CA PHE B 175 5.21 2.39 -30.20
C PHE B 175 4.87 3.85 -29.95
N CYS B 176 5.64 4.52 -29.09
CA CYS B 176 5.45 5.95 -28.88
C CYS B 176 5.85 6.76 -30.10
N GLN B 177 6.82 6.27 -30.87
CA GLN B 177 7.16 6.88 -32.15
C GLN B 177 5.98 6.81 -33.11
N ASP B 178 5.31 5.67 -33.18
CA ASP B 178 4.15 5.56 -34.04
C ASP B 178 2.95 6.33 -33.50
N ILE B 179 2.87 6.51 -32.18
CA ILE B 179 1.84 7.36 -31.59
C ILE B 179 2.02 8.80 -32.06
N ILE B 180 3.24 9.34 -31.94
CA ILE B 180 3.44 10.73 -32.35
C ILE B 180 3.60 10.89 -33.85
N ASP B 181 3.68 9.78 -34.59
CA ASP B 181 3.62 9.86 -36.05
C ASP B 181 2.21 9.70 -36.59
N SER B 182 1.29 9.17 -35.79
CA SER B 182 -0.11 9.14 -36.21
C SER B 182 -0.75 10.52 -36.15
N LEU B 183 -0.16 11.46 -35.40
CA LEU B 183 -0.68 12.82 -35.37
C LEU B 183 -0.42 13.56 -36.68
N ASP B 184 0.50 13.08 -37.50
CA ASP B 184 0.77 13.65 -38.82
C ASP B 184 0.04 12.91 -39.93
N ARG B 185 -0.68 11.85 -39.61
CA ARG B 185 -1.44 11.13 -40.62
C ARG B 185 -2.63 11.97 -41.04
N PRO B 186 -2.87 12.16 -42.34
CA PRO B 186 -4.02 12.98 -42.77
C PRO B 186 -5.37 12.31 -42.54
N GLU B 187 -5.47 11.00 -42.66
CA GLU B 187 -6.69 10.27 -42.33
C GLU B 187 -6.34 9.11 -41.42
N MET B 188 -7.30 8.70 -40.59
CA MET B 188 -7.13 7.54 -39.74
C MET B 188 -8.27 6.56 -39.98
N THR B 189 -7.94 5.31 -40.28
CA THR B 189 -8.91 4.25 -40.44
C THR B 189 -8.92 3.38 -39.20
N PHE B 190 -10.10 3.00 -38.74
CA PHE B 190 -10.19 2.10 -37.60
C PHE B 190 -11.40 1.20 -37.75
N PHE B 191 -11.51 0.23 -36.86
CA PHE B 191 -12.64 -0.68 -36.84
C PHE B 191 -13.72 -0.12 -35.91
N SER B 192 -14.90 0.12 -36.47
CA SER B 192 -16.06 0.51 -35.69
C SER B 192 -17.18 -0.45 -36.01
N VAL B 193 -18.33 -0.25 -35.38
CA VAL B 193 -19.47 -1.15 -35.53
C VAL B 193 -20.70 -0.32 -35.85
N LYS B 194 -21.31 -0.59 -37.00
CA LYS B 194 -22.61 -0.04 -37.34
C LYS B 194 -23.67 -1.11 -37.11
N ASN B 195 -24.91 -0.80 -37.49
CA ASN B 195 -25.98 -1.77 -37.39
C ASN B 195 -26.75 -1.84 -38.70
N ILE B 196 -27.15 -3.05 -39.07
CA ILE B 196 -27.98 -3.27 -40.26
C ILE B 196 -29.28 -3.92 -39.81
N LYS B 197 -30.41 -3.32 -40.20
CA LYS B 197 -31.72 -3.81 -39.80
C LYS B 197 -32.17 -4.93 -40.74
N LYS B 198 -33.16 -5.68 -40.27
CA LYS B 198 -33.60 -6.90 -40.94
C LYS B 198 -35.07 -7.14 -40.67
N LYS B 199 -35.82 -7.50 -41.72
CA LYS B 199 -37.23 -7.81 -41.64
C LYS B 199 -37.43 -9.30 -41.39
N LEU B 200 -38.25 -9.64 -40.40
CA LEU B 200 -38.72 -11.01 -40.25
C LEU B 200 -40.24 -11.02 -40.33
N PRO B 201 -40.83 -11.71 -41.30
CA PRO B 201 -42.29 -11.81 -41.36
C PRO B 201 -42.81 -12.88 -40.41
N ALA B 202 -43.97 -12.61 -39.82
CA ALA B 202 -44.63 -13.54 -38.91
C ALA B 202 -46.12 -13.22 -38.90
N LYS B 203 -46.83 -13.80 -37.94
CA LYS B 203 -48.21 -13.40 -37.64
C LYS B 203 -48.17 -12.46 -36.45
N ASN B 204 -48.36 -11.17 -36.72
CA ASN B 204 -48.08 -10.14 -35.73
C ASN B 204 -48.91 -8.90 -36.04
N ARG B 205 -48.67 -7.85 -35.26
CA ARG B 205 -49.32 -6.56 -35.39
C ARG B 205 -48.23 -5.50 -35.56
N LYS B 206 -48.62 -4.36 -36.16
CA LYS B 206 -47.82 -3.17 -36.40
C LYS B 206 -46.62 -3.44 -37.30
N GLY B 207 -46.71 -4.40 -38.21
CA GLY B 207 -45.67 -4.63 -39.18
C GLY B 207 -45.01 -6.00 -39.09
N PHE B 208 -43.70 -6.01 -38.92
CA PHE B 208 -42.92 -7.24 -38.88
C PHE B 208 -42.02 -7.24 -37.66
N LEU B 209 -41.11 -8.21 -37.58
CA LEU B 209 -40.12 -8.26 -36.51
C LEU B 209 -38.86 -7.54 -36.98
N ILE B 210 -38.39 -6.61 -36.14
CA ILE B 210 -37.22 -5.79 -36.43
C ILE B 210 -36.01 -6.47 -35.81
N LYS B 211 -35.02 -6.80 -36.64
CA LYS B 211 -33.77 -7.38 -36.16
C LYS B 211 -32.61 -6.55 -36.70
N ARG B 212 -32.14 -5.61 -35.90
CA ARG B 212 -30.94 -4.85 -36.26
C ARG B 212 -29.73 -5.52 -35.63
N ILE B 213 -28.85 -6.04 -36.48
CA ILE B 213 -27.65 -6.74 -36.06
C ILE B 213 -26.48 -5.76 -36.16
N PRO B 214 -25.72 -5.56 -35.08
CA PRO B 214 -24.49 -4.77 -35.18
C PRO B 214 -23.37 -5.57 -35.82
N MET B 215 -22.74 -4.97 -36.83
CA MET B 215 -21.61 -5.61 -37.50
C MET B 215 -20.51 -4.59 -37.73
N LYS B 216 -19.30 -5.11 -37.97
CA LYS B 216 -18.07 -4.34 -37.87
C LYS B 216 -17.61 -3.88 -39.25
N VAL B 217 -17.45 -2.57 -39.40
CA VAL B 217 -16.94 -1.95 -40.62
C VAL B 217 -15.74 -1.09 -40.27
N LYS B 218 -15.17 -0.41 -41.25
CA LYS B 218 -14.04 0.49 -41.04
C LYS B 218 -14.52 1.94 -41.15
N ASP B 219 -14.42 2.66 -40.05
CA ASP B 219 -14.74 4.08 -40.02
C ASP B 219 -13.47 4.90 -40.04
N LYS B 220 -13.49 5.98 -40.82
CA LYS B 220 -12.32 6.80 -41.09
C LYS B 220 -12.61 8.22 -40.64
N ILE B 221 -11.70 8.79 -39.86
CA ILE B 221 -11.82 10.17 -39.41
C ILE B 221 -10.66 10.98 -39.98
N THR B 222 -10.84 12.29 -39.97
CA THR B 222 -9.87 13.20 -40.58
C THR B 222 -8.70 13.42 -39.65
N LYS B 223 -7.81 14.34 -40.02
CA LYS B 223 -6.61 14.58 -39.23
C LYS B 223 -6.94 15.31 -37.94
N VAL B 224 -7.66 16.43 -38.04
CA VAL B 224 -7.92 17.26 -36.87
C VAL B 224 -8.90 16.59 -35.92
N GLU B 225 -9.81 15.75 -36.45
CA GLU B 225 -10.69 14.96 -35.59
C GLU B 225 -9.89 13.95 -34.79
N TYR B 226 -8.89 13.33 -35.41
CA TYR B 226 -8.03 12.39 -34.69
C TYR B 226 -7.16 13.10 -33.66
N ILE B 227 -6.68 14.30 -33.99
CA ILE B 227 -5.85 15.05 -33.04
C ILE B 227 -6.69 15.52 -31.86
N LYS B 228 -7.96 15.84 -32.09
CA LYS B 228 -8.83 16.19 -30.98
C LYS B 228 -9.25 14.97 -30.15
N ARG B 229 -9.38 13.79 -30.78
CA ARG B 229 -9.68 12.59 -30.00
C ARG B 229 -8.46 12.09 -29.24
N ALA B 230 -7.26 12.35 -29.72
CA ALA B 230 -6.07 11.91 -29.01
C ALA B 230 -5.79 12.76 -27.79
N LEU B 231 -6.15 14.04 -27.83
CA LEU B 231 -5.91 14.95 -26.72
C LEU B 231 -7.06 14.97 -25.72
N SER B 232 -8.09 14.16 -25.92
CA SER B 232 -9.27 14.21 -25.08
C SER B 232 -9.07 13.48 -23.75
N LEU B 233 -9.71 14.00 -22.71
CA LEU B 233 -9.80 13.34 -21.42
C LEU B 233 -11.28 13.17 -21.10
N ASN B 234 -11.71 11.94 -20.89
CA ASN B 234 -13.10 11.69 -20.53
C ASN B 234 -13.31 12.00 -19.06
N THR B 235 -14.51 12.46 -18.71
CA THR B 235 -14.76 12.93 -17.36
C THR B 235 -15.92 12.20 -16.72
N MET B 236 -15.77 11.88 -15.43
CA MET B 236 -16.79 11.23 -14.64
C MET B 236 -16.92 11.91 -13.29
N THR B 237 -17.73 11.35 -12.40
CA THR B 237 -17.84 11.84 -11.03
C THR B 237 -17.11 10.90 -10.08
N LYS B 238 -16.54 11.47 -9.03
CA LYS B 238 -15.79 10.72 -8.04
C LYS B 238 -16.77 10.10 -7.05
N ASP B 239 -16.99 8.80 -7.17
CA ASP B 239 -17.91 8.09 -6.29
C ASP B 239 -17.20 7.61 -5.04
N ALA B 240 -17.97 7.56 -3.94
CA ALA B 240 -17.57 7.01 -2.65
C ALA B 240 -16.37 7.74 -2.06
N GLU B 241 -16.34 9.06 -2.21
CA GLU B 241 -15.29 9.89 -1.65
C GLU B 241 -15.77 10.43 -0.31
N ARG B 242 -15.07 10.06 0.75
CA ARG B 242 -15.46 10.47 2.10
C ARG B 242 -14.81 11.79 2.46
N GLY B 243 -15.47 12.51 3.36
CA GLY B 243 -14.93 13.74 3.90
C GLY B 243 -15.33 15.01 3.19
N LYS B 244 -16.24 14.91 2.22
CA LYS B 244 -16.68 16.08 1.45
C LYS B 244 -18.19 16.06 1.34
N LEU B 245 -18.78 17.24 1.35
CA LEU B 245 -20.23 17.36 1.17
C LEU B 245 -20.61 17.31 -0.29
N LYS B 246 -19.94 18.08 -1.13
CA LYS B 246 -20.30 18.22 -2.53
C LYS B 246 -19.33 17.45 -3.41
N ARG B 247 -19.85 16.93 -4.52
CA ARG B 247 -19.09 16.04 -5.37
C ARG B 247 -18.15 16.82 -6.28
N ARG B 248 -17.26 16.08 -6.94
CA ARG B 248 -16.29 16.66 -7.85
C ARG B 248 -16.10 15.70 -9.03
N ALA B 249 -15.49 16.20 -10.09
CA ALA B 249 -15.27 15.43 -11.31
C ALA B 249 -13.85 14.91 -11.37
N ILE B 250 -13.70 13.74 -11.97
CA ILE B 250 -12.41 13.12 -12.24
C ILE B 250 -12.27 12.95 -13.74
N ALA B 251 -11.05 12.72 -14.19
CA ALA B 251 -10.76 12.53 -15.61
C ALA B 251 -10.09 11.18 -15.83
N THR B 252 -10.02 10.82 -17.11
CA THR B 252 -9.40 9.57 -17.55
C THR B 252 -8.83 9.83 -18.94
N ALA B 253 -7.55 9.57 -19.09
CA ALA B 253 -6.84 9.91 -20.31
C ALA B 253 -6.84 8.75 -21.29
N GLY B 254 -6.43 9.04 -22.52
CA GLY B 254 -6.37 8.03 -23.55
C GLY B 254 -5.13 7.15 -23.43
N ILE B 255 -4.96 6.30 -24.43
CA ILE B 255 -3.79 5.41 -24.46
C ILE B 255 -2.59 6.09 -25.11
N GLN B 256 -2.79 7.24 -25.73
CA GLN B 256 -1.72 7.94 -26.44
C GLN B 256 -1.05 8.99 -25.57
N ILE B 257 -1.23 8.93 -24.25
CA ILE B 257 -0.48 9.79 -23.34
C ILE B 257 0.07 8.93 -22.23
N ARG B 258 -0.34 7.66 -22.17
CA ARG B 258 0.05 6.78 -21.08
C ARG B 258 1.53 6.45 -21.14
N GLY B 259 2.07 6.25 -22.35
CA GLY B 259 3.48 5.90 -22.49
C GLY B 259 4.43 7.02 -22.09
N PHE B 260 3.97 8.27 -22.18
CA PHE B 260 4.80 9.40 -21.83
C PHE B 260 4.65 9.79 -20.37
N VAL B 261 3.42 9.74 -19.85
CA VAL B 261 3.17 10.00 -18.44
C VAL B 261 3.84 8.94 -17.58
N LEU B 262 3.97 7.71 -18.10
CA LEU B 262 4.73 6.65 -17.45
C LEU B 262 6.19 7.07 -17.22
N VAL B 263 6.84 7.59 -18.25
CA VAL B 263 8.25 7.95 -18.15
C VAL B 263 8.44 9.19 -17.30
N VAL B 264 7.55 10.18 -17.42
CA VAL B 264 7.70 11.40 -16.65
C VAL B 264 7.44 11.14 -15.16
N GLU B 265 6.47 10.27 -14.86
CA GLU B 265 6.24 9.92 -13.45
C GLU B 265 7.34 9.02 -12.91
N ASN B 266 7.98 8.21 -13.76
CA ASN B 266 9.14 7.44 -13.34
C ASN B 266 10.32 8.34 -13.00
N LEU B 267 10.54 9.37 -13.83
CA LEU B 267 11.59 10.35 -13.56
C LEU B 267 11.32 11.12 -12.27
N ALA B 268 10.08 11.54 -12.06
CA ALA B 268 9.75 12.25 -10.82
C ALA B 268 9.78 11.32 -9.62
N LYS B 269 9.55 10.02 -9.81
CA LYS B 269 9.70 9.07 -8.71
C LYS B 269 11.16 8.92 -8.32
N ASN B 270 12.04 8.87 -9.32
CA ASN B 270 13.48 8.82 -9.05
C ASN B 270 13.98 10.09 -8.37
N ILE B 271 13.34 11.23 -8.63
CA ILE B 271 13.70 12.42 -7.87
C ILE B 271 13.11 12.39 -6.47
N CYS B 272 11.86 11.91 -6.32
CA CYS B 272 11.17 11.95 -5.04
C CYS B 272 11.74 10.97 -4.02
N GLU B 273 12.27 9.84 -4.48
CA GLU B 273 12.85 8.86 -3.57
C GLU B 273 14.09 9.37 -2.85
N ASN B 274 14.78 10.36 -3.42
CA ASN B 274 16.05 10.82 -2.89
C ASN B 274 15.95 12.18 -2.19
N LEU B 275 14.74 12.68 -1.99
CA LEU B 275 14.52 13.95 -1.29
C LEU B 275 14.04 13.67 0.13
N GLU B 276 14.58 14.44 1.08
CA GLU B 276 14.27 14.20 2.48
C GLU B 276 12.90 14.71 2.90
N GLN B 277 12.21 15.46 2.04
CA GLN B 277 10.99 16.13 2.42
C GLN B 277 9.76 15.66 1.67
N SER B 278 9.91 14.82 0.65
CA SER B 278 8.77 14.29 -0.08
C SER B 278 8.23 13.07 0.66
N GLY B 279 6.95 13.11 1.01
CA GLY B 279 6.29 11.97 1.62
C GLY B 279 5.67 11.07 0.58
N LEU B 280 6.45 10.75 -0.45
CA LEU B 280 6.05 10.01 -1.63
C LEU B 280 7.32 9.56 -2.32
N PRO B 281 7.37 8.37 -2.94
CA PRO B 281 6.37 7.32 -3.06
C PRO B 281 6.33 6.35 -1.90
N VAL B 282 6.84 6.76 -0.74
CA VAL B 282 6.81 5.88 0.43
C VAL B 282 5.38 5.75 0.95
N GLY B 283 5.16 4.73 1.75
CA GLY B 283 3.84 4.48 2.29
C GLY B 283 3.85 3.45 3.39
N GLY B 284 2.88 3.51 4.28
CA GLY B 284 2.82 2.53 5.36
C GLY B 284 3.74 2.93 6.48
N ASN B 285 4.46 1.95 7.03
CA ASN B 285 5.40 2.22 8.11
C ASN B 285 6.69 2.85 7.59
N GLU B 286 6.97 2.74 6.30
CA GLU B 286 8.13 3.43 5.73
C GLU B 286 7.90 4.93 5.72
N LYS B 287 6.69 5.36 5.36
CA LYS B 287 6.33 6.77 5.45
C LYS B 287 6.35 7.25 6.89
N LYS B 288 5.87 6.41 7.83
CA LYS B 288 5.87 6.80 9.24
C LYS B 288 7.29 6.95 9.76
N ALA B 289 8.20 6.06 9.36
CA ALA B 289 9.58 6.15 9.77
C ALA B 289 10.27 7.38 9.17
N LYS B 290 9.99 7.66 7.89
CA LYS B 290 10.61 8.82 7.24
C LYS B 290 10.13 10.13 7.84
N LEU B 291 8.81 10.25 8.09
CA LEU B 291 8.29 11.49 8.63
C LEU B 291 8.65 11.64 10.10
N SER B 292 8.74 10.54 10.85
CA SER B 292 9.18 10.62 12.23
C SER B 292 10.64 11.04 12.32
N ASN B 293 11.48 10.54 11.40
CA ASN B 293 12.87 10.98 11.35
C ASN B 293 12.98 12.44 10.97
N ALA B 294 12.13 12.90 10.05
CA ALA B 294 12.16 14.30 9.63
C ALA B 294 11.74 15.24 10.76
N VAL B 295 10.67 14.90 11.47
CA VAL B 295 10.21 15.73 12.58
C VAL B 295 11.20 15.71 13.73
N ALA B 296 11.80 14.54 14.02
CA ALA B 296 12.79 14.46 15.08
C ALA B 296 14.08 15.20 14.70
N LYS B 297 14.38 15.28 13.41
CA LYS B 297 15.52 16.08 12.96
C LYS B 297 15.24 17.56 13.13
N MET B 298 14.08 18.03 12.67
CA MET B 298 13.74 19.44 12.73
C MET B 298 13.38 19.93 14.13
N LEU B 299 13.15 19.02 15.08
CA LEU B 299 12.83 19.46 16.43
C LEU B 299 14.07 19.67 17.29
N SER B 300 15.15 18.95 17.03
CA SER B 300 16.41 19.14 17.72
C SER B 300 17.31 20.15 17.03
N ASN B 301 16.74 21.06 16.26
CA ASN B 301 17.50 22.08 15.55
C ASN B 301 17.02 23.50 15.82
N CYS B 302 16.01 23.67 16.69
CA CYS B 302 15.55 25.01 17.01
C CYS B 302 16.60 25.72 17.85
N PRO B 303 16.72 27.05 17.70
CA PRO B 303 17.72 27.77 18.49
C PRO B 303 17.31 27.82 19.95
N PRO B 304 18.26 27.92 20.86
CA PRO B 304 17.93 27.99 22.30
C PRO B 304 17.26 29.31 22.63
N GLY B 305 15.98 29.23 22.99
CA GLY B 305 15.14 30.39 23.19
C GLY B 305 14.27 30.73 22.01
N GLY B 306 14.66 30.31 20.80
CA GLY B 306 13.84 30.54 19.63
C GLY B 306 12.61 29.65 19.63
N ILE B 307 11.67 30.01 18.76
CA ILE B 307 10.36 29.36 18.70
C ILE B 307 10.23 28.64 17.37
N SER B 308 9.87 27.37 17.43
CA SER B 308 9.52 26.60 16.25
C SER B 308 8.00 26.45 16.18
N MET B 309 7.46 26.53 14.98
CA MET B 309 6.03 26.39 14.75
C MET B 309 5.77 25.46 13.57
N THR B 310 4.59 24.87 13.56
CA THR B 310 4.18 23.93 12.52
C THR B 310 2.85 24.35 11.94
N VAL B 311 2.81 24.51 10.62
CA VAL B 311 1.60 24.78 9.87
C VAL B 311 1.07 23.46 9.35
N THR B 312 -0.13 23.11 9.80
CA THR B 312 -0.93 22.05 9.22
C THR B 312 -1.65 22.63 8.02
N GLY B 313 -1.26 22.21 6.84
CA GLY B 313 -1.72 22.91 5.66
C GLY B 313 -2.45 22.06 4.65
N ASP B 314 -3.34 22.70 3.91
CA ASP B 314 -3.99 22.09 2.77
C ASP B 314 -3.81 23.04 1.60
N ASN B 315 -3.83 22.50 0.40
CA ASN B 315 -3.70 23.29 -0.82
C ASN B 315 -5.05 23.32 -1.52
N THR B 316 -5.60 24.51 -1.71
CA THR B 316 -6.88 24.63 -2.38
C THR B 316 -6.66 24.83 -3.86
N LYS B 317 -7.56 24.22 -4.65
CA LYS B 317 -7.57 24.31 -6.11
C LYS B 317 -6.25 23.86 -6.74
N TRP B 318 -5.77 22.70 -6.31
CA TRP B 318 -4.43 22.25 -6.70
C TRP B 318 -4.41 21.81 -8.15
N ASN B 319 -5.46 21.14 -8.60
CA ASN B 319 -5.48 20.61 -9.97
C ASN B 319 -5.79 21.69 -11.00
N GLU B 320 -6.53 22.73 -10.62
CA GLU B 320 -6.92 23.76 -11.56
C GLU B 320 -5.87 24.85 -11.72
N CYS B 321 -5.01 25.06 -10.72
CA CYS B 321 -4.10 26.19 -10.72
C CYS B 321 -2.68 25.83 -11.09
N LEU B 322 -2.38 24.56 -11.33
CA LEU B 322 -1.06 24.21 -11.83
C LEU B 322 -1.01 24.44 -13.34
N ASN B 323 0.07 24.00 -13.98
CA ASN B 323 0.20 24.23 -15.40
C ASN B 323 1.06 23.17 -16.07
N PRO B 324 0.68 22.72 -17.26
CA PRO B 324 1.61 21.91 -18.05
C PRO B 324 2.75 22.71 -18.64
N ARG B 325 2.61 24.02 -18.76
CA ARG B 325 3.70 24.85 -19.27
C ARG B 325 4.80 25.05 -18.26
N ILE B 326 4.53 24.83 -16.97
CA ILE B 326 5.58 24.83 -15.96
C ILE B 326 6.23 23.46 -15.88
N PHE B 327 5.44 22.39 -16.04
CA PHE B 327 5.99 21.05 -16.05
C PHE B 327 6.86 20.79 -17.28
N LEU B 328 6.56 21.47 -18.39
CA LEU B 328 7.44 21.40 -19.56
C LEU B 328 8.80 22.01 -19.27
N ALA B 329 8.82 23.14 -18.55
CA ALA B 329 10.09 23.74 -18.15
C ALA B 329 10.81 22.90 -17.11
N MET B 330 10.07 22.17 -16.28
CA MET B 330 10.70 21.28 -15.32
C MET B 330 11.33 20.07 -16.01
N THR B 331 10.66 19.50 -17.00
CA THR B 331 11.26 18.41 -17.75
C THR B 331 12.34 18.89 -18.72
N GLU B 332 12.43 20.19 -19.00
CA GLU B 332 13.59 20.72 -19.70
C GLU B 332 14.73 21.10 -18.78
N ARG B 333 14.46 21.36 -17.51
CA ARG B 333 15.50 21.68 -16.54
C ARG B 333 16.13 20.43 -15.94
N ILE B 334 15.34 19.39 -15.69
CA ILE B 334 15.84 18.20 -15.03
C ILE B 334 16.69 17.36 -15.98
N THR B 335 16.32 17.31 -17.26
CA THR B 335 17.00 16.48 -18.25
C THR B 335 18.05 17.27 -19.01
N ARG B 336 18.77 18.15 -18.33
CA ARG B 336 19.75 19.03 -18.96
C ARG B 336 20.91 18.25 -19.59
N ASP B 337 21.47 17.29 -18.85
CA ASP B 337 22.64 16.56 -19.29
C ASP B 337 22.31 15.21 -19.89
N SER B 338 21.17 15.07 -20.55
CA SER B 338 20.74 13.85 -21.19
C SER B 338 20.88 13.97 -22.69
N PRO B 339 20.85 12.86 -23.44
CA PRO B 339 20.79 12.96 -24.90
C PRO B 339 19.52 13.62 -25.39
N ILE B 340 19.57 14.09 -26.64
CA ILE B 340 18.50 14.93 -27.17
C ILE B 340 17.23 14.11 -27.40
N TRP B 341 17.36 12.82 -27.69
CA TRP B 341 16.18 11.99 -27.92
C TRP B 341 15.39 11.78 -26.63
N PHE B 342 16.08 11.66 -25.50
CA PHE B 342 15.37 11.54 -24.23
C PHE B 342 14.75 12.87 -23.83
N ARG B 343 15.37 13.98 -24.20
CA ARG B 343 14.78 15.28 -23.94
C ARG B 343 13.57 15.53 -24.81
N ASP B 344 13.53 14.95 -26.00
CA ASP B 344 12.32 15.02 -26.82
C ASP B 344 11.26 14.05 -26.32
N PHE B 345 11.65 12.95 -25.69
CA PHE B 345 10.67 12.00 -25.16
C PHE B 345 10.01 12.54 -23.91
N CYS B 346 10.81 13.08 -22.98
CA CYS B 346 10.30 13.59 -21.71
C CYS B 346 9.58 14.92 -21.84
N SER B 347 9.49 15.50 -23.03
CA SER B 347 8.80 16.76 -23.25
C SER B 347 7.66 16.59 -24.22
N ILE B 348 6.88 15.52 -24.05
CA ILE B 348 5.69 15.28 -24.85
C ILE B 348 4.44 15.22 -23.99
N ALA B 349 4.54 14.64 -22.79
CA ALA B 349 3.41 14.64 -21.86
C ALA B 349 2.95 16.03 -21.41
N PRO B 350 3.81 17.01 -21.08
CA PRO B 350 3.29 18.37 -20.86
C PRO B 350 2.79 19.04 -22.12
N VAL B 351 3.24 18.61 -23.30
CA VAL B 351 2.74 19.18 -24.53
C VAL B 351 1.33 18.69 -24.83
N LEU B 352 1.10 17.39 -24.66
CA LEU B 352 -0.25 16.86 -24.81
C LEU B 352 -1.17 17.25 -23.67
N PHE B 353 -0.62 17.62 -22.52
CA PHE B 353 -1.44 18.10 -21.42
C PHE B 353 -1.73 19.60 -21.49
N SER B 354 -0.91 20.37 -22.19
CA SER B 354 -1.20 21.79 -22.36
C SER B 354 -2.16 22.06 -23.51
N ASN B 355 -2.55 21.02 -24.25
CA ASN B 355 -3.47 21.18 -25.37
C ASN B 355 -4.63 20.21 -25.25
N LYS B 356 -4.95 19.81 -24.02
CA LYS B 356 -5.98 18.81 -23.80
C LYS B 356 -7.36 19.40 -23.98
N ILE B 357 -8.33 18.52 -24.20
CA ILE B 357 -9.69 18.88 -24.56
C ILE B 357 -10.61 18.06 -23.66
N ALA B 358 -11.34 18.73 -22.79
CA ALA B 358 -12.18 18.02 -21.83
C ALA B 358 -13.49 17.62 -22.48
N ARG B 359 -13.76 16.32 -22.53
CA ARG B 359 -15.08 15.83 -22.91
C ARG B 359 -16.00 16.03 -21.73
N LEU B 360 -17.21 16.52 -21.98
CA LEU B 360 -18.04 16.99 -20.88
C LEU B 360 -18.74 15.84 -20.15
N GLY B 361 -19.52 15.05 -20.86
CA GLY B 361 -20.11 13.89 -20.21
C GLY B 361 -21.41 13.49 -20.89
N LYS B 362 -22.41 13.20 -20.06
CA LYS B 362 -23.69 12.70 -20.53
C LYS B 362 -24.71 13.78 -20.81
N GLY B 363 -24.44 15.02 -20.43
CA GLY B 363 -25.37 16.09 -20.69
C GLY B 363 -26.32 16.33 -19.54
N PHE B 364 -27.49 16.86 -19.83
CA PHE B 364 -28.47 17.17 -18.80
C PHE B 364 -29.80 16.54 -19.18
N MET B 365 -30.65 16.30 -18.19
CA MET B 365 -31.94 15.66 -18.43
C MET B 365 -33.05 16.70 -18.30
N ILE B 366 -33.85 16.85 -19.36
CA ILE B 366 -34.99 17.74 -19.33
C ILE B 366 -36.26 16.90 -19.18
N THR B 367 -37.12 17.30 -18.23
CA THR B 367 -38.31 16.55 -17.91
C THR B 367 -39.52 17.46 -17.94
N SER B 368 -40.65 16.87 -18.33
CA SER B 368 -41.98 17.48 -18.21
C SER B 368 -42.71 16.81 -17.06
N LYS B 369 -43.04 17.59 -16.03
CA LYS B 369 -43.63 17.03 -14.82
C LYS B 369 -45.11 16.76 -14.97
N THR B 370 -45.83 17.60 -15.72
CA THR B 370 -47.26 17.38 -15.93
C THR B 370 -47.48 16.16 -16.83
N LYS B 371 -46.78 16.11 -17.96
CA LYS B 371 -46.91 15.00 -18.87
C LYS B 371 -46.14 13.76 -18.43
N ARG B 372 -45.25 13.92 -17.43
CA ARG B 372 -44.37 12.88 -16.90
C ARG B 372 -43.52 12.24 -18.00
N LEU B 373 -42.71 13.08 -18.63
CA LEU B 373 -41.80 12.64 -19.67
C LEU B 373 -40.40 13.11 -19.32
N LYS B 374 -39.39 12.45 -19.89
CA LYS B 374 -38.02 12.88 -19.68
C LYS B 374 -37.18 12.52 -20.89
N ALA B 375 -36.10 13.28 -21.09
CA ALA B 375 -35.17 13.01 -22.18
C ALA B 375 -33.79 13.50 -21.79
N GLN B 376 -32.78 12.89 -22.40
CA GLN B 376 -31.39 13.17 -22.08
C GLN B 376 -30.79 13.99 -23.21
N ILE B 377 -30.53 15.27 -22.93
CA ILE B 377 -29.84 16.20 -23.82
C ILE B 377 -28.35 15.93 -23.76
N PRO B 378 -27.73 15.46 -24.84
CA PRO B 378 -26.29 15.21 -24.84
C PRO B 378 -25.52 16.52 -24.89
N CYS B 379 -24.21 16.39 -24.74
CA CYS B 379 -23.31 17.54 -24.72
C CYS B 379 -23.09 18.23 -26.07
N PRO B 380 -23.14 17.57 -27.24
CA PRO B 380 -23.21 18.36 -28.47
C PRO B 380 -24.42 19.27 -28.57
N ASP B 381 -25.58 18.82 -28.09
CA ASP B 381 -26.82 19.57 -28.20
C ASP B 381 -27.09 20.43 -26.97
N LEU B 382 -26.05 20.86 -26.27
CA LEU B 382 -26.23 21.61 -25.03
C LEU B 382 -26.76 23.00 -25.29
N PHE B 383 -26.35 23.64 -26.38
CA PHE B 383 -26.76 24.98 -26.71
C PHE B 383 -27.81 25.03 -27.81
N SER B 384 -28.32 23.87 -28.25
CA SER B 384 -29.41 23.81 -29.21
C SER B 384 -30.76 23.76 -28.52
N ILE B 385 -30.97 24.68 -27.60
CA ILE B 385 -32.14 24.77 -26.73
C ILE B 385 -32.04 26.14 -26.08
N PRO B 386 -33.14 26.86 -25.88
CA PRO B 386 -33.07 28.15 -25.19
C PRO B 386 -32.62 28.00 -23.75
N LEU B 387 -31.77 28.92 -23.30
CA LEU B 387 -31.19 28.85 -21.97
C LEU B 387 -32.20 29.11 -20.85
N GLU B 388 -33.40 29.59 -21.19
CA GLU B 388 -34.48 29.72 -20.22
C GLU B 388 -35.13 28.39 -19.89
N ARG B 389 -34.70 27.29 -20.50
CA ARG B 389 -35.18 25.96 -20.19
C ARG B 389 -34.22 25.18 -19.30
N TYR B 390 -33.22 25.84 -18.74
CA TYR B 390 -32.35 25.28 -17.70
C TYR B 390 -32.67 25.96 -16.38
N ASN B 391 -32.19 25.36 -15.29
CA ASN B 391 -32.35 26.01 -14.00
C ASN B 391 -31.30 27.11 -13.85
N GLU B 392 -31.35 27.81 -12.72
CA GLU B 392 -30.55 29.03 -12.53
C GLU B 392 -29.06 28.74 -12.53
N GLU B 393 -28.65 27.69 -11.82
CA GLU B 393 -27.23 27.37 -11.69
C GLU B 393 -26.65 26.83 -13.00
N THR B 394 -27.40 25.98 -13.70
CA THR B 394 -26.91 25.42 -14.96
C THR B 394 -26.88 26.47 -16.06
N ARG B 395 -27.85 27.38 -16.07
CA ARG B 395 -27.82 28.47 -17.04
C ARG B 395 -26.67 29.43 -16.77
N ALA B 396 -26.36 29.66 -15.49
CA ALA B 396 -25.20 30.46 -15.14
C ALA B 396 -23.90 29.79 -15.57
N LYS B 397 -23.82 28.46 -15.50
CA LYS B 397 -22.63 27.77 -15.99
C LYS B 397 -22.54 27.78 -17.50
N LEU B 398 -23.68 27.61 -18.19
CA LEU B 398 -23.66 27.57 -19.64
C LEU B 398 -23.44 28.94 -20.27
N LYS B 399 -23.68 30.03 -19.51
CA LYS B 399 -23.28 31.34 -20.01
C LYS B 399 -21.77 31.51 -19.99
N LYS B 400 -21.08 30.90 -19.02
CA LYS B 400 -19.64 31.07 -18.88
C LYS B 400 -18.83 30.02 -19.64
N LEU B 401 -19.42 28.87 -19.96
CA LEU B 401 -18.72 27.87 -20.76
C LEU B 401 -18.59 28.28 -22.21
N LYS B 402 -19.45 29.18 -22.69
CA LYS B 402 -19.57 29.43 -24.12
C LYS B 402 -18.33 29.97 -24.86
N PRO B 403 -17.43 30.79 -24.29
CA PRO B 403 -16.19 31.11 -25.02
C PRO B 403 -15.18 29.98 -25.12
N PHE B 404 -15.44 28.80 -24.54
CA PHE B 404 -14.51 27.68 -24.61
C PHE B 404 -15.16 26.39 -25.09
N PHE B 405 -16.36 26.45 -25.63
CA PHE B 405 -17.11 25.26 -25.98
C PHE B 405 -16.83 24.89 -27.43
N ASN B 406 -16.19 23.74 -27.65
CA ASN B 406 -16.00 23.25 -29.00
C ASN B 406 -17.32 22.69 -29.53
N GLU B 407 -17.55 22.88 -30.83
CA GLU B 407 -18.88 22.68 -31.40
C GLU B 407 -19.28 21.21 -31.47
N GLU B 408 -18.33 20.28 -31.36
CA GLU B 408 -18.63 18.86 -31.36
C GLU B 408 -18.93 18.32 -29.97
N GLY B 409 -19.13 19.19 -28.99
CA GLY B 409 -19.58 18.79 -27.68
C GLY B 409 -18.52 18.69 -26.60
N THR B 410 -17.33 19.20 -26.86
CA THR B 410 -16.23 19.16 -25.91
C THR B 410 -15.87 20.58 -25.50
N ALA B 411 -14.85 20.71 -24.68
CA ALA B 411 -14.43 22.04 -24.22
C ALA B 411 -12.92 22.14 -24.26
N SER B 412 -12.43 23.34 -24.52
CA SER B 412 -11.00 23.59 -24.49
C SER B 412 -10.57 23.85 -23.06
N LEU B 413 -9.56 23.13 -22.61
CA LEU B 413 -9.05 23.29 -21.25
C LEU B 413 -7.53 23.34 -21.35
N SER B 414 -6.98 24.53 -21.54
CA SER B 414 -5.53 24.66 -21.61
C SER B 414 -4.84 24.75 -20.24
N PRO B 415 -5.23 25.59 -19.28
CA PRO B 415 -4.50 25.60 -18.01
C PRO B 415 -4.97 24.50 -17.08
N GLY B 416 -4.22 24.30 -16.01
CA GLY B 416 -4.58 23.34 -15.00
C GLY B 416 -4.31 21.90 -15.37
N MET B 417 -3.95 21.09 -14.38
CA MET B 417 -3.69 19.66 -14.56
C MET B 417 -4.88 18.90 -14.00
N MET B 418 -5.80 18.50 -14.89
CA MET B 418 -7.06 17.93 -14.46
C MET B 418 -6.86 16.54 -13.84
N MET B 419 -7.24 16.42 -12.57
CA MET B 419 -7.27 15.21 -11.74
C MET B 419 -5.88 14.68 -11.37
N GLY B 420 -4.82 15.25 -11.94
CA GLY B 420 -3.50 14.82 -11.56
C GLY B 420 -2.72 14.17 -12.68
N MET B 421 -2.44 12.87 -12.52
CA MET B 421 -1.52 12.05 -13.32
C MET B 421 -0.07 12.53 -13.28
N PHE B 422 0.23 13.53 -12.45
CA PHE B 422 1.55 14.07 -12.20
C PHE B 422 1.73 14.28 -10.70
N ASN B 423 1.38 13.27 -9.92
CA ASN B 423 1.34 13.41 -8.47
C ASN B 423 2.73 13.47 -7.85
N MET B 424 3.75 13.01 -8.56
CA MET B 424 5.11 13.10 -8.05
C MET B 424 5.85 14.30 -8.59
N LEU B 425 5.48 14.81 -9.77
CA LEU B 425 6.13 16.02 -10.29
C LEU B 425 5.62 17.26 -9.58
N SER B 426 4.34 17.27 -9.19
CA SER B 426 3.83 18.34 -8.35
C SER B 426 4.40 18.27 -6.94
N THR B 427 4.73 17.06 -6.47
CA THR B 427 5.47 16.90 -5.24
C THR B 427 6.88 17.49 -5.37
N VAL B 428 7.50 17.31 -6.53
CA VAL B 428 8.82 17.90 -6.79
C VAL B 428 8.75 19.42 -6.80
N LEU B 429 7.67 19.97 -7.37
CA LEU B 429 7.48 21.42 -7.37
C LEU B 429 7.23 21.95 -5.96
N GLY B 430 6.48 21.21 -5.15
CA GLY B 430 6.26 21.63 -3.77
C GLY B 430 7.51 21.52 -2.92
N VAL B 431 8.34 20.50 -3.17
CA VAL B 431 9.60 20.35 -2.45
C VAL B 431 10.57 21.46 -2.85
N ALA B 432 10.57 21.84 -4.13
CA ALA B 432 11.37 22.97 -4.60
C ALA B 432 10.89 24.28 -4.00
N ALA B 433 9.60 24.38 -3.69
CA ALA B 433 9.14 25.52 -2.89
C ALA B 433 9.60 25.42 -1.45
N LEU B 434 9.71 24.20 -0.91
CA LEU B 434 10.08 24.01 0.48
C LEU B 434 11.57 24.24 0.75
N GLY B 435 12.42 24.06 -0.25
CA GLY B 435 13.84 24.12 -0.01
C GLY B 435 14.48 25.49 -0.04
N ILE B 436 13.71 26.55 -0.22
CA ILE B 436 14.27 27.89 -0.34
C ILE B 436 14.70 28.41 1.03
N LYS B 437 13.88 28.18 2.05
CA LYS B 437 14.17 28.27 3.48
C LYS B 437 14.34 29.69 4.02
N ASN B 438 14.41 30.70 3.14
CA ASN B 438 14.64 32.07 3.54
C ASN B 438 14.40 32.98 2.35
N ILE B 439 13.83 34.15 2.61
CA ILE B 439 13.72 35.22 1.62
C ILE B 439 14.29 36.48 2.25
N GLY B 440 15.23 37.12 1.57
CA GLY B 440 15.69 38.44 1.95
C GLY B 440 16.57 38.47 3.18
N ASN B 441 17.23 37.35 3.50
CA ASN B 441 18.16 37.20 4.62
C ASN B 441 17.51 37.48 5.99
N LYS B 442 16.20 37.34 6.09
CA LYS B 442 15.52 37.53 7.36
C LYS B 442 15.78 36.34 8.28
N GLU B 443 15.49 36.53 9.56
CA GLU B 443 15.95 35.61 10.59
C GLU B 443 14.88 34.56 10.91
N TYR B 444 14.63 33.71 9.93
CA TYR B 444 13.85 32.49 10.12
C TYR B 444 14.43 31.41 9.22
N LEU B 445 13.94 30.19 9.41
CA LEU B 445 14.28 29.10 8.50
C LEU B 445 13.10 28.15 8.45
N TRP B 446 12.63 27.81 7.25
CA TRP B 446 11.56 26.85 7.13
C TRP B 446 12.06 25.57 6.47
N ASP B 447 11.31 24.50 6.70
CA ASP B 447 11.36 23.28 5.92
C ASP B 447 9.99 22.63 6.06
N GLY B 448 9.84 21.39 5.62
CA GLY B 448 8.55 20.75 5.80
C GLY B 448 8.45 19.42 5.09
N LEU B 449 7.22 18.98 4.94
CA LEU B 449 6.86 17.72 4.29
C LEU B 449 5.83 18.00 3.22
N GLN B 450 5.88 17.23 2.14
CA GLN B 450 5.00 17.49 1.00
C GLN B 450 4.60 16.18 0.33
N SER B 451 3.32 15.83 0.41
CA SER B 451 2.70 14.91 -0.51
C SER B 451 1.93 15.74 -1.53
N SER B 452 1.19 15.05 -2.42
CA SER B 452 0.82 15.54 -3.75
C SER B 452 0.15 16.90 -3.73
N ASP B 453 -0.74 17.15 -2.77
CA ASP B 453 -1.30 18.47 -2.56
C ASP B 453 -1.37 18.82 -1.08
N ASP B 454 -0.50 18.21 -0.27
CA ASP B 454 -0.63 18.27 1.17
C ASP B 454 0.74 18.62 1.77
N PHE B 455 0.81 19.68 2.53
CA PHE B 455 2.09 20.06 3.10
C PHE B 455 2.00 20.19 4.62
N ALA B 456 3.17 20.25 5.23
CA ALA B 456 3.30 20.55 6.65
C ALA B 456 4.57 21.35 6.81
N LEU B 457 4.47 22.56 7.34
CA LEU B 457 5.57 23.52 7.26
C LEU B 457 6.12 23.82 8.65
N PHE B 458 7.40 23.58 8.86
CA PHE B 458 8.07 23.85 10.12
C PHE B 458 8.93 25.10 9.96
N VAL B 459 8.76 26.06 10.87
CA VAL B 459 9.47 27.33 10.83
C VAL B 459 10.14 27.56 12.18
N ASN B 460 11.47 27.68 12.17
CA ASN B 460 12.24 28.04 13.35
C ASN B 460 12.65 29.50 13.25
N ALA B 461 12.35 30.29 14.27
CA ALA B 461 12.72 31.69 14.26
C ALA B 461 12.97 32.14 15.68
N LYS B 462 13.06 33.46 15.87
CA LYS B 462 13.34 34.01 17.19
C LYS B 462 12.09 34.01 18.06
N ASP B 463 11.06 34.72 17.64
CA ASP B 463 9.78 34.74 18.32
C ASP B 463 8.68 34.37 17.33
N GLU B 464 7.43 34.43 17.80
CA GLU B 464 6.31 33.97 16.99
C GLU B 464 5.98 34.93 15.86
N GLU B 465 6.30 36.22 16.03
CA GLU B 465 6.03 37.19 14.98
C GLU B 465 6.95 36.99 13.78
N THR B 466 8.21 36.62 14.05
CA THR B 466 9.12 36.26 12.97
C THR B 466 8.70 34.96 12.30
N CYS B 467 8.11 34.03 13.05
CA CYS B 467 7.56 32.82 12.45
C CYS B 467 6.42 33.13 11.52
N MET B 468 5.52 34.04 11.92
CA MET B 468 4.42 34.40 11.04
C MET B 468 4.90 35.20 9.84
N GLU B 469 5.98 35.97 9.99
CA GLU B 469 6.60 36.61 8.84
C GLU B 469 7.18 35.59 7.87
N GLY B 470 7.77 34.52 8.39
CA GLY B 470 8.25 33.45 7.52
C GLY B 470 7.13 32.68 6.85
N ILE B 471 6.01 32.50 7.54
CA ILE B 471 4.86 31.84 6.94
C ILE B 471 4.23 32.72 5.86
N ASN B 472 4.21 34.04 6.09
CA ASN B 472 3.73 34.98 5.08
C ASN B 472 4.62 34.98 3.85
N ASP B 473 5.94 34.92 4.04
CA ASP B 473 6.83 34.83 2.89
C ASP B 473 6.72 33.50 2.18
N PHE B 474 6.44 32.41 2.91
CA PHE B 474 6.20 31.12 2.27
C PHE B 474 4.95 31.15 1.42
N TYR B 475 3.90 31.82 1.92
CA TYR B 475 2.67 31.98 1.15
C TYR B 475 2.90 32.77 -0.13
N ARG B 476 3.59 33.92 0.00
CA ARG B 476 3.87 34.75 -1.17
C ARG B 476 4.83 34.07 -2.15
N THR B 477 5.76 33.26 -1.64
CA THR B 477 6.66 32.50 -2.51
C THR B 477 5.90 31.43 -3.27
N CYS B 478 5.00 30.72 -2.60
CA CYS B 478 4.21 29.69 -3.26
C CYS B 478 3.23 30.26 -4.26
N LYS B 479 2.82 31.52 -4.09
CA LYS B 479 2.03 32.19 -5.14
C LYS B 479 2.80 32.31 -6.45
N LEU B 480 4.13 32.44 -6.38
CA LEU B 480 4.96 32.60 -7.57
C LEU B 480 5.15 31.30 -8.34
N LEU B 481 4.93 30.15 -7.73
CA LEU B 481 5.11 28.88 -8.41
C LEU B 481 3.78 28.24 -8.82
N GLY B 482 2.66 28.89 -8.53
CA GLY B 482 1.37 28.33 -8.83
C GLY B 482 0.78 27.51 -7.71
N ILE B 483 1.25 27.68 -6.48
CA ILE B 483 0.78 26.92 -5.33
C ILE B 483 -0.06 27.86 -4.49
N ASN B 484 -1.37 27.68 -4.53
CA ASN B 484 -2.30 28.50 -3.77
C ASN B 484 -2.63 27.75 -2.48
N MET B 485 -2.00 28.17 -1.39
CA MET B 485 -2.22 27.53 -0.10
C MET B 485 -3.58 27.92 0.44
N SER B 486 -4.33 26.94 0.94
CA SER B 486 -5.67 27.20 1.47
C SER B 486 -5.57 27.96 2.77
N LYS B 487 -6.54 28.84 3.00
CA LYS B 487 -6.62 29.58 4.25
C LYS B 487 -7.81 29.18 5.11
N LYS B 488 -8.87 28.64 4.52
CA LYS B 488 -9.98 28.11 5.27
C LYS B 488 -9.72 26.73 5.85
N LYS B 489 -8.58 26.11 5.53
CA LYS B 489 -8.29 24.76 6.00
C LYS B 489 -6.92 24.62 6.63
N SER B 490 -6.03 25.60 6.49
CA SER B 490 -4.71 25.53 7.09
C SER B 490 -4.71 26.29 8.41
N TYR B 491 -4.05 25.73 9.41
CA TYR B 491 -3.86 26.41 10.67
C TYR B 491 -2.43 26.16 11.13
N CYS B 492 -2.05 26.80 12.22
CA CYS B 492 -0.65 26.79 12.61
C CYS B 492 -0.56 26.83 14.13
N ASN B 493 0.19 25.88 14.69
CA ASN B 493 0.39 25.85 16.13
C ASN B 493 1.86 25.68 16.43
N GLU B 494 2.23 25.51 17.69
CA GLU B 494 3.62 25.25 18.02
C GLU B 494 3.99 23.82 17.65
N THR B 495 5.29 23.57 17.53
CA THR B 495 5.76 22.26 17.12
C THR B 495 5.56 21.25 18.23
N GLY B 496 5.00 20.10 17.87
CA GLY B 496 4.74 19.04 18.82
C GLY B 496 3.48 18.26 18.50
N MET B 497 2.57 18.88 17.75
CA MET B 497 1.40 18.16 17.24
C MET B 497 0.95 18.82 15.94
N PHE B 498 0.68 17.99 14.95
CA PHE B 498 0.17 18.47 13.65
C PHE B 498 -0.56 17.33 12.98
N GLU B 499 -0.97 17.55 11.73
CA GLU B 499 -1.70 16.57 10.94
C GLU B 499 -1.15 16.61 9.53
N PHE B 500 -1.01 15.43 8.92
CA PHE B 500 -0.48 15.34 7.56
C PHE B 500 -1.00 14.06 6.93
N THR B 501 -1.75 14.21 5.84
CA THR B 501 -2.35 13.12 5.05
C THR B 501 -3.14 12.15 5.92
N SER B 502 -4.00 12.72 6.76
CA SER B 502 -4.80 12.00 7.76
C SER B 502 -3.96 11.16 8.71
N MET B 503 -2.75 11.60 9.01
CA MET B 503 -1.94 11.06 10.09
C MET B 503 -1.78 12.15 11.13
N PHE B 504 -2.04 11.80 12.39
CA PHE B 504 -2.15 12.80 13.46
C PHE B 504 -0.97 12.65 14.40
N TYR B 505 0.01 13.54 14.27
CA TYR B 505 1.18 13.50 15.12
C TYR B 505 0.88 14.26 16.40
N ARG B 506 0.99 13.58 17.54
CA ARG B 506 0.96 14.22 18.86
C ARG B 506 2.06 13.54 19.67
N ASP B 507 3.26 14.15 19.64
CA ASP B 507 4.48 13.61 20.26
C ASP B 507 4.76 12.18 19.80
N GLY B 508 4.62 11.96 18.50
CA GLY B 508 4.63 10.63 17.94
C GLY B 508 3.33 10.41 17.22
N PHE B 509 3.35 9.62 16.15
CA PHE B 509 2.15 9.36 15.36
C PHE B 509 1.21 8.44 16.13
N VAL B 510 -0.02 8.89 16.33
CA VAL B 510 -1.00 8.10 17.06
C VAL B 510 -1.71 7.16 16.09
N SER B 511 -2.35 6.14 16.65
CA SER B 511 -3.09 5.17 15.85
C SER B 511 -4.47 5.71 15.53
N ASN B 512 -4.95 5.37 14.33
CA ASN B 512 -6.26 5.79 13.86
C ASN B 512 -6.92 4.54 13.29
N PHE B 513 -7.65 3.82 14.14
CA PHE B 513 -8.22 2.53 13.75
C PHE B 513 -9.42 2.68 12.83
N ALA B 514 -10.09 3.83 12.86
CA ALA B 514 -11.34 3.99 12.13
C ALA B 514 -11.13 4.03 10.62
N MET B 515 -10.01 4.60 10.16
CA MET B 515 -9.75 4.72 8.73
C MET B 515 -9.52 3.38 8.05
N GLU B 516 -9.15 2.35 8.80
CA GLU B 516 -9.03 1.01 8.27
C GLU B 516 -10.25 0.15 8.59
N LEU B 517 -11.30 0.76 9.11
CA LEU B 517 -12.52 0.02 9.46
C LEU B 517 -13.36 -0.45 8.28
N PRO B 518 -13.52 0.28 7.16
CA PRO B 518 -14.26 -0.31 6.02
C PRO B 518 -13.58 -1.48 5.34
N SER B 519 -12.30 -1.74 5.58
CA SER B 519 -11.63 -2.86 4.95
C SER B 519 -11.86 -4.18 5.67
N PHE B 520 -12.55 -4.16 6.81
CA PHE B 520 -12.70 -5.33 7.67
C PHE B 520 -13.80 -6.27 7.23
N GLY B 521 -14.51 -5.97 6.16
CA GLY B 521 -15.61 -6.81 5.74
C GLY B 521 -15.14 -7.98 4.88
N VAL B 522 -16.11 -8.71 4.36
CA VAL B 522 -15.82 -9.73 3.36
C VAL B 522 -15.37 -9.02 2.10
N ALA B 523 -14.19 -9.38 1.60
CA ALA B 523 -13.60 -8.65 0.48
C ALA B 523 -14.31 -8.95 -0.84
N GLY B 524 -14.73 -10.18 -1.05
CA GLY B 524 -15.50 -10.49 -2.24
C GLY B 524 -14.69 -10.96 -3.42
N VAL B 525 -13.79 -11.92 -3.20
CA VAL B 525 -13.09 -12.57 -4.32
C VAL B 525 -13.75 -13.92 -4.56
N ASN B 526 -13.64 -14.81 -3.58
CA ASN B 526 -14.43 -16.03 -3.48
C ASN B 526 -14.40 -16.47 -2.01
N GLU B 527 -14.84 -17.70 -1.74
CA GLU B 527 -14.86 -18.18 -0.36
C GLU B 527 -13.46 -18.46 0.15
N SER B 528 -12.57 -18.92 -0.73
CA SER B 528 -11.23 -19.29 -0.31
C SER B 528 -10.39 -18.05 -0.01
N ALA B 529 -10.46 -17.05 -0.87
CA ALA B 529 -9.60 -15.89 -0.72
C ALA B 529 -10.07 -14.95 0.36
N ASP B 530 -11.38 -14.90 0.64
CA ASP B 530 -11.89 -13.91 1.58
C ASP B 530 -11.53 -14.23 3.02
N MET B 531 -11.43 -15.52 3.38
CA MET B 531 -11.01 -15.88 4.72
C MET B 531 -9.55 -15.53 4.96
N ALA B 532 -8.70 -15.78 3.96
CA ALA B 532 -7.28 -15.42 4.05
C ALA B 532 -7.10 -13.92 4.10
N ILE B 533 -7.85 -13.17 3.27
CA ILE B 533 -7.81 -11.72 3.28
C ILE B 533 -8.28 -11.17 4.62
N GLY B 534 -9.33 -11.76 5.20
CA GLY B 534 -9.85 -11.27 6.46
C GLY B 534 -8.92 -11.51 7.63
N MET B 535 -8.33 -12.69 7.70
CA MET B 535 -7.38 -12.96 8.78
C MET B 535 -6.09 -12.17 8.60
N THR B 536 -5.63 -11.97 7.37
CA THR B 536 -4.48 -11.11 7.12
C THR B 536 -4.78 -9.66 7.50
N ILE B 537 -6.01 -9.20 7.31
CA ILE B 537 -6.38 -7.83 7.66
C ILE B 537 -6.41 -7.65 9.17
N ILE B 538 -6.96 -8.63 9.91
CA ILE B 538 -6.97 -8.57 11.37
C ILE B 538 -5.55 -8.63 11.93
N LYS B 539 -4.69 -9.45 11.31
CA LYS B 539 -3.29 -9.56 11.73
C LYS B 539 -2.54 -8.25 11.50
N ASN B 540 -2.69 -7.67 10.31
CA ASN B 540 -2.02 -6.42 9.95
C ASN B 540 -2.52 -5.26 10.79
N ASN B 541 -3.78 -5.26 11.21
CA ASN B 541 -4.26 -4.20 12.08
C ASN B 541 -3.84 -4.41 13.53
N MET B 542 -3.56 -5.66 13.93
CA MET B 542 -2.96 -5.86 15.24
C MET B 542 -1.53 -5.35 15.27
N ILE B 543 -0.78 -5.56 14.18
CA ILE B 543 0.59 -5.04 14.13
C ILE B 543 0.60 -3.52 13.99
N ASN B 544 -0.03 -3.02 12.93
CA ASN B 544 0.13 -1.61 12.56
C ASN B 544 -0.75 -0.68 13.39
N ASN B 545 -2.07 -0.85 13.30
CA ASN B 545 -3.02 0.19 13.65
C ASN B 545 -3.54 0.09 15.08
N GLY B 546 -2.80 -0.56 15.97
CA GLY B 546 -3.08 -0.51 17.39
C GLY B 546 -4.34 -1.21 17.86
N MET B 547 -4.67 -2.36 17.29
CA MET B 547 -5.82 -3.15 17.70
C MET B 547 -5.38 -4.20 18.72
N GLY B 548 -6.03 -4.22 19.87
CA GLY B 548 -5.63 -5.09 20.95
C GLY B 548 -6.07 -6.52 20.72
N PRO B 549 -5.80 -7.37 21.71
CA PRO B 549 -6.19 -8.79 21.57
C PRO B 549 -7.68 -9.03 21.65
N ALA B 550 -8.39 -8.32 22.54
CA ALA B 550 -9.83 -8.50 22.68
C ALA B 550 -10.57 -7.98 21.45
N THR B 551 -10.12 -6.85 20.89
CA THR B 551 -10.74 -6.36 19.68
C THR B 551 -10.40 -7.23 18.49
N ALA B 552 -9.24 -7.88 18.49
CA ALA B 552 -8.91 -8.78 17.40
C ALA B 552 -9.77 -10.04 17.44
N GLN B 553 -10.03 -10.57 18.64
CA GLN B 553 -10.90 -11.74 18.73
C GLN B 553 -12.35 -11.40 18.46
N THR B 554 -12.79 -10.20 18.86
CA THR B 554 -14.10 -9.72 18.44
C THR B 554 -14.19 -9.54 16.94
N ALA B 555 -13.09 -9.13 16.30
CA ALA B 555 -13.06 -9.02 14.86
C ALA B 555 -13.11 -10.38 14.18
N ILE B 556 -12.51 -11.40 14.79
CA ILE B 556 -12.61 -12.76 14.26
C ILE B 556 -14.05 -13.26 14.32
N GLN B 557 -14.73 -13.02 15.45
CA GLN B 557 -16.13 -13.42 15.60
C GLN B 557 -17.04 -12.68 14.61
N LEU B 558 -16.85 -11.36 14.48
CA LEU B 558 -17.65 -10.58 13.54
C LEU B 558 -17.37 -10.95 12.10
N PHE B 559 -16.12 -11.27 11.77
CA PHE B 559 -15.81 -11.65 10.40
C PHE B 559 -16.41 -13.01 10.06
N ILE B 560 -16.40 -13.96 11.00
CA ILE B 560 -16.98 -15.26 10.69
C ILE B 560 -18.50 -15.17 10.62
N ALA B 561 -19.11 -14.27 11.42
CA ALA B 561 -20.55 -14.06 11.33
C ALA B 561 -20.95 -13.42 10.00
N ASP B 562 -20.23 -12.38 9.57
CA ASP B 562 -20.50 -11.77 8.28
C ASP B 562 -20.18 -12.71 7.12
N TYR B 563 -19.16 -13.55 7.27
CA TYR B 563 -18.79 -14.54 6.27
C TYR B 563 -19.88 -15.58 6.09
N ARG B 564 -20.45 -16.05 7.20
CA ARG B 564 -21.52 -17.03 7.14
C ARG B 564 -22.80 -16.42 6.58
N TYR B 565 -23.11 -15.18 6.93
CA TYR B 565 -24.32 -14.58 6.38
C TYR B 565 -24.14 -14.12 4.93
N THR B 566 -22.92 -13.85 4.50
CA THR B 566 -22.67 -13.52 3.10
C THR B 566 -22.77 -14.75 2.22
N TYR B 567 -22.00 -15.78 2.54
CA TYR B 567 -21.88 -16.94 1.68
C TYR B 567 -22.87 -18.04 1.98
N LYS B 568 -23.80 -17.79 2.91
CA LYS B 568 -24.92 -18.69 3.25
C LYS B 568 -24.43 -20.07 3.69
N CYS B 569 -23.40 -20.09 4.54
CA CYS B 569 -22.82 -21.33 5.02
C CYS B 569 -22.74 -21.27 6.54
N HIS B 570 -23.85 -21.54 7.21
CA HIS B 570 -23.82 -21.58 8.66
C HIS B 570 -23.34 -22.95 9.11
N ARG B 571 -23.27 -23.15 10.42
CA ARG B 571 -22.84 -24.44 10.95
C ARG B 571 -23.85 -25.53 10.63
N GLY B 572 -23.36 -26.76 10.51
CA GLY B 572 -24.22 -27.87 10.16
C GLY B 572 -25.17 -28.27 11.26
N ASP B 573 -24.77 -28.07 12.52
CA ASP B 573 -25.68 -28.35 13.62
C ASP B 573 -26.60 -27.19 13.94
N SER B 574 -26.42 -26.05 13.28
CA SER B 574 -27.43 -25.00 13.32
C SER B 574 -28.59 -25.39 12.43
N LYS B 575 -29.72 -24.72 12.62
CA LYS B 575 -30.95 -25.10 11.97
C LYS B 575 -31.44 -24.02 11.00
N VAL B 576 -30.52 -23.30 10.38
CA VAL B 576 -30.90 -22.31 9.37
C VAL B 576 -31.34 -23.02 8.10
N GLU B 577 -32.15 -22.33 7.31
CA GLU B 577 -32.69 -22.86 6.07
C GLU B 577 -32.08 -22.13 4.88
N GLY B 578 -32.27 -22.72 3.70
CA GLY B 578 -31.73 -22.16 2.48
C GLY B 578 -31.40 -23.27 1.50
N LYS B 579 -31.05 -22.85 0.28
CA LYS B 579 -30.73 -23.81 -0.77
C LYS B 579 -29.38 -24.48 -0.56
N ARG B 580 -28.50 -23.88 0.22
CA ARG B 580 -27.19 -24.45 0.46
C ARG B 580 -27.12 -25.24 1.76
N MET B 581 -27.90 -24.84 2.77
CA MET B 581 -27.86 -25.51 4.06
C MET B 581 -28.47 -26.89 4.03
N LYS B 582 -29.31 -27.19 3.02
CA LYS B 582 -29.86 -28.52 2.85
C LYS B 582 -28.79 -29.55 2.51
N ILE B 583 -27.69 -29.13 1.90
CA ILE B 583 -26.57 -30.03 1.65
C ILE B 583 -25.47 -29.90 2.69
N ILE B 584 -25.38 -28.76 3.37
CA ILE B 584 -24.42 -28.60 4.45
C ILE B 584 -24.81 -29.48 5.65
N LYS B 585 -26.12 -29.61 5.91
CA LYS B 585 -26.55 -30.52 6.96
C LYS B 585 -26.34 -31.98 6.58
N GLU B 586 -26.45 -32.30 5.29
CA GLU B 586 -26.12 -33.64 4.81
C GLU B 586 -24.63 -33.92 4.95
N LEU B 587 -23.79 -32.91 4.74
CA LEU B 587 -22.36 -33.07 4.98
C LEU B 587 -22.06 -33.21 6.46
N TRP B 588 -22.83 -32.56 7.31
CA TRP B 588 -22.60 -32.65 8.74
C TRP B 588 -23.03 -34.01 9.29
N GLU B 589 -24.01 -34.65 8.67
CA GLU B 589 -24.42 -35.96 9.14
C GLU B 589 -23.56 -37.10 8.60
N ASN B 590 -22.83 -36.89 7.51
CA ASN B 590 -21.98 -37.93 6.95
C ASN B 590 -20.55 -37.90 7.49
N THR B 591 -20.08 -36.74 7.93
CA THR B 591 -18.69 -36.58 8.29
C THR B 591 -18.44 -37.05 9.72
N LYS B 592 -17.42 -37.87 9.90
CA LYS B 592 -16.98 -38.23 11.25
C LYS B 592 -15.97 -37.23 11.78
N GLY B 593 -15.10 -36.72 10.90
CA GLY B 593 -14.19 -35.66 11.28
C GLY B 593 -14.84 -34.30 11.08
N ARG B 594 -15.80 -33.95 11.94
CA ARG B 594 -16.55 -32.72 11.77
C ARG B 594 -15.76 -31.48 12.13
N ASP B 595 -14.66 -31.64 12.86
CA ASP B 595 -13.76 -30.54 13.14
C ASP B 595 -12.75 -30.32 12.03
N GLY B 596 -12.86 -31.04 10.92
CA GLY B 596 -11.96 -30.87 9.81
C GLY B 596 -12.63 -30.20 8.64
N LEU B 597 -13.92 -29.92 8.76
CA LEU B 597 -14.64 -29.20 7.72
C LEU B 597 -14.24 -27.74 7.73
N LEU B 598 -14.24 -27.13 6.55
CA LEU B 598 -13.99 -25.71 6.46
C LEU B 598 -15.21 -24.93 6.94
N VAL B 599 -15.02 -23.63 7.18
CA VAL B 599 -16.13 -22.77 7.57
C VAL B 599 -17.13 -22.64 6.44
N ALA B 600 -16.66 -22.67 5.19
CA ALA B 600 -17.54 -22.61 4.03
C ALA B 600 -18.32 -23.89 3.80
N ASP B 601 -18.11 -24.93 4.59
CA ASP B 601 -18.87 -26.18 4.50
C ASP B 601 -19.58 -26.50 5.81
N GLY B 602 -19.72 -25.52 6.69
CA GLY B 602 -20.39 -25.74 7.94
C GLY B 602 -19.52 -26.16 9.09
N GLY B 603 -18.21 -26.09 8.95
CA GLY B 603 -17.33 -26.47 10.03
C GLY B 603 -17.25 -25.41 11.09
N PRO B 604 -16.55 -25.73 12.17
CA PRO B 604 -16.36 -24.75 13.24
C PRO B 604 -15.24 -23.77 12.93
N ASN B 605 -15.35 -22.58 13.51
CA ASN B 605 -14.27 -21.62 13.46
C ASN B 605 -13.13 -22.07 14.36
N ILE B 606 -11.92 -22.11 13.81
CA ILE B 606 -10.76 -22.63 14.54
C ILE B 606 -9.70 -21.56 14.76
N TYR B 607 -9.86 -20.38 14.18
CA TYR B 607 -8.86 -19.34 14.28
C TYR B 607 -8.86 -18.70 15.66
N ASN B 608 -7.67 -18.27 16.08
CA ASN B 608 -7.48 -17.42 17.24
C ASN B 608 -6.28 -16.54 16.92
N LEU B 609 -5.68 -15.93 17.93
CA LEU B 609 -4.60 -14.99 17.67
C LEU B 609 -3.32 -15.67 17.22
N ARG B 610 -3.09 -16.91 17.64
CA ARG B 610 -1.82 -17.56 17.37
C ARG B 610 -1.72 -18.14 15.98
N ASN B 611 -2.82 -18.26 15.25
CA ASN B 611 -2.80 -18.95 13.96
C ASN B 611 -3.52 -18.14 12.89
N LEU B 612 -3.39 -16.82 12.95
CA LEU B 612 -4.00 -15.98 11.91
C LEU B 612 -3.23 -16.06 10.60
N HIS B 613 -1.97 -16.47 10.63
CA HIS B 613 -1.10 -16.42 9.48
C HIS B 613 -1.04 -17.74 8.72
N ILE B 614 -1.81 -18.74 9.12
CA ILE B 614 -1.79 -20.05 8.47
C ILE B 614 -3.09 -20.21 7.70
N PRO B 615 -3.06 -20.74 6.47
CA PRO B 615 -4.29 -20.98 5.72
C PRO B 615 -5.21 -21.99 6.38
N GLU B 616 -6.47 -21.97 5.95
CA GLU B 616 -7.51 -22.75 6.63
C GLU B 616 -7.40 -24.23 6.31
N ILE B 617 -7.01 -24.57 5.08
CA ILE B 617 -6.84 -25.98 4.72
C ILE B 617 -5.63 -26.56 5.42
N VAL B 618 -4.57 -25.75 5.59
CA VAL B 618 -3.38 -26.20 6.28
C VAL B 618 -3.63 -26.35 7.78
N LEU B 619 -4.49 -25.51 8.34
CA LEU B 619 -4.85 -25.63 9.75
C LEU B 619 -5.68 -26.86 10.03
N LYS B 620 -6.38 -27.40 9.02
CA LYS B 620 -7.33 -28.48 9.21
C LYS B 620 -7.01 -29.71 8.36
N TYR B 621 -5.82 -29.82 7.77
CA TYR B 621 -5.53 -30.94 6.88
C TYR B 621 -5.38 -32.24 7.65
N ASN B 622 -4.88 -32.20 8.88
CA ASN B 622 -4.73 -33.39 9.69
C ASN B 622 -5.96 -33.70 10.52
N LEU B 623 -7.10 -33.08 10.22
CA LEU B 623 -8.36 -33.36 10.88
C LEU B 623 -9.45 -33.74 9.90
N MET B 624 -9.14 -33.84 8.61
CA MET B 624 -10.14 -34.07 7.57
C MET B 624 -10.41 -35.55 7.35
N ASP B 625 -11.61 -35.83 6.86
CA ASP B 625 -11.89 -37.12 6.27
C ASP B 625 -11.10 -37.25 4.96
N PRO B 626 -10.64 -38.46 4.63
CA PRO B 626 -9.94 -38.65 3.36
C PRO B 626 -10.83 -38.45 2.15
N GLU B 627 -12.13 -38.75 2.28
CA GLU B 627 -13.06 -38.47 1.19
C GLU B 627 -13.33 -36.98 1.07
N TYR B 628 -13.49 -36.29 2.19
CA TYR B 628 -13.71 -34.85 2.15
C TYR B 628 -12.47 -34.11 1.66
N LYS B 629 -11.29 -34.49 2.14
CA LYS B 629 -10.08 -33.85 1.66
C LYS B 629 -9.72 -34.28 0.25
N GLY B 630 -10.29 -35.38 -0.25
CA GLY B 630 -10.12 -35.74 -1.63
C GLY B 630 -11.00 -34.91 -2.53
N ARG B 631 -12.23 -34.66 -2.10
CA ARG B 631 -13.17 -33.90 -2.92
C ARG B 631 -12.91 -32.40 -2.86
N LEU B 632 -12.41 -31.89 -1.74
CA LEU B 632 -12.12 -30.47 -1.61
C LEU B 632 -10.86 -30.09 -2.38
N LEU B 633 -9.87 -30.97 -2.40
CA LEU B 633 -8.57 -30.70 -2.99
C LEU B 633 -8.37 -31.48 -4.28
N HIS B 634 -9.42 -31.53 -5.09
CA HIS B 634 -9.35 -32.24 -6.35
C HIS B 634 -8.44 -31.49 -7.33
N PRO B 635 -7.60 -32.21 -8.06
CA PRO B 635 -6.70 -31.53 -9.02
C PRO B 635 -7.45 -30.89 -10.18
N GLN B 636 -8.61 -31.44 -10.56
CA GLN B 636 -9.32 -31.02 -11.77
C GLN B 636 -10.75 -30.66 -11.43
N ASN B 637 -10.96 -29.89 -10.38
CA ASN B 637 -12.30 -29.42 -10.06
C ASN B 637 -12.75 -28.37 -11.06
N PRO B 638 -14.03 -28.36 -11.43
CA PRO B 638 -14.51 -27.42 -12.45
C PRO B 638 -14.69 -25.99 -11.97
N PHE B 639 -14.26 -25.64 -10.76
CA PHE B 639 -14.51 -24.32 -10.21
C PHE B 639 -13.33 -23.37 -10.32
N VAL B 640 -12.11 -23.91 -10.40
CA VAL B 640 -10.92 -23.07 -10.35
C VAL B 640 -10.68 -22.40 -11.69
N GLY B 641 -10.43 -23.18 -12.74
CA GLY B 641 -10.31 -22.65 -14.08
C GLY B 641 -8.89 -22.28 -14.47
N HIS B 642 -8.80 -21.55 -15.58
CA HIS B 642 -7.51 -21.11 -16.11
C HIS B 642 -6.89 -20.05 -15.21
N LEU B 643 -5.74 -20.35 -14.64
CA LEU B 643 -5.14 -19.55 -13.60
C LEU B 643 -4.02 -18.66 -14.15
N SER B 644 -4.02 -17.41 -13.73
CA SER B 644 -2.89 -16.52 -13.85
C SER B 644 -2.25 -16.36 -12.47
N ILE B 645 -1.00 -15.88 -12.44
CA ILE B 645 -0.26 -15.95 -11.20
C ILE B 645 -0.64 -14.83 -10.23
N GLU B 646 -1.09 -13.68 -10.74
CA GLU B 646 -1.49 -12.61 -9.84
C GLU B 646 -2.89 -12.81 -9.31
N GLY B 647 -3.74 -13.56 -10.03
CA GLY B 647 -5.03 -13.93 -9.49
C GLY B 647 -4.91 -14.89 -8.33
N ILE B 648 -3.97 -15.84 -8.42
CA ILE B 648 -3.65 -16.69 -7.28
C ILE B 648 -3.02 -15.87 -6.17
N LYS B 649 -2.17 -14.91 -6.53
CA LYS B 649 -1.39 -14.19 -5.53
C LYS B 649 -2.20 -13.09 -4.85
N GLU B 650 -2.68 -12.12 -5.62
CA GLU B 650 -3.07 -10.83 -5.07
C GLU B 650 -4.56 -10.52 -5.29
N ALA B 651 -5.00 -9.47 -4.59
CA ALA B 651 -6.32 -8.91 -4.75
C ALA B 651 -6.26 -7.44 -4.34
N ASP B 652 -6.96 -6.59 -5.07
CA ASP B 652 -6.87 -5.14 -4.90
C ASP B 652 -7.93 -4.66 -3.93
N ILE B 653 -7.50 -3.98 -2.86
CA ILE B 653 -8.39 -3.36 -1.90
C ILE B 653 -8.18 -1.85 -1.97
N THR B 654 -9.26 -1.11 -2.05
CA THR B 654 -9.17 0.34 -2.06
C THR B 654 -9.31 0.89 -0.65
N PRO B 655 -8.39 1.74 -0.19
CA PRO B 655 -8.57 2.41 1.09
C PRO B 655 -9.53 3.58 0.95
N ALA B 656 -9.99 4.08 2.10
CA ALA B 656 -10.89 5.22 2.12
C ALA B 656 -10.17 6.51 1.72
N HIS B 657 -8.84 6.55 1.84
CA HIS B 657 -8.05 7.73 1.48
C HIS B 657 -6.81 7.26 0.72
N GLY B 658 -6.85 7.39 -0.60
CA GLY B 658 -5.72 7.06 -1.43
C GLY B 658 -6.10 6.15 -2.59
N PRO B 659 -5.14 5.86 -3.46
CA PRO B 659 -5.41 4.95 -4.57
C PRO B 659 -5.39 3.49 -4.10
N VAL B 660 -5.80 2.61 -5.00
CA VAL B 660 -6.00 1.20 -4.69
C VAL B 660 -4.66 0.53 -4.40
N LYS B 661 -4.63 -0.34 -3.40
CA LYS B 661 -3.44 -1.10 -3.05
C LYS B 661 -3.74 -2.58 -3.17
N LYS B 662 -2.91 -3.29 -3.91
CA LYS B 662 -3.04 -4.74 -3.99
C LYS B 662 -2.36 -5.38 -2.80
N MET B 663 -3.04 -6.33 -2.17
CA MET B 663 -2.43 -7.12 -1.11
C MET B 663 -2.46 -8.59 -1.49
N ASP B 664 -1.48 -9.31 -0.99
CA ASP B 664 -1.20 -10.69 -1.37
C ASP B 664 -1.54 -11.61 -0.22
N TYR B 665 -2.32 -12.63 -0.50
CA TYR B 665 -2.79 -13.57 0.50
C TYR B 665 -2.21 -14.95 0.24
N ASP B 666 -2.47 -15.87 1.16
CA ASP B 666 -2.02 -17.25 1.06
C ASP B 666 -3.24 -18.16 1.16
N ALA B 667 -3.46 -18.96 0.12
CA ALA B 667 -4.61 -19.84 0.09
C ALA B 667 -4.29 -21.06 -0.75
N VAL B 668 -4.89 -22.18 -0.37
CA VAL B 668 -4.78 -23.42 -1.12
C VAL B 668 -5.89 -23.48 -2.15
N SER B 669 -5.54 -23.80 -3.39
CA SER B 669 -6.52 -23.84 -4.46
C SER B 669 -7.43 -25.05 -4.33
N GLY B 670 -8.59 -24.88 -3.67
CA GLY B 670 -9.56 -25.92 -3.52
C GLY B 670 -10.79 -25.70 -4.38
N THR B 671 -11.90 -26.30 -3.97
CA THR B 671 -13.15 -26.08 -4.68
C THR B 671 -13.83 -24.79 -4.29
N HIS B 672 -13.33 -24.09 -3.27
CA HIS B 672 -13.85 -22.81 -2.88
C HIS B 672 -13.14 -21.64 -3.55
N SER B 673 -12.21 -21.93 -4.46
CA SER B 673 -11.60 -20.89 -5.27
C SER B 673 -12.34 -20.74 -6.60
N TRP B 674 -13.66 -20.59 -6.53
CA TRP B 674 -14.44 -20.44 -7.73
C TRP B 674 -14.37 -19.00 -8.24
N ARG B 675 -14.94 -18.77 -9.42
CA ARG B 675 -15.00 -17.43 -9.99
C ARG B 675 -16.44 -17.11 -10.35
N THR B 676 -16.83 -15.86 -10.15
CA THR B 676 -18.19 -15.44 -10.45
C THR B 676 -18.40 -15.35 -11.95
N LYS B 677 -19.67 -15.39 -12.35
CA LYS B 677 -20.01 -15.38 -13.76
C LYS B 677 -19.77 -14.00 -14.37
N ARG B 678 -19.65 -13.99 -15.69
CA ARG B 678 -19.47 -12.74 -16.40
C ARG B 678 -20.78 -11.97 -16.43
N ASN B 679 -20.69 -10.66 -16.21
CA ASN B 679 -21.85 -9.78 -16.26
C ASN B 679 -22.44 -9.75 -17.66
N ARG B 680 -23.66 -10.25 -17.81
CA ARG B 680 -24.25 -10.48 -19.12
C ARG B 680 -25.05 -9.29 -19.63
N SER B 681 -24.77 -8.07 -19.16
CA SER B 681 -25.46 -6.90 -19.68
C SER B 681 -25.05 -6.56 -21.10
N ILE B 682 -23.90 -7.08 -21.55
CA ILE B 682 -23.42 -6.83 -22.89
C ILE B 682 -24.17 -7.62 -23.95
N LEU B 683 -25.01 -8.58 -23.55
CA LEU B 683 -25.76 -9.38 -24.52
C LEU B 683 -26.92 -8.63 -25.14
N ASN B 684 -27.30 -7.47 -24.60
CA ASN B 684 -28.36 -6.66 -25.17
C ASN B 684 -27.86 -5.41 -25.87
N THR B 685 -26.61 -5.01 -25.63
CA THR B 685 -26.07 -3.78 -26.18
C THR B 685 -25.56 -4.02 -27.60
N ASP B 686 -24.81 -3.06 -28.12
CA ASP B 686 -24.26 -3.14 -29.47
C ASP B 686 -22.88 -3.76 -29.49
N GLN B 687 -22.42 -4.33 -28.39
CA GLN B 687 -21.06 -4.84 -28.25
C GLN B 687 -21.06 -6.36 -28.13
N ARG B 688 -22.02 -7.02 -28.76
CA ARG B 688 -22.06 -8.48 -28.69
C ARG B 688 -20.99 -9.14 -29.54
N ASN B 689 -20.55 -8.47 -30.61
CA ASN B 689 -19.46 -8.99 -31.44
C ASN B 689 -18.16 -9.08 -30.66
N MET B 690 -17.97 -8.17 -29.70
CA MET B 690 -16.83 -8.22 -28.80
C MET B 690 -16.83 -9.46 -27.90
N ILE B 691 -17.97 -10.15 -27.79
CA ILE B 691 -17.95 -11.47 -27.19
C ILE B 691 -17.22 -12.45 -28.11
N LEU B 692 -17.65 -12.53 -29.38
CA LEU B 692 -17.01 -13.41 -30.34
C LEU B 692 -15.55 -13.04 -30.56
N GLU B 693 -15.29 -11.73 -30.63
CA GLU B 693 -13.94 -11.22 -30.76
C GLU B 693 -13.07 -11.56 -29.56
N GLU B 694 -13.68 -11.79 -28.39
CA GLU B 694 -12.88 -12.31 -27.28
C GLU B 694 -12.64 -13.79 -27.45
N GLN B 695 -13.67 -14.55 -27.84
CA GLN B 695 -13.53 -16.00 -27.92
C GLN B 695 -12.83 -16.45 -29.19
N CYS B 696 -12.50 -15.53 -30.09
CA CYS B 696 -11.53 -15.81 -31.13
C CYS B 696 -10.11 -15.66 -30.59
N TYR B 697 -9.89 -14.71 -29.68
CA TYR B 697 -8.57 -14.54 -29.07
C TYR B 697 -8.24 -15.71 -28.17
N ALA B 698 -9.18 -16.08 -27.29
CA ALA B 698 -8.92 -16.98 -26.17
C ALA B 698 -8.50 -18.35 -26.64
N LYS B 699 -9.20 -18.89 -27.65
CA LYS B 699 -8.85 -20.15 -28.30
C LYS B 699 -7.39 -20.17 -28.73
N CYS B 700 -6.96 -19.09 -29.40
CA CYS B 700 -5.57 -18.97 -29.84
C CYS B 700 -4.62 -19.01 -28.65
N CYS B 701 -4.93 -18.24 -27.60
CA CYS B 701 -4.09 -18.26 -26.42
C CYS B 701 -4.21 -19.59 -25.70
N ASN B 702 -5.38 -20.22 -25.75
CA ASN B 702 -5.50 -21.51 -25.09
C ASN B 702 -4.86 -22.63 -25.90
N LEU B 703 -4.42 -22.35 -27.13
CA LEU B 703 -3.54 -23.31 -27.77
C LEU B 703 -2.09 -22.99 -27.50
N PHE B 704 -1.78 -21.70 -27.30
CA PHE B 704 -0.39 -21.28 -27.14
C PHE B 704 0.20 -21.81 -25.85
N GLU B 705 -0.52 -21.67 -24.75
CA GLU B 705 -0.15 -22.28 -23.49
C GLU B 705 -0.23 -23.81 -23.53
N ALA B 706 -0.91 -24.38 -24.52
CA ALA B 706 -0.78 -25.82 -24.72
C ALA B 706 0.60 -26.16 -25.27
N CYS B 707 1.10 -25.35 -26.19
CA CYS B 707 2.41 -25.64 -26.77
C CYS B 707 3.53 -25.14 -25.88
N PHE B 708 3.37 -23.97 -25.29
CA PHE B 708 4.38 -23.32 -24.45
C PHE B 708 3.82 -23.26 -23.03
N ASN B 709 4.13 -24.27 -22.22
CA ASN B 709 3.51 -24.39 -20.90
C ASN B 709 4.02 -23.35 -19.91
N SER B 710 5.16 -22.73 -20.16
CA SER B 710 5.70 -21.74 -19.25
C SER B 710 5.14 -20.35 -19.50
N ALA B 711 4.17 -20.21 -20.41
CA ALA B 711 3.65 -18.91 -20.78
C ALA B 711 2.83 -18.26 -19.68
N SER B 712 2.28 -19.05 -18.76
CA SER B 712 1.56 -18.46 -17.64
C SER B 712 2.49 -17.89 -16.59
N TYR B 713 3.66 -18.49 -16.40
CA TYR B 713 4.62 -18.03 -15.41
C TYR B 713 5.57 -16.99 -15.98
N ARG B 714 6.16 -17.27 -17.14
CA ARG B 714 7.10 -16.37 -17.80
C ARG B 714 6.37 -15.59 -18.88
N LYS B 715 6.75 -14.34 -19.04
CA LYS B 715 6.23 -13.56 -20.16
C LYS B 715 6.96 -13.98 -21.42
N PRO B 716 6.25 -14.40 -22.46
CA PRO B 716 6.92 -14.79 -23.71
C PRO B 716 7.50 -13.58 -24.44
N VAL B 717 8.75 -13.70 -24.87
CA VAL B 717 9.45 -12.65 -25.58
C VAL B 717 9.66 -13.08 -27.02
N GLY B 718 9.62 -12.12 -27.94
CA GLY B 718 9.91 -12.43 -29.32
C GLY B 718 9.16 -11.62 -30.35
N GLN B 719 9.82 -11.27 -31.44
CA GLN B 719 9.22 -10.49 -32.51
C GLN B 719 8.68 -11.34 -33.64
N HIS B 720 8.81 -12.65 -33.56
CA HIS B 720 8.26 -13.54 -34.57
C HIS B 720 6.77 -13.75 -34.32
N SER B 721 6.11 -14.41 -35.25
CA SER B 721 4.67 -14.58 -35.17
C SER B 721 4.31 -15.62 -34.12
N MET B 722 3.03 -15.65 -33.75
CA MET B 722 2.55 -16.65 -32.81
C MET B 722 2.32 -18.00 -33.47
N LEU B 723 2.24 -18.04 -34.79
CA LEU B 723 2.09 -19.30 -35.51
C LEU B 723 3.42 -19.96 -35.81
N GLU B 724 4.47 -19.17 -36.06
CA GLU B 724 5.79 -19.71 -36.30
C GLU B 724 6.35 -20.41 -35.07
N ALA B 725 6.20 -19.80 -33.90
CA ALA B 725 6.70 -20.40 -32.66
C ALA B 725 5.97 -21.69 -32.33
N MET B 726 4.66 -21.71 -32.54
CA MET B 726 3.88 -22.92 -32.28
C MET B 726 4.21 -24.02 -33.28
N ALA B 727 4.41 -23.67 -34.55
CA ALA B 727 4.75 -24.69 -35.55
C ALA B 727 6.13 -25.28 -35.30
N HIS B 728 7.08 -24.46 -34.87
CA HIS B 728 8.41 -24.98 -34.55
C HIS B 728 8.38 -25.86 -33.31
N ARG B 729 7.60 -25.46 -32.29
CA ARG B 729 7.50 -26.28 -31.09
C ARG B 729 6.81 -27.61 -31.37
N LEU B 730 5.80 -27.61 -32.23
CA LEU B 730 5.12 -28.86 -32.58
C LEU B 730 6.00 -29.75 -33.44
N ARG B 731 6.82 -29.17 -34.32
CA ARG B 731 7.74 -29.97 -35.13
C ARG B 731 8.81 -30.62 -34.26
N MET B 732 9.36 -29.87 -33.30
CA MET B 732 10.35 -30.45 -32.41
C MET B 732 9.75 -31.49 -31.47
N ASP B 733 8.51 -31.28 -31.03
CA ASP B 733 7.83 -32.27 -30.20
C ASP B 733 7.58 -33.56 -30.98
N ALA B 734 7.18 -33.46 -32.25
CA ALA B 734 6.94 -34.64 -33.05
C ALA B 734 8.24 -35.38 -33.36
N ARG B 735 9.33 -34.65 -33.60
CA ARG B 735 10.62 -35.29 -33.86
C ARG B 735 11.13 -36.02 -32.63
N LEU B 736 11.08 -35.38 -31.46
CA LEU B 736 11.52 -36.06 -30.26
C LEU B 736 10.50 -37.05 -29.73
N ASP B 737 9.29 -37.09 -30.30
CA ASP B 737 8.38 -38.20 -30.03
C ASP B 737 8.75 -39.42 -30.84
N TYR B 738 9.05 -39.23 -32.14
CA TYR B 738 9.38 -40.37 -32.97
C TYR B 738 10.77 -40.92 -32.66
N GLU B 739 11.66 -40.09 -32.13
CA GLU B 739 12.98 -40.57 -31.72
C GLU B 739 13.01 -41.10 -30.29
N SER B 740 11.85 -41.46 -29.75
CA SER B 740 11.78 -42.12 -28.45
C SER B 740 10.76 -43.24 -28.41
N GLY B 741 10.14 -43.59 -29.53
CA GLY B 741 9.17 -44.65 -29.60
C GLY B 741 7.76 -44.28 -29.16
N ARG B 742 7.54 -43.03 -28.74
CA ARG B 742 6.23 -42.62 -28.24
C ARG B 742 5.27 -42.22 -29.35
N MET B 743 5.61 -42.50 -30.60
CA MET B 743 4.70 -42.35 -31.74
C MET B 743 4.90 -43.53 -32.68
N SER B 744 4.05 -43.60 -33.70
CA SER B 744 4.17 -44.63 -34.71
C SER B 744 5.03 -44.12 -35.87
N LYS B 745 5.20 -44.97 -36.88
CA LYS B 745 5.77 -44.52 -38.13
C LYS B 745 4.71 -43.91 -39.04
N ASP B 746 3.43 -44.12 -38.73
CA ASP B 746 2.32 -43.57 -39.50
C ASP B 746 1.73 -42.31 -38.90
N ASP B 747 1.58 -42.28 -37.57
CA ASP B 747 1.09 -41.07 -36.92
C ASP B 747 2.12 -39.94 -37.00
N PHE B 748 3.41 -40.29 -37.06
CA PHE B 748 4.44 -39.29 -37.34
C PHE B 748 4.28 -38.73 -38.75
N GLU B 749 3.89 -39.58 -39.70
CA GLU B 749 3.65 -39.10 -41.06
C GLU B 749 2.41 -38.20 -41.12
N LYS B 750 1.38 -38.53 -40.33
CA LYS B 750 0.20 -37.68 -40.27
C LYS B 750 0.53 -36.32 -39.64
N ALA B 751 1.32 -36.33 -38.57
CA ALA B 751 1.70 -35.08 -37.90
C ALA B 751 2.58 -34.22 -38.79
N MET B 752 3.55 -34.82 -39.48
CA MET B 752 4.42 -34.03 -40.34
C MET B 752 3.71 -33.59 -41.62
N ALA B 753 2.69 -34.33 -42.05
CA ALA B 753 1.90 -33.87 -43.19
C ALA B 753 1.03 -32.68 -42.81
N HIS B 754 0.44 -32.72 -41.61
CA HIS B 754 -0.33 -31.58 -41.14
C HIS B 754 0.56 -30.36 -40.95
N LEU B 755 1.78 -30.56 -40.43
CA LEU B 755 2.69 -29.43 -40.26
C LEU B 755 3.23 -28.96 -41.60
N GLY B 756 3.27 -29.83 -42.62
CA GLY B 756 3.61 -29.39 -43.95
C GLY B 756 2.51 -28.57 -44.58
N GLU B 757 1.25 -28.82 -44.21
CA GLU B 757 0.17 -27.93 -44.61
C GLU B 757 0.32 -26.56 -43.94
N ILE B 758 0.61 -26.54 -42.64
CA ILE B 758 0.76 -25.32 -41.86
C ILE B 758 2.09 -24.64 -42.17
N GLY C 9 -0.59 -39.97 -26.95
CA GLY C 9 0.30 -38.81 -26.90
C GLY C 9 -0.50 -37.51 -26.92
N MET C 10 0.07 -36.48 -26.29
CA MET C 10 -0.54 -35.16 -26.25
C MET C 10 0.08 -34.20 -27.25
N THR C 11 0.87 -34.71 -28.19
CA THR C 11 1.46 -33.87 -29.23
C THR C 11 0.57 -33.83 -30.48
N LEU C 12 0.09 -34.99 -30.92
CA LEU C 12 -0.75 -35.03 -32.12
C LEU C 12 -2.12 -34.42 -31.89
N ALA C 13 -2.58 -34.38 -30.64
CA ALA C 13 -3.81 -33.66 -30.32
C ALA C 13 -3.63 -32.16 -30.55
N LYS C 14 -2.46 -31.62 -30.20
CA LYS C 14 -2.22 -30.19 -30.40
C LYS C 14 -2.04 -29.85 -31.88
N ILE C 15 -1.47 -30.76 -32.66
CA ILE C 15 -1.35 -30.53 -34.10
C ILE C 15 -2.71 -30.60 -34.76
N GLU C 16 -3.59 -31.50 -34.29
CA GLU C 16 -4.96 -31.54 -34.81
C GLU C 16 -5.74 -30.28 -34.41
N LEU C 17 -5.51 -29.77 -33.20
CA LEU C 17 -6.17 -28.53 -32.79
C LEU C 17 -5.64 -27.32 -33.56
N LEU C 18 -4.35 -27.32 -33.91
CA LEU C 18 -3.83 -26.23 -34.74
C LEU C 18 -4.37 -26.31 -36.15
N LYS C 19 -4.57 -27.51 -36.68
CA LYS C 19 -5.24 -27.63 -37.97
C LYS C 19 -6.69 -27.21 -37.88
N GLN C 20 -7.31 -27.38 -36.70
CA GLN C 20 -8.68 -26.93 -36.49
C GLN C 20 -8.77 -25.41 -36.43
N LEU C 21 -7.79 -24.76 -35.79
CA LEU C 21 -7.85 -23.32 -35.60
C LEU C 21 -7.57 -22.53 -36.87
N LEU C 22 -6.93 -23.13 -37.87
CA LEU C 22 -6.64 -22.40 -39.09
C LEU C 22 -7.85 -22.22 -39.98
N ARG C 23 -8.94 -22.93 -39.71
CA ARG C 23 -10.15 -22.79 -40.51
C ARG C 23 -10.98 -21.60 -40.08
N ASP C 24 -10.95 -21.26 -38.79
CA ASP C 24 -11.50 -20.00 -38.31
C ASP C 24 -10.58 -18.89 -38.80
N ASN C 25 -11.03 -18.17 -39.84
CA ASN C 25 -10.15 -17.23 -40.53
C ASN C 25 -9.80 -16.02 -39.66
N GLU C 26 -10.68 -15.65 -38.74
CA GLU C 26 -10.35 -14.62 -37.77
C GLU C 26 -9.23 -15.11 -36.84
N ALA C 27 -9.29 -16.36 -36.41
CA ALA C 27 -8.22 -16.95 -35.62
C ALA C 27 -6.96 -17.14 -36.44
N LYS C 28 -7.08 -17.37 -37.75
CA LYS C 28 -5.92 -17.47 -38.61
C LYS C 28 -5.19 -16.13 -38.72
N THR C 29 -5.93 -15.03 -38.90
CA THR C 29 -5.29 -13.72 -38.92
C THR C 29 -4.75 -13.32 -37.56
N VAL C 30 -5.40 -13.76 -36.48
CA VAL C 30 -4.88 -13.45 -35.14
C VAL C 30 -3.60 -14.22 -34.87
N LEU C 31 -3.52 -15.47 -35.32
CA LEU C 31 -2.30 -16.25 -35.13
C LEU C 31 -1.17 -15.75 -36.01
N LYS C 32 -1.47 -15.30 -37.23
CA LYS C 32 -0.40 -14.86 -38.12
C LYS C 32 0.06 -13.44 -37.83
N GLN C 33 -0.81 -12.58 -37.30
CA GLN C 33 -0.45 -11.18 -37.13
C GLN C 33 0.13 -10.87 -35.75
N THR C 34 -0.42 -11.47 -34.70
CA THR C 34 0.01 -11.16 -33.34
C THR C 34 1.35 -11.81 -33.06
N THR C 35 2.32 -11.02 -32.64
CA THR C 35 3.63 -11.55 -32.30
C THR C 35 3.61 -12.15 -30.91
N VAL C 36 4.74 -12.74 -30.52
CA VAL C 36 4.80 -13.46 -29.26
C VAL C 36 4.85 -12.52 -28.07
N ASP C 37 5.34 -11.29 -28.27
CA ASP C 37 5.27 -10.29 -27.21
C ASP C 37 3.82 -9.83 -27.01
N GLN C 38 3.14 -9.52 -28.11
CA GLN C 38 1.77 -9.02 -28.07
C GLN C 38 0.76 -10.03 -27.57
N TYR C 39 1.15 -11.31 -27.48
CA TYR C 39 0.38 -12.32 -26.74
C TYR C 39 0.05 -11.82 -25.33
N ASN C 40 1.03 -11.21 -24.64
CA ASN C 40 0.82 -10.63 -23.32
C ASN C 40 -0.27 -9.56 -23.32
N ILE C 41 -0.53 -8.94 -24.47
CA ILE C 41 -1.67 -8.05 -24.61
C ILE C 41 -2.94 -8.86 -24.82
N ILE C 42 -2.94 -9.75 -25.81
CA ILE C 42 -4.21 -10.35 -26.24
C ILE C 42 -4.69 -11.43 -25.30
N ARG C 43 -3.87 -11.85 -24.35
CA ARG C 43 -4.36 -12.70 -23.28
C ARG C 43 -5.32 -11.94 -22.37
N LYS C 44 -5.13 -10.65 -22.19
CA LYS C 44 -5.94 -9.88 -21.26
C LYS C 44 -7.13 -9.19 -21.92
N PHE C 45 -7.41 -9.50 -23.18
CA PHE C 45 -8.59 -8.97 -23.85
C PHE C 45 -9.81 -9.73 -23.36
N ASN C 46 -10.77 -9.01 -22.80
CA ASN C 46 -12.04 -9.62 -22.44
C ASN C 46 -13.12 -8.54 -22.50
N THR C 47 -14.33 -8.92 -22.09
CA THR C 47 -15.45 -8.00 -21.99
C THR C 47 -15.75 -7.66 -20.54
N SER C 48 -14.81 -7.91 -19.65
CA SER C 48 -15.01 -7.69 -18.22
C SER C 48 -14.56 -6.28 -17.86
N ARG C 49 -14.53 -5.99 -16.57
CA ARG C 49 -14.29 -4.64 -16.06
C ARG C 49 -13.90 -4.77 -14.60
N ILE C 50 -12.89 -4.00 -14.20
CA ILE C 50 -12.42 -4.06 -12.82
C ILE C 50 -13.47 -3.43 -11.92
N GLU C 51 -14.04 -4.23 -11.02
CA GLU C 51 -15.16 -3.79 -10.21
C GLU C 51 -14.69 -2.83 -9.13
N LYS C 52 -15.30 -1.66 -9.09
CA LYS C 52 -14.92 -0.62 -8.14
C LYS C 52 -15.48 -0.88 -6.75
N ASN C 53 -16.39 -1.83 -6.59
CA ASN C 53 -17.03 -2.12 -5.31
C ASN C 53 -17.32 -3.61 -5.25
N PRO C 54 -16.32 -4.44 -4.97
CA PRO C 54 -16.49 -5.90 -5.12
C PRO C 54 -17.24 -6.57 -3.99
N SER C 55 -17.23 -5.99 -2.80
CA SER C 55 -17.96 -6.57 -1.67
C SER C 55 -19.45 -6.44 -1.87
N LEU C 56 -19.90 -5.33 -2.46
CA LEU C 56 -21.31 -5.17 -2.81
C LEU C 56 -21.70 -6.15 -3.90
N ARG C 57 -20.82 -6.42 -4.85
CA ARG C 57 -21.13 -7.40 -5.89
C ARG C 57 -21.20 -8.82 -5.33
N MET C 58 -20.36 -9.13 -4.34
CA MET C 58 -20.43 -10.45 -3.75
C MET C 58 -21.69 -10.64 -2.92
N LYS C 59 -22.04 -9.64 -2.10
CA LYS C 59 -23.27 -9.72 -1.32
C LYS C 59 -24.52 -9.71 -2.20
N TRP C 60 -24.47 -9.00 -3.32
CA TRP C 60 -25.61 -8.97 -4.22
C TRP C 60 -25.70 -10.23 -5.08
N ALA C 61 -24.55 -10.83 -5.43
CA ALA C 61 -24.54 -11.98 -6.33
C ALA C 61 -24.75 -13.30 -5.64
N MET C 62 -24.42 -13.39 -4.34
CA MET C 62 -24.64 -14.66 -3.64
C MET C 62 -26.11 -14.96 -3.43
N CYS C 63 -26.98 -13.95 -3.50
CA CYS C 63 -28.41 -14.14 -3.35
C CYS C 63 -29.10 -14.48 -4.66
N SER C 64 -28.37 -14.57 -5.77
CA SER C 64 -28.95 -14.87 -7.05
C SER C 64 -29.08 -16.38 -7.25
N ASN C 65 -29.53 -16.78 -8.43
CA ASN C 65 -29.74 -18.20 -8.68
C ASN C 65 -28.41 -18.91 -8.97
N PHE C 66 -27.75 -18.54 -10.06
CA PHE C 66 -26.55 -19.22 -10.52
C PHE C 66 -25.41 -18.21 -10.66
N PRO C 67 -24.68 -17.92 -9.59
CA PRO C 67 -23.67 -16.87 -9.64
C PRO C 67 -22.27 -17.28 -10.06
N LEU C 68 -21.96 -18.55 -10.26
CA LEU C 68 -20.62 -18.98 -10.59
C LEU C 68 -20.57 -19.52 -12.01
N ALA C 69 -19.36 -19.67 -12.52
CA ALA C 69 -19.11 -20.23 -13.84
C ALA C 69 -18.30 -21.50 -13.73
N LEU C 70 -18.60 -22.47 -14.59
CA LEU C 70 -17.95 -23.77 -14.57
C LEU C 70 -16.99 -23.88 -15.75
N THR C 71 -15.86 -24.54 -15.52
CA THR C 71 -14.96 -24.87 -16.62
C THR C 71 -15.60 -25.92 -17.51
N LYS C 72 -15.58 -25.69 -18.81
CA LYS C 72 -16.20 -26.62 -19.75
C LYS C 72 -15.35 -27.87 -19.85
N GLY C 73 -15.99 -29.04 -19.70
CA GLY C 73 -15.28 -30.29 -19.85
C GLY C 73 -16.07 -31.44 -19.27
N ASP C 74 -15.34 -32.52 -18.96
CA ASP C 74 -15.97 -33.73 -18.45
C ASP C 74 -16.22 -33.69 -16.95
N MET C 75 -15.53 -32.82 -16.21
CA MET C 75 -15.69 -32.79 -14.77
C MET C 75 -16.90 -31.99 -14.34
N ALA C 76 -17.28 -30.97 -15.12
CA ALA C 76 -18.47 -30.22 -14.80
C ALA C 76 -19.75 -30.98 -15.13
N ASN C 77 -19.65 -32.00 -15.99
CA ASN C 77 -20.81 -32.83 -16.30
C ASN C 77 -21.16 -33.80 -15.19
N ARG C 78 -20.25 -34.05 -14.25
CA ARG C 78 -20.55 -34.96 -13.15
C ARG C 78 -21.49 -34.34 -12.13
N ILE C 79 -21.55 -33.02 -12.04
CA ILE C 79 -22.56 -32.35 -11.23
C ILE C 79 -23.92 -32.52 -11.91
N PRO C 80 -24.94 -33.01 -11.22
CA PRO C 80 -26.23 -33.21 -11.87
C PRO C 80 -26.97 -31.90 -12.04
N LEU C 81 -28.00 -31.95 -12.89
CA LEU C 81 -28.78 -30.75 -13.20
C LEU C 81 -29.57 -30.27 -11.99
N GLU C 82 -29.94 -31.19 -11.08
CA GLU C 82 -30.65 -30.83 -9.88
C GLU C 82 -30.45 -31.93 -8.85
N TYR C 83 -30.56 -31.55 -7.57
CA TYR C 83 -30.32 -32.49 -6.47
C TYR C 83 -31.38 -32.24 -5.40
N LYS C 84 -32.40 -33.10 -5.36
CA LYS C 84 -33.52 -33.03 -4.41
C LYS C 84 -34.25 -31.69 -4.50
N GLY C 85 -34.68 -31.34 -5.71
CA GLY C 85 -35.38 -30.10 -5.97
C GLY C 85 -34.48 -28.90 -6.21
N ILE C 86 -33.32 -28.86 -5.57
CA ILE C 86 -32.38 -27.75 -5.69
C ILE C 86 -31.75 -27.81 -7.08
N GLN C 87 -32.01 -26.81 -7.91
CA GLN C 87 -31.39 -26.73 -9.22
C GLN C 87 -29.94 -26.32 -9.04
N LEU C 88 -29.00 -27.22 -9.36
CA LEU C 88 -27.59 -26.93 -9.12
C LEU C 88 -27.00 -26.09 -10.24
N LYS C 89 -27.07 -26.57 -11.47
CA LYS C 89 -26.51 -25.85 -12.61
C LYS C 89 -27.59 -25.66 -13.66
N THR C 90 -27.39 -24.64 -14.49
CA THR C 90 -28.31 -24.30 -15.55
C THR C 90 -27.65 -24.54 -16.91
N ASN C 91 -28.47 -24.48 -17.95
CA ASN C 91 -28.01 -24.75 -19.30
C ASN C 91 -27.45 -23.52 -20.00
N ALA C 92 -27.74 -22.33 -19.50
CA ALA C 92 -27.21 -21.10 -20.08
C ALA C 92 -25.72 -21.02 -19.82
N GLU C 93 -24.92 -21.06 -20.89
CA GLU C 93 -23.48 -21.04 -20.76
C GLU C 93 -22.98 -19.64 -20.43
N ASP C 94 -21.75 -19.58 -19.96
CA ASP C 94 -21.14 -18.32 -19.57
C ASP C 94 -20.50 -17.63 -20.77
N ILE C 95 -20.32 -16.31 -20.64
CA ILE C 95 -19.75 -15.53 -21.73
C ILE C 95 -18.25 -15.78 -21.83
N GLY C 96 -17.56 -15.81 -20.70
CA GLY C 96 -16.12 -15.94 -20.71
C GLY C 96 -15.60 -17.35 -20.84
N THR C 97 -16.11 -18.25 -20.00
CA THR C 97 -15.56 -19.60 -19.94
C THR C 97 -16.24 -20.55 -20.91
N LYS C 98 -17.40 -20.17 -21.44
CA LYS C 98 -18.28 -21.01 -22.28
C LYS C 98 -18.65 -22.31 -21.58
N GLY C 99 -18.76 -22.28 -20.25
CA GLY C 99 -19.24 -23.39 -19.47
C GLY C 99 -20.53 -23.01 -18.78
N GLN C 100 -21.17 -24.01 -18.19
CA GLN C 100 -22.47 -23.80 -17.57
C GLN C 100 -22.33 -23.00 -16.28
N MET C 101 -23.44 -22.45 -15.83
CA MET C 101 -23.46 -21.59 -14.65
C MET C 101 -24.15 -22.34 -13.52
N CYS C 102 -23.46 -22.49 -12.40
CA CYS C 102 -23.96 -23.25 -11.29
C CYS C 102 -24.23 -22.35 -10.10
N SER C 103 -25.02 -22.87 -9.15
CA SER C 103 -25.26 -22.18 -7.89
C SER C 103 -24.14 -22.47 -6.91
N ILE C 104 -24.19 -21.85 -5.73
CA ILE C 104 -23.17 -22.14 -4.73
C ILE C 104 -23.43 -23.45 -4.00
N ALA C 105 -24.60 -24.05 -4.18
CA ALA C 105 -24.85 -25.38 -3.67
C ALA C 105 -24.18 -26.46 -4.49
N ALA C 106 -23.71 -26.14 -5.70
CA ALA C 106 -22.93 -27.10 -6.47
C ALA C 106 -21.56 -27.31 -5.86
N VAL C 107 -21.01 -26.30 -5.19
CA VAL C 107 -19.74 -26.45 -4.49
C VAL C 107 -19.89 -27.42 -3.33
N THR C 108 -20.99 -27.30 -2.58
CA THR C 108 -21.21 -28.21 -1.46
C THR C 108 -21.60 -29.59 -1.94
N TRP C 109 -22.26 -29.69 -3.10
CA TRP C 109 -22.49 -31.01 -3.69
C TRP C 109 -21.17 -31.65 -4.11
N TRP C 110 -20.22 -30.87 -4.60
CA TRP C 110 -18.93 -31.44 -4.95
C TRP C 110 -18.17 -31.87 -3.70
N ASN C 111 -18.24 -31.08 -2.64
CA ASN C 111 -17.54 -31.45 -1.40
C ASN C 111 -18.22 -32.59 -0.66
N THR C 112 -19.49 -32.89 -0.96
CA THR C 112 -20.19 -33.94 -0.24
C THR C 112 -20.40 -35.23 -1.03
N TYR C 113 -20.71 -35.14 -2.33
CA TYR C 113 -20.99 -36.34 -3.12
C TYR C 113 -20.23 -36.38 -4.43
N GLY C 114 -19.19 -35.57 -4.59
CA GLY C 114 -18.48 -35.50 -5.84
C GLY C 114 -17.48 -36.63 -6.00
N PRO C 115 -16.71 -36.62 -7.08
CA PRO C 115 -15.65 -37.62 -7.23
C PRO C 115 -14.45 -37.33 -6.35
N ILE C 116 -13.76 -38.39 -5.97
CA ILE C 116 -12.64 -38.33 -5.04
C ILE C 116 -11.34 -38.36 -5.84
N GLY C 117 -10.55 -37.29 -5.72
CA GLY C 117 -9.33 -37.15 -6.50
C GLY C 117 -8.09 -37.59 -5.75
N ASP C 118 -7.02 -37.77 -6.52
CA ASP C 118 -5.75 -38.30 -6.00
C ASP C 118 -4.92 -37.12 -5.51
N THR C 119 -4.94 -36.89 -4.20
CA THR C 119 -4.13 -35.84 -3.59
C THR C 119 -2.80 -36.41 -3.08
N GLU C 120 -2.09 -37.03 -4.01
CA GLU C 120 -0.75 -37.55 -3.76
C GLU C 120 0.27 -36.44 -4.07
N GLY C 121 1.27 -36.34 -3.20
CA GLY C 121 2.22 -35.25 -3.33
C GLY C 121 1.67 -33.91 -2.96
N PHE C 122 0.79 -33.85 -1.96
CA PHE C 122 0.17 -32.59 -1.59
C PHE C 122 0.95 -31.87 -0.48
N GLU C 123 1.46 -32.62 0.50
CA GLU C 123 2.20 -32.01 1.59
C GLU C 123 3.62 -31.59 1.20
N ARG C 124 4.06 -31.93 0.00
CA ARG C 124 5.36 -31.50 -0.50
C ARG C 124 5.28 -30.23 -1.34
N VAL C 125 4.11 -29.94 -1.91
CA VAL C 125 3.92 -28.70 -2.64
C VAL C 125 3.79 -27.53 -1.68
N TYR C 126 2.88 -27.64 -0.71
CA TYR C 126 2.60 -26.57 0.23
C TYR C 126 3.45 -26.68 1.48
N GLU C 127 4.68 -27.16 1.35
CA GLU C 127 5.56 -27.43 2.47
C GLU C 127 5.92 -26.20 3.27
N SER C 128 5.88 -25.02 2.67
CA SER C 128 6.08 -23.78 3.42
C SER C 128 4.96 -23.56 4.42
N PHE C 129 3.72 -23.86 4.03
CA PHE C 129 2.58 -23.70 4.90
C PHE C 129 2.59 -24.72 6.04
N PHE C 130 2.92 -25.97 5.74
CA PHE C 130 2.98 -26.99 6.77
C PHE C 130 4.18 -26.79 7.70
N LEU C 131 5.27 -26.20 7.19
CA LEU C 131 6.37 -25.85 8.07
C LEU C 131 6.02 -24.68 8.96
N ARG C 132 5.22 -23.74 8.46
CA ARG C 132 4.68 -22.66 9.29
C ARG C 132 3.82 -23.20 10.43
N LYS C 133 2.93 -24.15 10.09
CA LYS C 133 2.10 -24.79 11.10
C LYS C 133 2.91 -25.62 12.08
N MET C 134 4.01 -26.23 11.61
CA MET C 134 4.89 -27.00 12.49
C MET C 134 5.63 -26.08 13.45
N ARG C 135 6.07 -24.92 12.99
CA ARG C 135 6.71 -23.96 13.87
C ARG C 135 5.74 -23.40 14.89
N LEU C 136 4.45 -23.33 14.55
CA LEU C 136 3.46 -22.95 15.55
C LEU C 136 3.23 -24.07 16.56
N ASP C 137 3.07 -25.32 16.07
CA ASP C 137 2.65 -26.43 16.92
C ASP C 137 3.73 -26.85 17.90
N ASN C 138 4.98 -26.94 17.45
CA ASN C 138 6.08 -27.35 18.30
C ASN C 138 6.67 -26.21 19.11
N ALA C 139 5.93 -25.13 19.30
CA ALA C 139 6.41 -23.97 20.01
C ALA C 139 5.98 -24.00 21.45
N THR C 140 6.60 -23.15 22.24
CA THR C 140 6.26 -22.95 23.63
C THR C 140 6.07 -21.48 23.89
N TRP C 141 5.18 -21.16 24.82
CA TRP C 141 4.88 -19.79 25.18
C TRP C 141 5.36 -19.49 26.59
N GLY C 142 5.66 -18.22 26.85
CA GLY C 142 6.15 -17.85 28.16
C GLY C 142 5.20 -16.93 28.91
N ARG C 143 5.74 -16.09 29.78
CA ARG C 143 4.93 -15.12 30.49
C ARG C 143 4.51 -14.01 29.55
N ILE C 144 3.44 -13.30 29.94
CA ILE C 144 3.05 -12.05 29.28
C ILE C 144 3.26 -10.94 30.29
N THR C 145 3.95 -9.89 29.87
CA THR C 145 4.26 -8.79 30.75
C THR C 145 3.65 -7.51 30.22
N PHE C 146 3.21 -6.67 31.14
CA PHE C 146 2.60 -5.39 30.82
C PHE C 146 3.56 -4.29 31.22
N GLY C 147 3.77 -3.36 30.31
CA GLY C 147 4.74 -2.30 30.50
C GLY C 147 5.01 -1.66 29.16
N PRO C 148 5.79 -0.57 29.15
CA PRO C 148 6.04 0.14 27.91
C PRO C 148 6.92 -0.66 26.96
N VAL C 149 6.70 -0.43 25.68
CA VAL C 149 7.45 -1.10 24.61
C VAL C 149 7.71 -0.04 23.54
N GLU C 150 8.97 0.14 23.18
CA GLU C 150 9.31 1.04 22.08
C GLU C 150 9.55 0.23 20.83
N ARG C 151 8.62 0.33 19.88
CA ARG C 151 8.72 -0.35 18.60
C ARG C 151 9.45 0.54 17.61
N VAL C 152 10.38 -0.04 16.86
CA VAL C 152 11.16 0.66 15.84
C VAL C 152 10.76 0.09 14.48
N ARG C 153 10.39 0.96 13.54
CA ARG C 153 9.95 0.50 12.24
C ARG C 153 11.16 0.12 11.40
N LYS C 154 11.34 -1.18 11.19
CA LYS C 154 12.51 -1.72 10.52
C LYS C 154 12.07 -2.55 9.33
N ARG C 155 12.95 -2.68 8.35
CA ARG C 155 12.66 -3.45 7.15
C ARG C 155 13.12 -4.90 7.38
N VAL C 156 12.15 -5.79 7.57
CA VAL C 156 12.40 -7.15 8.00
C VAL C 156 11.82 -8.12 6.99
N LEU C 157 12.28 -9.37 7.09
CA LEU C 157 11.82 -10.47 6.26
C LEU C 157 10.58 -11.08 6.87
N LEU C 158 9.52 -11.22 6.07
CA LEU C 158 8.24 -11.65 6.59
C LEU C 158 8.24 -13.15 6.90
N ASN C 159 8.50 -13.98 5.89
CA ASN C 159 8.51 -15.42 6.06
C ASN C 159 9.91 -15.97 5.82
N PRO C 160 10.31 -17.00 6.56
CA PRO C 160 11.61 -17.64 6.29
C PRO C 160 11.58 -18.40 4.98
N LEU C 161 12.76 -18.58 4.41
CA LEU C 161 12.92 -19.11 3.06
C LEU C 161 13.71 -20.42 3.08
N THR C 162 13.58 -21.15 1.97
CA THR C 162 14.46 -22.30 1.76
C THR C 162 15.87 -21.83 1.42
N LYS C 163 15.98 -20.82 0.57
CA LYS C 163 17.24 -20.26 0.13
C LYS C 163 16.93 -18.91 -0.48
N GLU C 164 17.61 -17.85 -0.04
CA GLU C 164 17.29 -16.50 -0.46
C GLU C 164 18.08 -16.17 -1.74
N MET C 165 17.35 -15.92 -2.81
CA MET C 165 17.90 -15.66 -4.14
C MET C 165 17.32 -14.38 -4.70
N PRO C 166 18.03 -13.71 -5.61
CA PRO C 166 17.43 -12.60 -6.35
C PRO C 166 16.31 -13.09 -7.24
N PRO C 167 15.35 -12.22 -7.59
CA PRO C 167 14.15 -12.70 -8.29
C PRO C 167 14.39 -13.21 -9.71
N ASP C 168 15.37 -12.68 -10.44
CA ASP C 168 15.68 -13.23 -11.76
C ASP C 168 16.40 -14.56 -11.64
N GLU C 169 17.30 -14.68 -10.66
CA GLU C 169 17.97 -15.94 -10.40
C GLU C 169 16.99 -17.00 -9.90
N ALA C 170 16.05 -16.60 -9.05
CA ALA C 170 15.01 -17.51 -8.60
C ALA C 170 14.07 -17.89 -9.73
N SER C 171 13.82 -16.98 -10.66
CA SER C 171 13.02 -17.31 -11.83
C SER C 171 13.73 -18.31 -12.72
N ASN C 172 15.06 -18.20 -12.84
CA ASN C 172 15.82 -19.19 -13.59
C ASN C 172 15.80 -20.55 -12.90
N VAL C 173 15.82 -20.54 -11.57
CA VAL C 173 15.73 -21.79 -10.82
C VAL C 173 14.37 -22.46 -11.03
N ILE C 174 13.30 -21.68 -10.96
CA ILE C 174 11.95 -22.21 -11.13
C ILE C 174 11.74 -22.70 -12.56
N MET C 175 12.31 -22.01 -13.55
CA MET C 175 12.22 -22.49 -14.92
C MET C 175 13.05 -23.74 -15.15
N GLU C 176 14.12 -23.93 -14.38
CA GLU C 176 14.85 -25.20 -14.50
C GLU C 176 14.14 -26.33 -13.79
N ILE C 177 13.38 -26.03 -12.73
CA ILE C 177 12.68 -27.07 -11.97
C ILE C 177 11.43 -27.54 -12.71
N LEU C 178 10.65 -26.61 -13.23
CA LEU C 178 9.30 -26.91 -13.71
C LEU C 178 9.21 -27.05 -15.22
N PHE C 179 9.72 -26.07 -15.97
CA PHE C 179 9.61 -26.05 -17.43
C PHE C 179 11.01 -26.04 -18.04
N PRO C 180 11.72 -27.18 -18.00
CA PRO C 180 13.15 -27.14 -18.33
C PRO C 180 13.45 -26.93 -19.80
N LYS C 181 12.53 -27.29 -20.70
CA LYS C 181 12.76 -27.09 -22.12
C LYS C 181 12.51 -25.66 -22.58
N GLU C 182 12.06 -24.78 -21.69
CA GLU C 182 11.83 -23.38 -22.05
C GLU C 182 12.68 -22.43 -21.23
N ALA C 183 13.74 -22.94 -20.58
CA ALA C 183 14.58 -22.08 -19.75
C ALA C 183 15.44 -21.13 -20.57
N GLY C 184 15.64 -21.42 -21.86
CA GLY C 184 16.34 -20.50 -22.74
C GLY C 184 17.85 -20.58 -22.67
N ILE C 185 18.49 -19.45 -22.39
CA ILE C 185 19.95 -19.38 -22.29
C ILE C 185 20.36 -19.79 -20.89
N PRO C 186 21.32 -20.71 -20.72
CA PRO C 186 21.70 -21.15 -19.38
C PRO C 186 22.54 -20.11 -18.68
N ARG C 187 22.19 -19.80 -17.43
CA ARG C 187 23.01 -18.94 -16.60
C ARG C 187 24.01 -19.79 -15.81
N GLU C 188 24.78 -19.13 -14.96
CA GLU C 188 25.65 -19.82 -14.02
C GLU C 188 24.94 -20.17 -12.73
N SER C 189 23.66 -19.80 -12.59
CA SER C 189 22.89 -20.15 -11.41
C SER C 189 22.52 -21.62 -11.37
N THR C 190 22.49 -22.29 -12.53
CA THR C 190 22.14 -23.70 -12.57
C THR C 190 23.21 -24.56 -11.89
N TRP C 191 24.47 -24.16 -11.98
CA TRP C 191 25.52 -24.95 -11.36
C TRP C 191 25.61 -24.71 -9.86
N ILE C 192 25.27 -23.50 -9.41
CA ILE C 192 25.25 -23.23 -7.97
C ILE C 192 24.07 -23.94 -7.32
N HIS C 193 22.91 -23.90 -7.96
CA HIS C 193 21.67 -24.39 -7.40
C HIS C 193 21.30 -25.77 -7.92
N ARG C 194 22.28 -26.62 -8.21
CA ARG C 194 21.98 -27.92 -8.80
C ARG C 194 21.37 -28.89 -7.80
N GLU C 195 21.79 -28.84 -6.53
CA GLU C 195 21.21 -29.75 -5.55
C GLU C 195 19.83 -29.31 -5.12
N LEU C 196 19.57 -28.00 -5.09
CA LEU C 196 18.22 -27.50 -4.83
C LEU C 196 17.28 -27.88 -5.94
N ILE C 197 17.74 -27.82 -7.19
CA ILE C 197 16.91 -28.20 -8.34
C ILE C 197 16.65 -29.70 -8.32
N LYS C 198 17.66 -30.51 -7.98
CA LYS C 198 17.47 -31.96 -7.94
C LYS C 198 16.55 -32.37 -6.80
N GLU C 199 16.68 -31.71 -5.64
CA GLU C 199 15.80 -31.97 -4.51
C GLU C 199 14.36 -31.56 -4.82
N LYS C 200 14.18 -30.38 -5.39
CA LYS C 200 12.84 -29.90 -5.71
C LYS C 200 12.22 -30.61 -6.90
N ARG C 201 13.02 -31.29 -7.72
CA ARG C 201 12.45 -32.17 -8.73
C ARG C 201 12.18 -33.57 -8.20
N GLU C 202 12.86 -33.96 -7.11
CA GLU C 202 12.48 -35.19 -6.43
C GLU C 202 11.16 -35.03 -5.69
N LYS C 203 10.96 -33.86 -5.06
CA LYS C 203 9.79 -33.68 -4.20
C LYS C 203 8.51 -33.49 -5.01
N LEU C 204 8.58 -32.78 -6.12
CA LEU C 204 7.42 -32.55 -6.97
C LEU C 204 7.36 -33.57 -8.11
N LYS C 205 7.39 -34.86 -7.76
CA LYS C 205 7.63 -35.88 -8.76
C LYS C 205 6.37 -36.23 -9.56
N GLY C 206 5.35 -36.76 -8.89
CA GLY C 206 4.19 -37.27 -9.61
C GLY C 206 2.88 -36.62 -9.24
N THR C 207 2.91 -35.33 -8.92
CA THR C 207 1.71 -34.63 -8.52
C THR C 207 0.90 -34.16 -9.72
N MET C 208 -0.41 -34.04 -9.52
CA MET C 208 -1.32 -33.57 -10.56
C MET C 208 -1.76 -32.13 -10.35
N ILE C 209 -1.16 -31.43 -9.39
CA ILE C 209 -1.39 -30.00 -9.24
C ILE C 209 -0.80 -29.28 -10.44
N THR C 210 -1.54 -28.30 -10.97
CA THR C 210 -1.13 -27.57 -12.16
C THR C 210 0.14 -26.78 -11.91
N PRO C 211 1.00 -26.62 -12.92
CA PRO C 211 2.32 -26.01 -12.68
C PRO C 211 2.28 -24.53 -12.32
N ILE C 212 1.16 -23.84 -12.53
CA ILE C 212 1.08 -22.46 -12.10
C ILE C 212 1.03 -22.37 -10.58
N VAL C 213 0.39 -23.34 -9.93
CA VAL C 213 0.36 -23.35 -8.46
C VAL C 213 1.70 -23.77 -7.90
N LEU C 214 2.39 -24.70 -8.58
CA LEU C 214 3.73 -25.09 -8.17
C LEU C 214 4.71 -23.95 -8.31
N ALA C 215 4.58 -23.15 -9.38
CA ALA C 215 5.43 -22.00 -9.58
C ALA C 215 5.15 -20.91 -8.55
N TYR C 216 3.88 -20.73 -8.20
CA TYR C 216 3.51 -19.77 -7.17
C TYR C 216 4.07 -20.18 -5.81
N MET C 217 4.04 -21.47 -5.48
CA MET C 217 4.56 -21.90 -4.19
C MET C 217 6.09 -21.88 -4.14
N LEU C 218 6.74 -22.22 -5.27
CA LEU C 218 8.19 -22.15 -5.32
C LEU C 218 8.69 -20.72 -5.26
N GLU C 219 7.99 -19.80 -5.94
CA GLU C 219 8.30 -18.39 -5.83
C GLU C 219 7.98 -17.87 -4.43
N ARG C 220 7.01 -18.48 -3.76
CA ARG C 220 6.72 -18.12 -2.38
C ARG C 220 7.83 -18.57 -1.44
N GLU C 221 8.48 -19.68 -1.71
CA GLU C 221 9.49 -20.20 -0.79
C GLU C 221 10.94 -19.89 -1.20
N LEU C 222 11.15 -19.12 -2.27
CA LEU C 222 12.50 -18.73 -2.68
C LEU C 222 12.69 -17.22 -2.70
N VAL C 223 11.71 -16.47 -3.16
CA VAL C 223 11.84 -15.02 -3.34
C VAL C 223 11.44 -14.33 -2.03
N ALA C 224 12.26 -13.39 -1.60
CA ALA C 224 12.05 -12.74 -0.30
C ALA C 224 10.95 -11.70 -0.37
N ARG C 225 10.22 -11.58 0.73
CA ARG C 225 9.30 -10.49 0.97
C ARG C 225 9.82 -9.70 2.16
N ARG C 226 10.33 -8.50 1.91
CA ARG C 226 10.90 -7.65 2.94
C ARG C 226 10.11 -6.37 3.03
N ARG C 227 9.53 -6.09 4.19
CA ARG C 227 8.66 -4.94 4.37
C ARG C 227 9.00 -4.22 5.66
N PHE C 228 8.50 -3.00 5.79
CA PHE C 228 8.71 -2.19 6.98
C PHE C 228 7.63 -2.52 8.01
N LEU C 229 8.05 -3.03 9.16
CA LEU C 229 7.13 -3.37 10.23
C LEU C 229 7.66 -2.81 11.54
N PRO C 230 6.78 -2.49 12.49
CA PRO C 230 7.25 -2.09 13.82
C PRO C 230 7.74 -3.30 14.59
N VAL C 231 9.02 -3.26 14.97
CA VAL C 231 9.73 -4.39 15.54
C VAL C 231 10.36 -3.92 16.86
N ALA C 232 10.10 -4.66 17.93
CA ALA C 232 10.78 -4.44 19.20
C ALA C 232 11.24 -5.79 19.73
N GLY C 233 12.54 -5.97 19.87
CA GLY C 233 13.04 -7.25 20.33
C GLY C 233 13.58 -8.13 19.23
N ALA C 234 12.77 -9.07 18.74
CA ALA C 234 13.24 -10.03 17.75
C ALA C 234 12.83 -9.62 16.35
N THR C 235 13.79 -9.75 15.41
CA THR C 235 13.50 -9.47 14.00
C THR C 235 13.78 -10.63 13.07
N SER C 236 14.05 -11.84 13.56
CA SER C 236 14.20 -12.97 12.65
C SER C 236 12.84 -13.36 12.09
N ALA C 237 12.86 -14.07 10.96
CA ALA C 237 11.64 -14.30 10.20
C ALA C 237 10.66 -15.20 10.93
N GLU C 238 11.16 -16.12 11.76
CA GLU C 238 10.28 -16.97 12.57
C GLU C 238 9.59 -16.20 13.68
N PHE C 239 10.07 -15.00 14.01
CA PHE C 239 9.38 -14.10 14.92
C PHE C 239 8.56 -13.06 14.20
N ILE C 240 8.96 -12.68 12.98
CA ILE C 240 8.16 -11.73 12.21
C ILE C 240 6.89 -12.39 11.72
N GLU C 241 6.88 -13.71 11.55
CA GLU C 241 5.63 -14.39 11.22
C GLU C 241 4.69 -14.54 12.40
N MET C 242 5.08 -14.14 13.62
CA MET C 242 4.20 -14.10 14.78
C MET C 242 4.24 -12.72 15.45
N LEU C 243 4.75 -11.71 14.75
CA LEU C 243 4.79 -10.34 15.26
C LEU C 243 3.44 -9.78 15.70
N HIS C 244 2.33 -10.30 15.18
CA HIS C 244 1.03 -9.82 15.63
C HIS C 244 0.69 -10.29 17.04
N CYS C 245 1.28 -11.39 17.50
CA CYS C 245 1.01 -11.94 18.81
C CYS C 245 2.25 -11.95 19.70
N LEU C 246 3.31 -11.24 19.30
CA LEU C 246 4.55 -11.20 20.06
C LEU C 246 4.55 -10.08 21.08
N GLN C 247 4.39 -8.85 20.63
CA GLN C 247 4.30 -7.70 21.52
C GLN C 247 3.43 -6.64 20.89
N GLY C 248 2.92 -5.76 21.73
CA GLY C 248 2.13 -4.64 21.28
C GLY C 248 2.79 -3.36 21.73
N GLU C 249 2.02 -2.29 21.85
CA GLU C 249 2.62 -1.05 22.34
C GLU C 249 2.74 -1.05 23.86
N ASN C 250 1.95 -1.87 24.57
CA ASN C 250 1.97 -1.84 26.03
C ASN C 250 2.01 -3.24 26.65
N TRP C 251 2.37 -4.27 25.87
CA TRP C 251 2.49 -5.61 26.42
C TRP C 251 3.50 -6.39 25.57
N ARG C 252 4.02 -7.46 26.16
CA ARG C 252 5.01 -8.30 25.51
C ARG C 252 4.72 -9.76 25.88
N GLN C 253 4.95 -10.66 24.94
CA GLN C 253 4.71 -12.08 25.16
C GLN C 253 5.96 -12.86 24.79
N ILE C 254 6.48 -13.64 25.73
CA ILE C 254 7.69 -14.43 25.50
C ILE C 254 7.31 -15.68 24.71
N TYR C 255 7.97 -15.87 23.58
CA TYR C 255 7.62 -16.95 22.66
C TYR C 255 8.89 -17.50 22.03
N HIS C 256 8.92 -18.81 21.82
CA HIS C 256 10.05 -19.49 21.20
C HIS C 256 9.51 -20.46 20.16
N PRO C 257 9.78 -20.26 18.88
CA PRO C 257 9.18 -21.09 17.83
C PRO C 257 9.81 -22.47 17.76
N GLY C 258 9.31 -23.27 16.83
CA GLY C 258 9.83 -24.61 16.61
C GLY C 258 11.06 -24.58 15.72
N GLY C 259 11.39 -25.75 15.17
CA GLY C 259 12.53 -25.83 14.28
C GLY C 259 13.85 -25.74 15.02
N ASN C 260 14.82 -25.05 14.41
CA ASN C 260 16.15 -24.90 14.98
C ASN C 260 16.70 -23.53 14.61
N LYS C 261 17.13 -22.78 15.63
CA LYS C 261 17.68 -21.45 15.40
C LYS C 261 19.10 -21.54 14.84
N LEU C 262 19.49 -20.50 14.12
CA LEU C 262 20.70 -20.51 13.32
C LEU C 262 21.93 -20.28 14.19
N THR C 263 23.07 -20.01 13.56
CA THR C 263 24.28 -19.64 14.27
C THR C 263 24.65 -18.17 14.12
N GLU C 264 24.40 -17.59 12.95
CA GLU C 264 24.64 -16.16 12.76
C GLU C 264 23.65 -15.33 13.58
N SER C 265 22.39 -15.76 13.61
CA SER C 265 21.39 -15.06 14.42
C SER C 265 21.68 -15.23 15.90
N ARG C 266 22.18 -16.40 16.29
CA ARG C 266 22.57 -16.64 17.69
C ARG C 266 23.75 -15.76 18.08
N SER C 267 24.75 -15.63 17.20
CA SER C 267 25.91 -14.81 17.51
C SER C 267 25.55 -13.32 17.54
N GLN C 268 24.67 -12.87 16.63
CA GLN C 268 24.28 -11.47 16.63
C GLN C 268 23.42 -11.14 17.85
N SER C 269 22.57 -12.08 18.29
CA SER C 269 21.78 -11.85 19.49
C SER C 269 22.64 -11.88 20.73
N MET C 270 23.71 -12.69 20.71
CA MET C 270 24.67 -12.72 21.81
C MET C 270 25.45 -11.41 21.90
N ILE C 271 25.80 -10.83 20.75
CA ILE C 271 26.49 -9.55 20.72
C ILE C 271 25.58 -8.44 21.25
N VAL C 272 24.31 -8.45 20.83
CA VAL C 272 23.33 -7.45 21.31
C VAL C 272 23.11 -7.58 22.82
N ALA C 273 23.05 -8.83 23.31
CA ALA C 273 22.88 -9.07 24.74
C ALA C 273 24.08 -8.58 25.54
N CYS C 274 25.29 -8.88 25.09
CA CYS C 274 26.48 -8.46 25.84
C CYS C 274 26.69 -6.96 25.78
N ARG C 275 26.34 -6.33 24.66
CA ARG C 275 26.40 -4.88 24.57
C ARG C 275 25.41 -4.21 25.51
N LYS C 276 24.20 -4.78 25.63
CA LYS C 276 23.21 -4.21 26.55
C LYS C 276 23.62 -4.41 28.00
N ILE C 277 24.19 -5.58 28.32
CA ILE C 277 24.64 -5.85 29.69
C ILE C 277 25.77 -4.91 30.09
N ILE C 278 26.71 -4.68 29.18
CA ILE C 278 27.81 -3.76 29.45
C ILE C 278 27.30 -2.33 29.53
N ARG C 279 26.38 -1.95 28.65
CA ARG C 279 25.87 -0.58 28.63
C ARG C 279 25.03 -0.28 29.86
N ARG C 280 24.41 -1.28 30.48
CA ARG C 280 23.77 -1.07 31.76
C ARG C 280 24.78 -1.02 32.90
N SER C 281 25.73 -1.95 32.90
CA SER C 281 26.57 -2.16 34.08
C SER C 281 27.68 -1.13 34.25
N ILE C 282 27.99 -0.33 33.22
CA ILE C 282 29.10 0.61 33.30
C ILE C 282 28.80 1.72 34.31
N VAL C 283 27.57 2.23 34.30
CA VAL C 283 27.20 3.30 35.22
C VAL C 283 26.83 2.78 36.61
N ALA C 284 26.97 1.50 36.86
CA ALA C 284 26.69 0.95 38.17
C ALA C 284 27.87 1.14 39.11
N SER C 285 27.65 0.81 40.37
CA SER C 285 28.73 0.70 41.34
C SER C 285 29.10 -0.77 41.47
N ASN C 286 30.42 -1.05 41.49
CA ASN C 286 31.01 -2.38 41.34
C ASN C 286 30.47 -3.04 40.08
N PRO C 287 30.94 -2.63 38.89
CA PRO C 287 30.29 -3.06 37.64
C PRO C 287 30.43 -4.53 37.33
N LEU C 288 31.49 -5.19 37.81
CA LEU C 288 31.70 -6.60 37.51
C LEU C 288 30.64 -7.48 38.16
N GLU C 289 30.22 -7.10 39.37
CA GLU C 289 29.22 -7.87 40.10
C GLU C 289 27.88 -7.87 39.36
N LEU C 290 27.42 -6.70 38.95
CA LEU C 290 26.17 -6.62 38.20
C LEU C 290 26.31 -7.20 36.80
N ALA C 291 27.51 -7.15 36.21
CA ALA C 291 27.70 -7.75 34.90
C ALA C 291 27.53 -9.26 34.96
N VAL C 292 28.20 -9.92 35.93
CA VAL C 292 28.04 -11.36 36.10
C VAL C 292 26.62 -11.71 36.56
N GLU C 293 26.00 -10.86 37.38
CA GLU C 293 24.66 -11.12 37.90
C GLU C 293 23.60 -11.08 36.79
N ILE C 294 23.66 -10.07 35.92
CA ILE C 294 22.73 -10.01 34.80
C ILE C 294 23.05 -11.08 33.77
N ALA C 295 24.34 -11.36 33.56
CA ALA C 295 24.73 -12.33 32.54
C ALA C 295 24.38 -13.76 32.93
N ASN C 296 24.27 -14.06 34.21
CA ASN C 296 23.92 -15.41 34.64
C ASN C 296 22.46 -15.76 34.43
N LYS C 297 21.59 -14.77 34.22
CA LYS C 297 20.17 -15.03 34.11
C LYS C 297 19.60 -14.51 32.79
N THR C 298 20.45 -14.44 31.76
CA THR C 298 20.03 -14.06 30.42
C THR C 298 19.81 -15.31 29.59
N VAL C 299 18.73 -15.32 28.81
CA VAL C 299 18.34 -16.45 27.98
C VAL C 299 18.20 -15.96 26.54
N ILE C 300 19.01 -16.51 25.64
CA ILE C 300 18.89 -16.19 24.20
C ILE C 300 17.92 -17.22 23.63
N ASP C 301 16.63 -16.97 23.86
CA ASP C 301 15.45 -17.56 23.25
C ASP C 301 15.17 -19.01 23.64
N THR C 302 16.19 -19.78 24.02
CA THR C 302 15.94 -21.10 24.59
C THR C 302 16.98 -21.44 25.65
N GLU C 303 18.16 -20.84 25.54
CA GLU C 303 19.35 -21.30 26.21
C GLU C 303 20.04 -20.14 26.91
N PRO C 304 20.79 -20.42 27.98
CA PRO C 304 21.46 -19.34 28.71
C PRO C 304 22.57 -18.67 27.89
N LEU C 305 23.04 -17.54 28.42
CA LEU C 305 24.05 -16.75 27.74
C LEU C 305 25.40 -17.45 27.74
N LYS C 306 25.71 -18.17 28.82
CA LYS C 306 27.01 -18.83 28.94
C LYS C 306 27.17 -19.97 27.94
N SER C 307 26.06 -20.61 27.56
CA SER C 307 26.13 -21.67 26.56
C SER C 307 26.44 -21.10 25.18
N CYS C 308 25.85 -19.96 24.84
CA CYS C 308 26.19 -19.32 23.58
C CYS C 308 27.60 -18.76 23.59
N LEU C 309 28.06 -18.26 24.75
CA LEU C 309 29.43 -17.77 24.85
C LEU C 309 30.46 -18.90 24.80
N ALA C 310 30.07 -20.12 25.18
CA ALA C 310 30.98 -21.25 25.14
C ALA C 310 30.79 -22.13 23.91
N ALA C 311 29.80 -21.85 23.06
CA ALA C 311 29.58 -22.66 21.88
C ALA C 311 29.87 -21.95 20.57
N ILE C 312 29.82 -20.62 20.54
CA ILE C 312 30.02 -19.84 19.32
C ILE C 312 31.38 -19.17 19.39
N ASP C 313 32.11 -19.19 18.27
CA ASP C 313 33.49 -18.76 18.22
C ASP C 313 33.67 -17.30 17.85
N GLY C 314 32.61 -16.51 17.83
CA GLY C 314 32.66 -15.12 17.41
C GLY C 314 32.56 -14.16 18.58
N GLY C 315 31.86 -13.05 18.35
CA GLY C 315 31.68 -12.04 19.37
C GLY C 315 32.84 -11.06 19.39
N ASP C 316 32.54 -9.76 19.45
CA ASP C 316 33.55 -8.76 19.10
C ASP C 316 34.35 -8.24 20.30
N VAL C 317 33.70 -7.48 21.18
CA VAL C 317 34.41 -6.84 22.28
C VAL C 317 33.67 -7.12 23.57
N ALA C 318 32.37 -6.82 23.59
CA ALA C 318 31.56 -7.01 24.78
C ALA C 318 31.40 -8.49 25.10
N CYS C 319 31.39 -9.34 24.08
CA CYS C 319 31.30 -10.78 24.29
C CYS C 319 32.55 -11.31 24.98
N ASP C 320 33.72 -10.74 24.67
CA ASP C 320 34.94 -11.15 25.36
C ASP C 320 34.94 -10.73 26.82
N ILE C 321 34.39 -9.56 27.12
CA ILE C 321 34.32 -9.09 28.50
C ILE C 321 33.35 -9.94 29.32
N ILE C 322 32.18 -10.24 28.76
CA ILE C 322 31.22 -11.09 29.47
C ILE C 322 31.74 -12.52 29.57
N ARG C 323 32.48 -12.99 28.56
CA ARG C 323 33.10 -14.30 28.59
C ARG C 323 34.11 -14.41 29.72
N ALA C 324 35.02 -13.43 29.81
CA ALA C 324 36.01 -13.46 30.89
C ALA C 324 35.39 -13.17 32.25
N ALA C 325 34.23 -12.52 32.30
CA ALA C 325 33.55 -12.31 33.58
C ALA C 325 32.88 -13.58 34.07
N LEU C 326 32.23 -14.32 33.17
CA LEU C 326 31.65 -15.61 33.55
C LEU C 326 32.73 -16.66 33.80
N GLY C 327 33.88 -16.51 33.15
CA GLY C 327 34.95 -17.48 33.22
C GLY C 327 34.94 -18.35 31.98
N LEU C 328 35.76 -18.00 31.00
CA LEU C 328 35.73 -18.61 29.68
C LEU C 328 36.97 -18.17 28.92
N LYS C 329 37.52 -19.08 28.12
CA LYS C 329 38.60 -18.74 27.20
C LYS C 329 38.06 -17.82 26.12
N ILE C 330 38.60 -16.60 26.02
CA ILE C 330 38.08 -15.64 25.07
C ILE C 330 38.49 -16.02 23.65
N ARG C 331 37.68 -15.61 22.69
CA ARG C 331 37.92 -15.88 21.28
C ARG C 331 37.85 -14.55 20.55
N GLN C 332 39.02 -14.00 20.20
CA GLN C 332 39.09 -12.67 19.59
C GLN C 332 38.97 -12.78 18.07
N ARG C 333 37.78 -13.16 17.62
CA ARG C 333 37.52 -13.39 16.20
C ARG C 333 36.49 -12.37 15.72
N GLN C 334 36.97 -11.37 14.97
CA GLN C 334 36.09 -10.40 14.35
C GLN C 334 35.59 -10.91 13.01
N ARG C 335 34.44 -10.40 12.58
CA ARG C 335 33.83 -10.83 11.33
C ARG C 335 33.35 -9.58 10.59
N PHE C 336 34.18 -9.09 9.67
CA PHE C 336 33.82 -7.94 8.84
C PHE C 336 33.15 -8.49 7.59
N GLY C 337 31.85 -8.69 7.68
CA GLY C 337 31.11 -9.37 6.63
C GLY C 337 31.55 -10.81 6.51
N ARG C 338 32.26 -11.14 5.42
CA ARG C 338 32.84 -12.46 5.23
C ARG C 338 34.32 -12.52 5.60
N LEU C 339 34.91 -11.41 6.04
CA LEU C 339 36.31 -11.37 6.41
C LEU C 339 36.45 -11.80 7.87
N GLU C 340 36.89 -13.03 8.11
CA GLU C 340 37.08 -13.53 9.47
C GLU C 340 38.51 -13.18 9.91
N LEU C 341 38.62 -12.27 10.85
CA LEU C 341 39.92 -11.82 11.34
C LEU C 341 40.14 -12.28 12.77
N LYS C 342 41.40 -12.44 13.14
CA LYS C 342 41.78 -12.64 14.54
C LYS C 342 43.05 -11.86 14.80
N ARG C 343 43.01 -10.99 15.81
CA ARG C 343 44.13 -10.10 16.08
C ARG C 343 45.32 -10.88 16.64
N ILE C 344 46.50 -10.28 16.51
CA ILE C 344 47.72 -10.78 17.14
C ILE C 344 48.18 -9.85 18.25
N SER C 345 48.51 -8.62 17.91
CA SER C 345 48.76 -7.57 18.89
C SER C 345 48.40 -6.23 18.25
N GLY C 346 48.23 -5.23 19.08
CA GLY C 346 47.85 -3.92 18.59
C GLY C 346 46.46 -3.58 19.07
N ARG C 347 46.25 -2.31 19.42
CA ARG C 347 45.00 -1.86 20.02
C ARG C 347 44.59 -0.54 19.36
N GLY C 348 43.64 -0.62 18.42
CA GLY C 348 43.12 0.58 17.79
C GLY C 348 42.11 1.29 18.66
N PHE C 349 41.68 2.46 18.19
CA PHE C 349 40.69 3.26 18.90
C PHE C 349 39.77 3.91 17.88
N LYS C 350 38.46 3.83 18.13
CA LYS C 350 37.47 4.34 17.19
C LYS C 350 37.21 5.82 17.46
N ASN C 351 37.25 6.62 16.40
CA ASN C 351 36.89 8.04 16.46
C ASN C 351 36.25 8.43 15.14
N ASP C 352 35.16 9.20 15.21
CA ASP C 352 34.46 9.62 14.02
C ASP C 352 35.22 10.75 13.32
N GLU C 353 35.26 10.69 12.00
CA GLU C 353 35.90 11.71 11.18
C GLU C 353 35.11 11.89 9.90
N GLU C 354 35.07 13.14 9.41
CA GLU C 354 34.33 13.45 8.20
C GLU C 354 35.24 13.24 7.01
N ILE C 355 35.20 12.02 6.48
CA ILE C 355 35.93 11.68 5.27
C ILE C 355 35.26 12.33 4.08
N LEU C 356 36.05 12.99 3.24
CA LEU C 356 35.57 13.54 1.96
C LEU C 356 35.86 12.51 0.88
N ILE C 357 34.86 11.68 0.61
CA ILE C 357 34.99 10.46 -0.18
C ILE C 357 35.08 10.78 -1.67
N GLY C 358 35.36 9.74 -2.47
CA GLY C 358 35.79 9.94 -3.85
C GLY C 358 34.75 10.56 -4.77
N ASN C 359 33.48 10.20 -4.59
CA ASN C 359 32.45 10.78 -5.43
C ASN C 359 32.06 12.20 -5.04
N GLY C 360 32.63 12.74 -3.96
CA GLY C 360 32.40 14.12 -3.62
C GLY C 360 31.34 14.33 -2.55
N THR C 361 31.44 13.58 -1.46
CA THR C 361 30.52 13.73 -0.35
C THR C 361 31.25 13.57 0.98
N ILE C 362 30.61 14.01 2.05
CA ILE C 362 31.20 14.01 3.38
C ILE C 362 30.48 12.97 4.23
N GLN C 363 31.23 12.05 4.84
CA GLN C 363 30.65 11.01 5.67
C GLN C 363 31.39 10.90 7.00
N LYS C 364 30.63 10.78 8.09
CA LYS C 364 31.21 10.62 9.42
C LYS C 364 31.53 9.14 9.65
N ILE C 365 32.65 8.72 9.10
CA ILE C 365 33.11 7.33 9.21
C ILE C 365 34.02 7.24 10.43
N GLY C 366 33.96 6.12 11.14
CA GLY C 366 34.86 5.90 12.26
C GLY C 366 36.18 5.32 11.78
N ILE C 367 37.28 5.95 12.18
CA ILE C 367 38.63 5.47 11.87
C ILE C 367 39.34 5.16 13.19
N TRP C 368 40.44 4.42 13.08
CA TRP C 368 41.06 3.78 14.23
C TRP C 368 42.50 4.25 14.41
N ASP C 369 42.79 4.81 15.58
CA ASP C 369 44.16 5.04 16.00
C ASP C 369 44.84 3.71 16.32
N GLY C 370 46.15 3.68 16.14
CA GLY C 370 46.96 2.55 16.52
C GLY C 370 47.61 1.87 15.32
N GLU C 371 48.24 0.73 15.61
CA GLU C 371 48.86 -0.12 14.60
C GLU C 371 48.58 -1.56 14.96
N GLU C 372 48.00 -2.31 14.00
CA GLU C 372 47.42 -3.62 14.30
C GLU C 372 47.87 -4.70 13.33
N GLU C 373 47.78 -5.95 13.80
CA GLU C 373 48.17 -7.15 13.07
C GLU C 373 47.06 -8.19 13.14
N PHE C 374 46.74 -8.82 12.00
CA PHE C 374 45.59 -9.70 11.86
C PHE C 374 45.97 -10.99 11.13
N HIS C 375 45.30 -12.08 11.53
CA HIS C 375 45.20 -13.29 10.73
C HIS C 375 43.82 -13.28 10.07
N VAL C 376 43.79 -13.15 8.75
CA VAL C 376 42.55 -12.96 8.02
C VAL C 376 42.23 -14.21 7.22
N ARG C 377 40.93 -14.42 6.98
CA ARG C 377 40.48 -15.56 6.19
C ARG C 377 39.20 -15.19 5.46
N CYS C 378 39.14 -15.56 4.18
CA CYS C 378 37.93 -15.44 3.39
C CYS C 378 37.76 -16.72 2.57
N GLY C 379 36.67 -17.44 2.81
CA GLY C 379 36.38 -18.66 2.08
C GLY C 379 37.36 -19.77 2.37
N GLU C 380 38.12 -20.17 1.34
CA GLU C 380 39.21 -21.13 1.49
C GLU C 380 40.57 -20.47 1.30
N CYS C 381 40.63 -19.15 1.42
CA CYS C 381 41.90 -18.42 1.34
C CYS C 381 42.20 -17.80 2.69
N ARG C 382 43.49 -17.77 3.04
CA ARG C 382 43.95 -17.27 4.32
C ARG C 382 45.07 -16.26 4.08
N GLY C 383 45.44 -15.53 5.13
CA GLY C 383 46.52 -14.58 5.00
C GLY C 383 46.79 -13.87 6.30
N ILE C 384 47.81 -13.02 6.27
CA ILE C 384 48.21 -12.17 7.38
C ILE C 384 48.17 -10.73 6.90
N LEU C 385 47.70 -9.83 7.76
CA LEU C 385 47.53 -8.42 7.40
C LEU C 385 48.12 -7.55 8.51
N LYS C 386 48.58 -6.36 8.13
CA LYS C 386 49.10 -5.43 9.11
C LYS C 386 48.84 -4.01 8.62
N LYS C 387 48.33 -3.16 9.52
CA LYS C 387 47.82 -1.86 9.11
C LYS C 387 48.00 -0.83 10.21
N SER C 388 47.71 0.42 9.84
CA SER C 388 47.62 1.55 10.75
C SER C 388 46.41 2.37 10.29
N LYS C 389 46.33 3.63 10.73
CA LYS C 389 45.17 4.47 10.40
C LYS C 389 45.18 4.84 8.92
N MET C 390 44.12 4.40 8.21
CA MET C 390 43.88 4.67 6.79
C MET C 390 45.04 4.22 5.91
N LYS C 391 45.68 3.11 6.28
CA LYS C 391 46.96 2.75 5.70
C LYS C 391 47.10 1.24 5.72
N LEU C 392 46.79 0.60 4.59
CA LEU C 392 47.16 -0.80 4.42
C LEU C 392 48.66 -0.88 4.21
N GLU C 393 49.36 -1.53 5.13
CA GLU C 393 50.82 -1.61 5.05
C GLU C 393 51.27 -2.96 4.48
N LYS C 394 50.92 -4.07 5.12
CA LYS C 394 51.44 -5.36 4.70
C LYS C 394 50.30 -6.36 4.57
N LEU C 395 50.41 -7.22 3.56
CA LEU C 395 49.42 -8.27 3.33
C LEU C 395 50.12 -9.47 2.71
N LEU C 396 50.34 -10.51 3.51
CA LEU C 396 50.97 -11.74 3.05
C LEU C 396 49.87 -12.80 2.96
N ILE C 397 49.36 -13.03 1.77
CA ILE C 397 48.25 -13.96 1.57
C ILE C 397 48.80 -15.29 1.07
N ASN C 398 48.21 -16.37 1.56
CA ASN C 398 48.51 -17.69 1.06
C ASN C 398 47.83 -17.92 -0.27
N SER C 399 48.29 -18.94 -1.00
CA SER C 399 47.76 -19.24 -2.32
C SER C 399 46.56 -20.17 -2.21
N ALA C 400 45.48 -19.77 -2.87
CA ALA C 400 44.22 -20.51 -2.88
C ALA C 400 43.54 -20.22 -4.21
N LYS C 401 42.23 -20.44 -4.27
CA LYS C 401 41.44 -20.14 -5.46
C LYS C 401 41.52 -18.65 -5.82
N LYS C 402 41.36 -18.37 -7.11
CA LYS C 402 41.66 -17.04 -7.63
C LYS C 402 40.63 -16.01 -7.17
N GLU C 403 39.34 -16.35 -7.27
CA GLU C 403 38.30 -15.42 -6.85
C GLU C 403 38.20 -15.34 -5.33
N ASP C 404 38.62 -16.37 -4.61
CA ASP C 404 38.71 -16.26 -3.16
C ASP C 404 39.85 -15.33 -2.75
N MET C 405 40.97 -15.39 -3.46
CA MET C 405 42.04 -14.41 -3.29
C MET C 405 41.55 -13.01 -3.63
N ARG C 406 40.70 -12.89 -4.64
CA ARG C 406 40.14 -11.60 -5.03
C ARG C 406 39.24 -11.04 -3.92
N ASP C 407 38.37 -11.87 -3.36
CA ASP C 407 37.49 -11.44 -2.28
C ASP C 407 38.28 -11.07 -1.03
N LEU C 408 39.33 -11.84 -0.72
CA LEU C 408 40.14 -11.54 0.46
C LEU C 408 40.95 -10.26 0.27
N ILE C 409 41.46 -10.02 -0.95
CA ILE C 409 42.20 -8.80 -1.24
C ILE C 409 41.29 -7.58 -1.16
N ILE C 410 40.07 -7.69 -1.72
CA ILE C 410 39.11 -6.59 -1.68
C ILE C 410 38.68 -6.30 -0.25
N LEU C 411 38.44 -7.34 0.54
CA LEU C 411 38.02 -7.15 1.93
C LEU C 411 39.14 -6.59 2.80
N CYS C 412 40.39 -6.96 2.54
CA CYS C 412 41.50 -6.37 3.29
C CYS C 412 41.79 -4.95 2.83
N MET C 413 41.47 -4.61 1.58
CA MET C 413 41.56 -3.22 1.15
C MET C 413 40.49 -2.36 1.82
N VAL C 414 39.27 -2.90 1.93
CA VAL C 414 38.17 -2.16 2.55
C VAL C 414 38.38 -2.04 4.06
N PHE C 415 38.91 -3.09 4.69
CA PHE C 415 39.06 -3.12 6.14
C PHE C 415 40.05 -2.07 6.64
N SER C 416 41.14 -1.87 5.91
CA SER C 416 42.19 -0.97 6.36
C SER C 416 41.83 0.50 6.16
N GLN C 417 40.71 0.79 5.49
CA GLN C 417 40.20 2.15 5.23
C GLN C 417 41.22 2.99 4.47
N ASP C 418 41.94 2.34 3.55
CA ASP C 418 43.01 2.98 2.80
C ASP C 418 42.45 4.04 1.86
N THR C 419 43.14 5.17 1.77
CA THR C 419 42.65 6.31 1.01
C THR C 419 42.59 6.04 -0.49
N ARG C 420 43.34 5.06 -0.98
CA ARG C 420 43.22 4.61 -2.35
C ARG C 420 41.93 3.82 -2.59
N MET C 421 41.21 3.45 -1.53
CA MET C 421 39.86 2.91 -1.63
C MET C 421 38.80 3.95 -1.31
N PHE C 422 39.13 4.95 -0.48
CA PHE C 422 38.19 6.05 -0.24
C PHE C 422 38.03 6.92 -1.48
N GLN C 423 39.15 7.40 -2.04
CA GLN C 423 39.09 8.18 -3.27
C GLN C 423 38.82 7.31 -4.49
N GLY C 424 38.99 6.00 -4.38
CA GLY C 424 38.67 5.07 -5.45
C GLY C 424 37.20 4.79 -5.64
N VAL C 425 36.33 5.43 -4.85
CA VAL C 425 34.88 5.32 -5.01
C VAL C 425 34.48 6.25 -6.15
N ARG C 426 34.10 5.67 -7.28
CA ARG C 426 33.57 6.42 -8.43
C ARG C 426 32.42 5.58 -8.99
N GLY C 427 31.22 5.84 -8.50
CA GLY C 427 30.03 5.13 -8.91
C GLY C 427 28.79 5.64 -8.18
N GLU C 428 27.78 4.79 -8.03
CA GLU C 428 26.55 5.14 -7.34
C GLU C 428 26.43 4.27 -6.09
N ILE C 429 26.70 4.87 -4.93
CA ILE C 429 26.60 4.18 -3.65
C ILE C 429 25.75 5.03 -2.72
N ASN C 430 24.65 4.45 -2.23
CA ASN C 430 23.70 5.16 -1.38
C ASN C 430 24.00 4.81 0.08
N PHE C 431 24.54 5.77 0.82
CA PHE C 431 24.88 5.58 2.22
C PHE C 431 23.74 5.95 3.15
N LEU C 432 22.50 5.85 2.67
CA LEU C 432 21.34 6.18 3.48
C LEU C 432 20.15 5.37 3.00
N ASN C 433 19.22 5.12 3.91
CA ASN C 433 18.03 4.37 3.59
C ASN C 433 17.07 5.21 2.74
N ARG C 434 16.05 4.54 2.19
CA ARG C 434 14.98 5.29 1.54
C ARG C 434 14.11 6.01 2.55
N ALA C 435 14.00 5.46 3.76
CA ALA C 435 13.31 6.12 4.86
C ALA C 435 14.23 7.02 5.68
N GLY C 436 15.45 7.24 5.22
CA GLY C 436 16.35 8.19 5.86
C GLY C 436 16.94 7.76 7.19
N GLN C 437 17.24 6.49 7.36
CA GLN C 437 17.96 6.04 8.54
C GLN C 437 19.35 5.55 8.13
N LEU C 438 20.25 5.51 9.10
CA LEU C 438 21.67 5.34 8.81
C LEU C 438 21.97 3.90 8.44
N LEU C 439 22.56 3.72 7.26
CA LEU C 439 23.24 2.47 6.92
C LEU C 439 24.69 2.58 7.36
N SER C 440 25.30 1.42 7.64
CA SER C 440 26.70 1.43 8.01
C SER C 440 27.55 1.70 6.78
N PRO C 441 28.42 2.72 6.81
CA PRO C 441 29.13 3.11 5.58
C PRO C 441 30.17 2.11 5.13
N MET C 442 30.85 1.46 6.07
CA MET C 442 31.89 0.50 5.71
C MET C 442 31.31 -0.74 5.05
N TYR C 443 30.13 -1.17 5.47
CA TYR C 443 29.49 -2.30 4.81
C TYR C 443 28.94 -1.90 3.45
N GLN C 444 28.59 -0.63 3.26
CA GLN C 444 28.23 -0.14 1.94
C GLN C 444 29.42 -0.16 1.01
N LEU C 445 30.58 0.30 1.49
CA LEU C 445 31.82 0.25 0.69
C LEU C 445 32.21 -1.19 0.37
N GLN C 446 32.02 -2.09 1.34
CA GLN C 446 32.32 -3.50 1.14
C GLN C 446 31.41 -4.13 0.09
N ARG C 447 30.11 -3.84 0.14
CA ARG C 447 29.20 -4.41 -0.84
C ARG C 447 29.36 -3.75 -2.21
N TYR C 448 29.87 -2.52 -2.25
CA TYR C 448 30.14 -1.90 -3.55
C TYR C 448 31.37 -2.49 -4.22
N PHE C 449 32.48 -2.58 -3.48
CA PHE C 449 33.72 -3.05 -4.09
C PHE C 449 33.78 -4.56 -4.27
N LEU C 450 32.76 -5.29 -3.82
CA LEU C 450 32.71 -6.73 -4.09
C LEU C 450 32.35 -7.03 -5.54
N ASN C 451 31.81 -6.06 -6.27
CA ASN C 451 31.48 -6.23 -7.68
C ASN C 451 32.34 -5.34 -8.57
N ARG C 452 32.33 -4.03 -8.34
CA ARG C 452 33.03 -3.07 -9.19
C ARG C 452 34.24 -2.55 -8.41
N SER C 453 35.36 -3.25 -8.55
CA SER C 453 36.64 -2.81 -8.00
C SER C 453 37.66 -2.51 -9.10
N ASN C 454 37.19 -2.35 -10.34
CA ASN C 454 38.10 -2.04 -11.44
C ASN C 454 38.64 -0.62 -11.32
N ASP C 455 37.85 0.31 -10.76
CA ASP C 455 38.37 1.62 -10.43
C ASP C 455 39.38 1.53 -9.30
N LEU C 456 39.13 0.64 -8.34
CA LEU C 456 40.05 0.42 -7.24
C LEU C 456 41.36 -0.19 -7.73
N PHE C 457 41.29 -1.20 -8.58
CA PHE C 457 42.50 -1.78 -9.16
C PHE C 457 43.13 -0.91 -10.24
N ASP C 458 42.42 0.11 -10.72
CA ASP C 458 43.00 1.05 -11.67
C ASP C 458 43.77 2.15 -10.95
N GLN C 459 43.22 2.68 -9.85
CA GLN C 459 43.80 3.82 -9.17
C GLN C 459 44.27 3.48 -7.76
N TRP C 460 44.60 2.20 -7.52
CA TRP C 460 45.12 1.79 -6.22
C TRP C 460 46.60 2.12 -6.08
N GLY C 461 47.36 2.13 -7.17
CA GLY C 461 48.77 2.41 -7.10
C GLY C 461 49.63 1.16 -7.20
N TYR C 462 50.33 1.01 -8.32
CA TYR C 462 51.10 -0.19 -8.60
C TYR C 462 52.56 0.00 -8.20
N GLU C 463 53.24 -1.12 -8.03
CA GLU C 463 54.67 -1.15 -7.79
C GLU C 463 55.23 -2.47 -8.33
N GLU C 464 56.49 -2.73 -7.99
CA GLU C 464 57.17 -3.95 -8.43
C GLU C 464 57.00 -5.06 -7.40
N SER C 465 57.35 -6.23 -7.80
CA SER C 465 57.17 -7.39 -6.95
C SER C 465 58.50 -7.82 -6.34
N PRO C 466 58.46 -8.39 -5.14
CA PRO C 466 59.66 -9.08 -4.62
C PRO C 466 59.89 -10.37 -5.40
N LYS C 467 61.12 -10.57 -5.86
CA LYS C 467 61.46 -11.70 -6.72
C LYS C 467 62.26 -12.77 -5.99
N ALA C 468 61.90 -13.05 -4.74
CA ALA C 468 62.46 -14.20 -4.05
C ALA C 468 61.89 -15.49 -4.65
N SER C 469 62.54 -16.61 -4.33
CA SER C 469 62.18 -17.89 -4.91
C SER C 469 60.89 -18.48 -4.34
N GLU C 470 60.36 -17.91 -3.25
CA GLU C 470 59.12 -18.39 -2.67
C GLU C 470 57.95 -17.44 -2.87
N LEU C 471 58.20 -16.18 -3.20
CA LEU C 471 57.15 -15.19 -3.37
C LEU C 471 56.78 -15.09 -4.84
N HIS C 472 55.52 -14.74 -5.09
CA HIS C 472 55.00 -14.58 -6.45
C HIS C 472 54.21 -13.28 -6.50
N GLY C 473 54.65 -12.36 -7.35
CA GLY C 473 53.88 -11.14 -7.57
C GLY C 473 52.62 -11.42 -8.37
N ILE C 474 51.58 -10.64 -8.08
CA ILE C 474 50.25 -10.89 -8.63
C ILE C 474 49.86 -9.76 -9.58
N ASN C 475 49.23 -10.13 -10.69
CA ASN C 475 48.50 -9.20 -11.52
C ASN C 475 47.06 -9.16 -11.03
N GLU C 476 46.17 -8.54 -11.80
CA GLU C 476 44.77 -8.48 -11.39
C GLU C 476 44.06 -9.81 -11.56
N SER C 477 44.61 -10.73 -12.34
CA SER C 477 44.04 -12.06 -12.52
C SER C 477 44.56 -13.07 -11.50
N MET C 478 45.26 -12.60 -10.46
CA MET C 478 45.82 -13.38 -9.36
C MET C 478 46.82 -14.44 -9.82
N ASN C 479 47.44 -14.24 -10.98
CA ASN C 479 48.46 -15.15 -11.49
C ASN C 479 49.84 -14.58 -11.20
N ALA C 480 50.86 -15.20 -11.77
CA ALA C 480 52.24 -14.76 -11.56
C ALA C 480 52.59 -13.64 -12.53
N SER C 481 52.88 -12.46 -11.99
CA SER C 481 53.32 -11.31 -12.80
C SER C 481 54.16 -10.41 -11.90
N ASP C 482 54.45 -9.20 -12.37
CA ASP C 482 55.30 -8.28 -11.63
C ASP C 482 54.76 -6.86 -11.53
N TYR C 483 53.86 -6.44 -12.41
CA TYR C 483 53.19 -5.14 -12.29
C TYR C 483 52.11 -5.28 -11.22
N THR C 484 52.52 -5.21 -9.95
CA THR C 484 51.68 -5.68 -8.87
C THR C 484 51.05 -4.51 -8.12
N LEU C 485 50.04 -4.84 -7.31
CA LEU C 485 49.44 -3.86 -6.43
C LEU C 485 50.29 -3.69 -5.17
N LYS C 486 50.17 -2.52 -4.56
CA LYS C 486 51.14 -2.06 -3.57
C LYS C 486 50.90 -2.75 -2.23
N GLY C 487 51.69 -3.76 -1.92
CA GLY C 487 51.70 -4.38 -0.61
C GLY C 487 51.18 -5.79 -0.51
N VAL C 488 51.20 -6.55 -1.61
CA VAL C 488 50.62 -7.89 -1.63
C VAL C 488 51.76 -8.90 -1.81
N VAL C 489 51.88 -9.81 -0.85
CA VAL C 489 52.91 -10.84 -0.82
C VAL C 489 52.22 -12.18 -0.88
N VAL C 490 52.66 -13.06 -1.78
CA VAL C 490 52.08 -14.39 -1.93
C VAL C 490 53.18 -15.40 -1.68
N THR C 491 53.28 -15.90 -0.45
CA THR C 491 54.23 -16.95 -0.14
C THR C 491 53.57 -18.32 -0.29
N ARG C 492 54.41 -19.32 -0.59
CA ARG C 492 53.94 -20.68 -0.80
C ARG C 492 53.96 -21.51 0.48
N ASN C 493 54.48 -20.98 1.58
CA ASN C 493 54.51 -21.70 2.83
C ASN C 493 53.13 -21.67 3.49
N VAL C 494 53.03 -22.33 4.64
CA VAL C 494 51.81 -22.38 5.41
C VAL C 494 51.86 -21.30 6.49
N ILE C 495 50.71 -21.00 7.08
CA ILE C 495 50.60 -19.91 8.04
C ILE C 495 49.97 -20.29 9.37
N ASP C 496 49.23 -21.40 9.45
CA ASP C 496 48.57 -21.91 10.66
C ASP C 496 47.64 -20.84 11.26
N ASP C 497 46.55 -20.59 10.51
CA ASP C 497 45.75 -19.39 10.67
C ASP C 497 45.09 -19.29 12.05
N PHE C 498 44.19 -20.23 12.37
CA PHE C 498 43.38 -20.12 13.57
C PHE C 498 43.73 -21.16 14.63
N SER C 499 44.92 -21.76 14.54
CA SER C 499 45.33 -22.78 15.50
C SER C 499 46.05 -22.22 16.71
N SER C 500 46.57 -20.99 16.63
CA SER C 500 47.30 -20.37 17.73
C SER C 500 46.33 -19.59 18.62
N THR C 501 45.41 -20.33 19.23
CA THR C 501 44.44 -19.78 20.18
C THR C 501 44.97 -20.09 21.58
N GLU C 502 45.72 -19.15 22.14
CA GLU C 502 46.33 -19.35 23.46
C GLU C 502 46.54 -17.98 24.08
N THR C 503 45.64 -17.58 24.99
CA THR C 503 45.84 -16.39 25.83
C THR C 503 45.08 -16.64 27.14
N GLU C 504 45.82 -17.10 28.16
CA GLU C 504 45.22 -17.39 29.46
C GLU C 504 45.38 -16.18 30.39
N LYS C 505 44.78 -15.07 29.97
CA LYS C 505 45.01 -13.77 30.57
C LYS C 505 43.76 -12.94 30.79
N VAL C 506 42.72 -13.48 31.43
CA VAL C 506 41.50 -12.72 31.65
C VAL C 506 41.72 -11.53 32.59
N SER C 507 41.86 -11.83 33.89
CA SER C 507 42.23 -10.92 34.98
C SER C 507 41.56 -9.55 34.90
N ILE C 508 40.23 -9.53 34.99
CA ILE C 508 39.50 -8.28 34.85
C ILE C 508 39.58 -7.48 36.15
N THR C 509 39.48 -6.17 36.02
CA THR C 509 39.35 -5.29 37.16
C THR C 509 37.87 -5.05 37.45
N LYS C 510 37.60 -4.05 38.28
CA LYS C 510 36.22 -3.66 38.56
C LYS C 510 35.56 -3.05 37.33
N ASN C 511 36.29 -2.20 36.60
CA ASN C 511 35.73 -1.35 35.57
C ASN C 511 35.65 -2.04 34.21
N LEU C 512 35.64 -3.37 34.18
CA LEU C 512 35.47 -4.20 32.99
C LEU C 512 36.55 -3.90 31.93
N SER C 513 37.79 -4.20 32.29
CA SER C 513 38.93 -4.05 31.40
C SER C 513 39.77 -5.31 31.49
N LEU C 514 39.91 -6.02 30.38
CA LEU C 514 40.64 -7.28 30.38
C LEU C 514 42.14 -7.05 30.44
N ILE C 515 42.70 -7.06 31.65
CA ILE C 515 44.13 -6.82 31.83
C ILE C 515 44.89 -8.13 31.65
N LYS C 516 45.97 -8.09 30.89
CA LYS C 516 46.68 -9.28 30.45
C LYS C 516 47.49 -9.87 31.60
N ARG C 517 48.19 -10.96 31.29
CA ARG C 517 49.12 -11.56 32.26
C ARG C 517 50.41 -10.75 32.35
N THR C 518 50.75 -10.02 31.28
CA THR C 518 51.88 -9.11 31.33
C THR C 518 51.58 -7.91 32.23
N GLY C 519 50.42 -7.29 32.05
CA GLY C 519 50.02 -6.18 32.90
C GLY C 519 49.30 -5.08 32.15
N GLU C 520 49.28 -5.16 30.82
CA GLU C 520 48.63 -4.15 29.99
C GLU C 520 47.17 -4.53 29.73
N VAL C 521 46.45 -3.65 29.05
CA VAL C 521 45.06 -3.88 28.69
C VAL C 521 44.97 -4.24 27.21
N ILE C 522 43.98 -5.06 26.87
CA ILE C 522 43.74 -5.38 25.47
C ILE C 522 42.30 -5.02 25.10
N MET C 523 41.41 -5.06 26.09
CA MET C 523 40.01 -4.70 25.90
C MET C 523 39.62 -3.68 26.95
N GLY C 524 38.56 -2.94 26.66
CA GLY C 524 38.08 -1.93 27.57
C GLY C 524 36.57 -1.84 27.56
N ALA C 525 36.03 -1.30 28.65
CA ALA C 525 34.60 -1.01 28.71
C ALA C 525 34.26 0.28 27.98
N ASN C 526 35.22 1.17 27.80
CA ASN C 526 35.05 2.32 26.91
C ASN C 526 35.57 2.00 25.51
N ASP C 527 35.19 0.82 25.02
CA ASP C 527 35.60 0.34 23.70
C ASP C 527 34.47 -0.32 22.94
N VAL C 528 33.32 -0.60 23.56
CA VAL C 528 32.20 -1.25 22.89
C VAL C 528 31.50 -0.25 21.99
N SER C 529 30.67 -0.72 21.08
CA SER C 529 29.97 0.19 20.19
C SER C 529 28.84 0.89 20.93
N GLU C 530 28.34 1.96 20.31
CA GLU C 530 27.19 2.69 20.82
C GLU C 530 25.97 2.53 19.93
N LEU C 531 26.08 1.79 18.83
CA LEU C 531 24.99 1.66 17.87
C LEU C 531 24.11 0.49 18.30
N GLU C 532 23.07 0.82 19.06
CA GLU C 532 22.14 -0.19 19.55
C GLU C 532 21.24 -0.67 18.41
N SER C 533 21.21 -1.98 18.20
CA SER C 533 20.38 -2.58 17.16
C SER C 533 19.52 -3.65 17.78
N GLN C 534 18.50 -4.07 17.02
CA GLN C 534 17.53 -5.05 17.51
C GLN C 534 18.05 -6.45 17.23
N ALA C 535 17.90 -7.33 18.22
CA ALA C 535 18.44 -8.68 18.11
C ALA C 535 17.62 -9.51 17.14
N GLN C 536 18.27 -10.48 16.50
CA GLN C 536 17.52 -11.38 15.63
C GLN C 536 16.66 -12.35 16.43
N LEU C 537 17.21 -12.94 17.48
CA LEU C 537 16.43 -13.83 18.34
C LEU C 537 15.89 -13.07 19.54
N MET C 538 14.78 -13.56 20.08
CA MET C 538 14.22 -13.01 21.30
C MET C 538 15.18 -13.24 22.45
N ILE C 539 15.24 -12.28 23.37
CA ILE C 539 16.27 -12.25 24.40
C ILE C 539 15.61 -11.87 25.71
N THR C 540 15.68 -12.76 26.70
CA THR C 540 14.95 -12.62 27.95
C THR C 540 15.92 -12.47 29.11
N TYR C 541 15.50 -11.74 30.13
CA TYR C 541 16.23 -11.64 31.38
C TYR C 541 15.33 -12.17 32.48
N ASP C 542 15.61 -13.38 32.96
CA ASP C 542 14.84 -14.00 34.03
C ASP C 542 15.23 -13.41 35.38
N THR C 543 14.81 -12.18 35.61
CA THR C 543 15.26 -11.39 36.74
C THR C 543 14.15 -10.44 37.17
N PRO C 544 14.14 -10.01 38.43
CA PRO C 544 13.39 -8.79 38.76
C PRO C 544 14.09 -7.60 38.13
N LYS C 545 13.28 -6.64 37.67
CA LYS C 545 13.71 -5.46 36.93
C LYS C 545 14.48 -5.85 35.66
N MET C 546 13.74 -6.49 34.74
CA MET C 546 14.24 -6.69 33.39
C MET C 546 14.28 -5.38 32.62
N TRP C 547 13.41 -4.43 33.00
CA TRP C 547 13.22 -3.18 32.26
C TRP C 547 14.45 -2.29 32.28
N GLU C 548 15.40 -2.53 33.18
CA GLU C 548 16.64 -1.77 33.17
C GLU C 548 17.51 -2.09 31.96
N MET C 549 17.27 -3.22 31.30
CA MET C 549 17.87 -3.48 29.98
C MET C 549 16.92 -3.08 28.87
N GLY C 550 16.42 -1.84 28.92
CA GLY C 550 15.46 -1.34 27.96
C GLY C 550 15.97 -0.11 27.25
N THR C 551 15.12 0.41 26.35
CA THR C 551 15.45 1.55 25.54
C THR C 551 15.34 2.84 26.36
N THR C 552 15.59 3.98 25.71
CA THR C 552 15.58 5.26 26.42
C THR C 552 14.17 5.65 26.86
N LYS C 553 13.19 5.49 25.96
CA LYS C 553 11.81 5.84 26.29
C LYS C 553 11.24 4.92 27.37
N GLU C 554 11.57 3.62 27.31
CA GLU C 554 11.08 2.68 28.31
C GLU C 554 11.69 2.95 29.67
N LEU C 555 12.99 3.27 29.70
CA LEU C 555 13.66 3.59 30.97
C LEU C 555 13.13 4.88 31.57
N VAL C 556 12.88 5.89 30.72
CA VAL C 556 12.32 7.16 31.18
C VAL C 556 10.94 6.97 31.77
N GLN C 557 10.09 6.21 31.06
CA GLN C 557 8.72 5.99 31.52
C GLN C 557 8.67 5.16 32.78
N ASN C 558 9.51 4.12 32.88
CA ASN C 558 9.53 3.29 34.08
C ASN C 558 10.10 4.02 35.28
N THR C 559 11.13 4.85 35.07
CA THR C 559 11.70 5.62 36.17
C THR C 559 10.72 6.68 36.67
N TYR C 560 10.00 7.33 35.75
CA TYR C 560 9.03 8.33 36.18
C TYR C 560 7.82 7.69 36.83
N GLN C 561 7.41 6.49 36.39
CA GLN C 561 6.35 5.76 37.07
C GLN C 561 6.77 5.35 38.48
N TRP C 562 8.05 4.98 38.64
CA TRP C 562 8.50 4.58 39.96
C TRP C 562 8.63 5.77 40.90
N VAL C 563 9.04 6.93 40.38
CA VAL C 563 9.09 8.15 41.21
C VAL C 563 7.68 8.57 41.58
N LEU C 564 6.73 8.44 40.65
CA LEU C 564 5.36 8.84 40.90
C LEU C 564 4.68 7.94 41.92
N LYS C 565 4.97 6.64 41.86
CA LYS C 565 4.33 5.69 42.78
C LYS C 565 4.81 5.90 44.21
N ASN C 566 6.11 6.09 44.40
CA ASN C 566 6.70 6.27 45.71
C ASN C 566 6.88 7.73 46.09
N LEU C 567 6.01 8.61 45.59
CA LEU C 567 6.21 10.06 45.67
C LEU C 567 6.15 10.57 47.10
N VAL C 568 5.32 9.95 47.94
CA VAL C 568 5.10 10.45 49.29
C VAL C 568 6.34 10.25 50.15
N THR C 569 6.97 9.07 50.05
CA THR C 569 8.16 8.80 50.86
C THR C 569 9.35 9.62 50.38
N LEU C 570 9.50 9.78 49.05
CA LEU C 570 10.58 10.60 48.50
C LEU C 570 10.43 12.06 48.92
N LYS C 571 9.21 12.60 48.87
CA LYS C 571 9.01 13.99 49.21
C LYS C 571 9.16 14.22 50.72
N ALA C 572 8.66 13.29 51.54
CA ALA C 572 8.77 13.45 52.99
C ALA C 572 10.20 13.30 53.48
N GLN C 573 10.95 12.30 53.01
CA GLN C 573 12.34 12.19 53.38
C GLN C 573 13.26 13.02 52.48
N PHE C 574 12.71 13.87 51.63
CA PHE C 574 13.49 14.98 51.10
C PHE C 574 13.32 16.23 51.93
N LEU C 575 12.09 16.49 52.41
CA LEU C 575 11.88 17.60 53.33
C LEU C 575 12.55 17.35 54.68
N LEU C 576 12.68 16.08 55.08
CA LEU C 576 13.28 15.75 56.36
C LEU C 576 14.71 15.22 56.23
N GLY C 577 14.91 14.17 55.45
CA GLY C 577 16.27 13.72 55.15
C GLY C 577 16.91 14.56 54.06
N LYS C 578 18.22 14.75 54.16
CA LYS C 578 18.90 15.68 53.26
C LYS C 578 19.51 15.01 52.04
N GLU C 579 20.48 14.11 52.26
CA GLU C 579 21.28 13.61 51.14
C GLU C 579 21.29 12.09 51.08
N ASP C 580 20.09 11.49 51.13
CA ASP C 580 19.88 10.09 50.79
C ASP C 580 19.13 9.94 49.47
N MET C 581 18.19 10.86 49.21
CA MET C 581 17.25 10.80 48.10
C MET C 581 17.91 10.78 46.74
N PHE C 582 19.10 11.36 46.61
CA PHE C 582 19.74 11.45 45.30
C PHE C 582 20.45 10.15 44.95
N GLN C 583 21.29 9.66 45.85
CA GLN C 583 22.00 8.40 45.64
C GLN C 583 21.09 7.21 45.91
N TRP C 584 20.17 6.98 44.98
CA TRP C 584 19.18 5.92 45.09
C TRP C 584 19.47 4.83 44.08
N ASP C 585 19.29 3.57 44.49
CA ASP C 585 19.62 2.42 43.66
C ASP C 585 18.61 2.16 42.54
N ALA C 586 17.57 2.98 42.41
CA ALA C 586 16.61 2.85 41.33
C ALA C 586 16.87 3.82 40.20
N PHE C 587 17.92 4.63 40.29
CA PHE C 587 18.23 5.65 39.30
C PHE C 587 19.50 5.35 38.50
N GLU C 588 20.12 4.18 38.71
CA GLU C 588 21.26 3.80 37.88
C GLU C 588 20.81 3.50 36.46
N ALA C 589 19.64 2.91 36.31
CA ALA C 589 19.05 2.68 35.00
C ALA C 589 18.61 3.98 34.34
N PHE C 590 18.54 5.09 35.07
CA PHE C 590 18.28 6.36 34.42
C PHE C 590 19.57 7.03 33.96
N GLU C 591 20.68 6.83 34.68
CA GLU C 591 21.96 7.33 34.20
C GLU C 591 22.58 6.41 33.16
N SER C 592 21.98 5.26 32.91
CA SER C 592 22.40 4.42 31.79
C SER C 592 22.12 5.04 30.43
N ILE C 593 21.29 6.09 30.34
CA ILE C 593 20.93 6.67 29.05
C ILE C 593 21.24 8.16 29.02
N ILE C 594 22.02 8.64 29.98
CA ILE C 594 22.53 10.00 29.93
C ILE C 594 23.97 9.90 29.43
N PRO C 595 24.41 10.78 28.53
CA PRO C 595 25.82 10.76 28.12
C PRO C 595 26.74 11.13 29.27
N GLN C 596 27.91 10.49 29.30
CA GLN C 596 28.78 10.60 30.46
C GLN C 596 29.55 11.93 30.50
N LYS C 597 29.50 12.73 29.45
CA LYS C 597 30.09 14.05 29.50
C LYS C 597 29.17 15.07 30.13
N MET C 598 27.87 14.81 30.17
CA MET C 598 26.89 15.78 30.61
C MET C 598 26.22 15.43 31.94
N ALA C 599 26.39 14.20 32.43
CA ALA C 599 25.57 13.72 33.54
C ALA C 599 25.90 14.41 34.86
N GLY C 600 27.17 14.76 35.08
CA GLY C 600 27.53 15.41 36.32
C GLY C 600 27.06 16.86 36.40
N GLN C 601 27.10 17.56 35.26
CA GLN C 601 26.60 18.93 35.22
C GLN C 601 25.08 18.97 35.32
N TYR C 602 24.40 18.01 34.68
CA TYR C 602 22.96 17.83 34.87
C TYR C 602 22.63 17.57 36.32
N SER C 603 23.45 16.75 37.00
CA SER C 603 23.19 16.41 38.39
C SER C 603 23.39 17.61 39.30
N GLY C 604 24.42 18.42 39.03
CA GLY C 604 24.63 19.62 39.82
C GLY C 604 23.53 20.63 39.63
N PHE C 605 23.06 20.79 38.39
CA PHE C 605 21.96 21.71 38.10
C PHE C 605 20.67 21.27 38.77
N ALA C 606 20.33 19.98 38.66
CA ALA C 606 19.08 19.50 39.24
C ALA C 606 19.12 19.48 40.76
N ARG C 607 20.28 19.16 41.34
CA ARG C 607 20.42 19.20 42.80
C ARG C 607 20.31 20.63 43.32
N ALA C 608 20.86 21.60 42.58
CA ALA C 608 20.75 22.99 43.01
C ALA C 608 19.32 23.49 42.88
N VAL C 609 18.59 23.05 41.86
CA VAL C 609 17.19 23.43 41.69
C VAL C 609 16.33 22.90 42.85
N LEU C 610 16.51 21.61 43.18
CA LEU C 610 15.71 21.04 44.27
C LEU C 610 16.11 21.59 45.63
N LYS C 611 17.39 21.89 45.83
CA LYS C 611 17.83 22.50 47.08
C LYS C 611 17.29 23.91 47.21
N GLN C 612 17.23 24.64 46.10
CA GLN C 612 16.64 25.98 46.10
C GLN C 612 15.14 25.91 46.40
N MET C 613 14.47 24.86 45.93
CA MET C 613 13.05 24.69 46.25
C MET C 613 12.83 24.36 47.73
N ARG C 614 13.70 23.54 48.32
CA ARG C 614 13.46 23.17 49.71
C ARG C 614 13.92 24.23 50.69
N ASP C 615 14.89 25.07 50.32
CA ASP C 615 15.41 26.04 51.29
C ASP C 615 14.44 27.18 51.51
N GLN C 616 13.95 27.78 50.43
CA GLN C 616 12.91 28.79 50.48
C GLN C 616 11.63 28.13 49.99
N GLU C 617 10.59 28.15 50.82
CA GLU C 617 9.50 27.19 50.71
C GLU C 617 8.58 27.42 49.51
N VAL C 618 9.14 27.24 48.32
CA VAL C 618 8.39 27.23 47.07
C VAL C 618 8.65 25.87 46.43
N MET C 619 7.60 25.10 46.22
CA MET C 619 7.73 23.72 45.76
C MET C 619 6.75 23.50 44.62
N LYS C 620 7.28 23.22 43.44
CA LYS C 620 6.50 22.73 42.31
C LYS C 620 6.68 21.22 42.24
N THR C 621 5.59 20.48 42.39
CA THR C 621 5.70 19.02 42.42
C THR C 621 5.97 18.43 41.05
N ASP C 622 5.69 19.17 39.98
CA ASP C 622 6.06 18.69 38.65
C ASP C 622 7.56 18.85 38.40
N GLN C 623 8.15 19.94 38.89
CA GLN C 623 9.59 20.12 38.79
C GLN C 623 10.34 19.11 39.64
N PHE C 624 9.76 18.71 40.77
CA PHE C 624 10.39 17.70 41.62
C PHE C 624 10.46 16.35 40.90
N ILE C 625 9.33 15.93 40.31
CA ILE C 625 9.31 14.69 39.54
C ILE C 625 10.23 14.79 38.33
N LYS C 626 10.27 15.96 37.70
CA LYS C 626 11.05 16.11 36.48
C LYS C 626 12.55 16.07 36.74
N LEU C 627 13.02 16.74 37.78
CA LEU C 627 14.44 16.85 38.03
C LEU C 627 14.92 15.98 39.18
N LEU C 628 14.10 15.04 39.66
CA LEU C 628 14.62 14.08 40.63
C LEU C 628 15.52 12.99 40.02
N PRO C 629 15.17 12.30 38.92
CA PRO C 629 16.07 11.20 38.48
C PRO C 629 17.39 11.66 37.89
N PHE C 630 17.56 12.94 37.59
CA PHE C 630 18.84 13.43 37.10
C PHE C 630 19.86 13.65 38.20
N CYS C 631 19.49 13.47 39.46
CA CYS C 631 20.33 13.82 40.59
C CYS C 631 21.25 12.71 41.06
N PHE C 632 21.25 11.54 40.41
CA PHE C 632 21.93 10.38 40.96
C PHE C 632 23.45 10.47 40.81
N SER C 633 23.93 10.98 39.69
CA SER C 633 25.36 11.05 39.44
C SER C 633 26.02 12.06 40.36
N PRO C 634 27.29 11.86 40.70
CA PRO C 634 28.03 12.88 41.47
C PRO C 634 28.21 14.14 40.65
N PRO C 635 27.93 15.30 41.23
CA PRO C 635 27.84 16.53 40.45
C PRO C 635 29.18 17.08 40.01
N LYS C 636 29.16 17.74 38.86
CA LYS C 636 30.29 18.50 38.34
C LYS C 636 29.85 19.94 38.14
N LEU C 637 30.64 20.88 38.64
CA LEU C 637 30.28 22.28 38.62
C LEU C 637 31.13 23.01 37.57
N ARG C 638 31.00 24.33 37.55
CA ARG C 638 31.90 25.16 36.77
C ARG C 638 33.12 25.50 37.63
N SER C 639 33.93 26.45 37.16
CA SER C 639 35.12 26.84 37.91
C SER C 639 34.83 27.94 38.93
N ASN C 640 33.67 28.57 38.85
CA ASN C 640 33.30 29.61 39.81
C ASN C 640 32.64 29.06 41.06
N GLY C 641 32.66 27.75 41.28
CA GLY C 641 31.92 27.14 42.35
C GLY C 641 30.42 27.11 42.16
N GLU C 642 29.93 27.42 40.96
CA GLU C 642 28.58 27.55 40.42
C GLU C 642 28.25 26.35 39.53
N PRO C 643 27.01 25.88 39.55
CA PRO C 643 26.60 24.84 38.62
C PRO C 643 26.30 25.41 37.24
N TYR C 644 26.14 24.50 36.28
CA TYR C 644 25.77 24.90 34.94
C TYR C 644 24.28 25.23 34.88
N GLN C 645 23.88 25.88 33.78
CA GLN C 645 22.48 26.20 33.54
C GLN C 645 22.09 25.63 32.18
N PHE C 646 21.00 24.88 32.16
CA PHE C 646 20.56 24.20 30.95
C PHE C 646 19.13 24.61 30.60
N LEU C 647 18.83 24.58 29.31
CA LEU C 647 17.47 24.74 28.81
C LEU C 647 16.78 23.41 28.58
N LYS C 648 17.51 22.40 28.09
CA LYS C 648 16.97 21.06 27.96
C LYS C 648 18.04 20.06 28.39
N LEU C 649 17.58 18.88 28.78
CA LEU C 649 18.43 17.78 29.22
C LEU C 649 18.33 16.66 28.18
N VAL C 650 19.42 16.40 27.47
CA VAL C 650 19.41 15.55 26.29
C VAL C 650 19.88 14.15 26.67
N LEU C 651 19.11 13.14 26.28
CA LEU C 651 19.36 11.75 26.61
C LEU C 651 19.83 10.98 25.38
N LYS C 652 20.19 9.72 25.61
CA LYS C 652 20.81 8.90 24.58
C LYS C 652 19.82 8.52 23.49
N GLY C 653 20.26 8.62 22.24
CA GLY C 653 19.47 8.16 21.12
C GLY C 653 18.45 9.16 20.68
N GLY C 654 18.37 9.42 19.38
CA GLY C 654 17.33 10.26 18.82
C GLY C 654 17.50 11.73 19.14
N GLY C 655 16.60 12.53 18.56
CA GLY C 655 16.64 13.95 18.77
C GLY C 655 15.45 14.44 19.56
N GLU C 656 14.44 13.60 19.67
CA GLU C 656 13.25 13.89 20.46
C GLU C 656 13.35 13.33 21.88
N ASN C 657 14.53 12.85 22.26
CA ASN C 657 14.75 12.36 23.62
C ASN C 657 15.42 13.45 24.46
N PHE C 658 14.63 14.47 24.79
CA PHE C 658 15.09 15.55 25.64
C PHE C 658 14.00 15.92 26.64
N ILE C 659 14.43 16.46 27.76
CA ILE C 659 13.55 16.94 28.81
C ILE C 659 13.69 18.45 28.88
N GLU C 660 12.68 19.18 28.41
CA GLU C 660 12.68 20.62 28.54
C GLU C 660 12.52 21.00 30.00
N VAL C 661 13.39 21.89 30.47
CA VAL C 661 13.35 22.28 31.87
C VAL C 661 12.15 23.18 32.15
N ARG C 662 11.84 24.09 31.24
CA ARG C 662 10.79 25.07 31.49
C ARG C 662 9.43 24.62 30.98
N LYS C 663 9.29 24.39 29.67
CA LYS C 663 8.02 23.95 29.13
C LYS C 663 7.96 22.42 29.15
N GLY C 664 6.97 21.86 28.44
CA GLY C 664 6.90 20.44 28.25
C GLY C 664 7.83 19.97 27.15
N SER C 665 7.91 18.66 27.00
CA SER C 665 8.79 18.00 26.05
C SER C 665 8.00 16.85 25.43
N PRO C 666 8.55 16.09 24.48
CA PRO C 666 7.92 14.81 24.15
C PRO C 666 7.84 13.84 25.32
N LEU C 667 8.92 13.66 26.07
CA LEU C 667 8.95 12.65 27.10
C LEU C 667 8.24 13.07 28.37
N PHE C 668 8.16 14.36 28.67
CA PHE C 668 7.59 14.84 29.93
C PHE C 668 6.72 16.05 29.65
N SER C 669 5.44 15.96 30.02
CA SER C 669 4.52 17.08 29.93
C SER C 669 3.69 17.14 31.19
N TYR C 670 3.30 18.35 31.61
CA TYR C 670 2.47 18.49 32.80
C TYR C 670 1.38 19.51 32.54
N ASN C 671 0.13 19.14 32.83
CA ASN C 671 -1.00 20.02 32.62
C ASN C 671 -1.56 20.45 33.96
N PRO C 672 -1.50 21.73 34.31
CA PRO C 672 -1.98 22.16 35.63
C PRO C 672 -3.48 22.37 35.70
N GLN C 673 -4.17 22.51 34.55
CA GLN C 673 -5.62 22.63 34.57
C GLN C 673 -6.26 21.33 35.02
N THR C 674 -5.90 20.22 34.37
CA THR C 674 -6.44 18.91 34.72
C THR C 674 -5.56 18.15 35.69
N GLU C 675 -4.40 18.71 36.05
CA GLU C 675 -3.40 18.09 36.94
C GLU C 675 -2.95 16.73 36.42
N VAL C 676 -2.60 16.68 35.14
CA VAL C 676 -2.33 15.42 34.46
C VAL C 676 -0.90 15.42 33.96
N LEU C 677 -0.12 14.42 34.38
CA LEU C 677 1.23 14.22 33.88
C LEU C 677 1.18 13.32 32.66
N THR C 678 2.05 13.58 31.71
CA THR C 678 2.15 12.78 30.50
C THR C 678 3.59 12.35 30.32
N ILE C 679 3.85 11.06 30.51
CA ILE C 679 5.16 10.47 30.32
C ILE C 679 5.08 9.58 29.11
N CYS C 680 5.75 9.99 28.02
CA CYS C 680 5.88 9.24 26.77
C CYS C 680 4.52 8.90 26.14
N GLY C 681 3.52 9.76 26.37
CA GLY C 681 2.19 9.55 25.85
C GLY C 681 1.21 8.96 26.84
N ARG C 682 1.66 8.50 28.00
CA ARG C 682 0.76 7.92 28.99
C ARG C 682 0.41 8.97 30.02
N MET C 683 -0.86 9.00 30.43
CA MET C 683 -1.39 10.04 31.29
C MET C 683 -1.57 9.50 32.71
N MET C 684 -0.77 10.00 33.63
CA MET C 684 -0.90 9.70 35.05
C MET C 684 -1.59 10.87 35.73
N SER C 685 -2.73 10.60 36.36
CA SER C 685 -3.46 11.64 37.06
C SER C 685 -2.76 11.96 38.38
N LEU C 686 -2.21 13.16 38.47
CA LEU C 686 -1.58 13.64 39.70
C LEU C 686 -2.58 14.26 40.66
N LYS C 687 -3.89 14.12 40.40
CA LYS C 687 -4.91 14.73 41.23
C LYS C 687 -4.99 14.03 42.58
N GLY C 688 -4.56 14.71 43.63
CA GLY C 688 -4.52 14.15 44.97
C GLY C 688 -3.14 14.04 45.56
N LYS C 689 -2.09 14.37 44.80
CA LYS C 689 -0.73 14.35 45.31
C LYS C 689 -0.10 15.74 45.33
N ILE C 690 -0.78 16.75 44.81
CA ILE C 690 -0.28 18.10 44.79
C ILE C 690 -0.82 18.84 46.02
N GLU C 691 -0.19 19.95 46.36
CA GLU C 691 -0.54 20.70 47.56
C GLU C 691 -1.73 21.61 47.26
N ASP C 692 -2.03 22.54 48.18
CA ASP C 692 -3.20 23.38 48.04
C ASP C 692 -2.97 24.52 47.06
N GLU C 693 -2.03 25.41 47.38
CA GLU C 693 -1.86 26.67 46.67
C GLU C 693 -0.87 26.60 45.53
N GLU C 694 -0.60 25.40 45.02
CA GLU C 694 0.48 25.18 44.06
C GLU C 694 0.19 25.72 42.67
N ARG C 695 -0.98 26.34 42.42
CA ARG C 695 -1.18 27.05 41.18
C ARG C 695 -0.83 28.53 41.28
N ASN C 696 -0.74 29.08 42.50
CA ASN C 696 -0.25 30.46 42.65
C ASN C 696 1.19 30.50 43.16
N ARG C 697 1.83 29.34 43.25
CA ARG C 697 3.25 29.25 43.59
C ARG C 697 4.07 29.51 42.33
N SER C 698 5.18 30.23 42.50
CA SER C 698 5.90 30.80 41.36
C SER C 698 6.71 29.73 40.62
N MET C 699 6.69 29.83 39.29
CA MET C 699 7.30 28.82 38.43
C MET C 699 8.77 29.11 38.19
N GLY C 700 9.14 30.39 38.09
CA GLY C 700 10.52 30.76 37.84
C GLY C 700 11.46 30.56 38.99
N ASN C 701 10.95 30.15 40.16
CA ASN C 701 11.83 29.76 41.26
C ASN C 701 12.47 28.40 41.02
N ALA C 702 11.91 27.60 40.12
CA ALA C 702 12.40 26.25 39.88
C ALA C 702 12.82 26.08 38.43
N VAL C 703 13.56 27.04 37.90
CA VAL C 703 13.96 27.04 36.49
C VAL C 703 15.48 27.08 36.36
N LEU C 704 16.13 27.99 37.08
CA LEU C 704 17.58 28.07 37.08
C LEU C 704 18.11 27.78 38.48
N ALA C 705 19.43 27.70 38.58
CA ALA C 705 20.11 27.38 39.82
C ALA C 705 20.56 28.66 40.50
N GLY C 706 19.89 29.01 41.59
CA GLY C 706 20.20 30.24 42.29
C GLY C 706 19.49 31.47 41.76
N PHE C 707 18.37 31.29 41.06
CA PHE C 707 17.63 32.38 40.43
C PHE C 707 16.19 32.30 40.88
N LEU C 708 15.79 33.20 41.78
CA LEU C 708 14.43 33.29 42.28
C LEU C 708 13.58 34.16 41.36
N VAL C 709 12.41 34.56 41.82
CA VAL C 709 11.55 35.50 41.10
C VAL C 709 11.50 36.78 41.90
N SER C 710 11.90 37.88 41.26
CA SER C 710 11.87 39.19 41.90
C SER C 710 10.71 40.05 41.46
N GLY C 711 10.08 39.76 40.32
CA GLY C 711 8.86 40.46 39.98
C GLY C 711 8.53 40.37 38.50
N LYS C 712 7.66 41.29 38.08
CA LYS C 712 7.11 41.31 36.74
C LYS C 712 8.13 41.85 35.73
N TYR C 713 7.88 41.54 34.47
CA TYR C 713 8.80 41.86 33.38
C TYR C 713 8.94 43.36 33.18
N ASP C 714 10.16 43.84 33.32
CA ASP C 714 10.47 45.26 33.29
C ASP C 714 11.49 45.55 32.18
N PRO C 715 11.24 46.54 31.32
CA PRO C 715 12.16 46.84 30.23
C PRO C 715 13.34 47.72 30.61
N ASP C 716 13.62 47.92 31.89
CA ASP C 716 14.81 48.67 32.29
C ASP C 716 16.03 47.77 32.46
N LEU C 717 15.88 46.46 32.28
CA LEU C 717 16.99 45.53 32.29
C LEU C 717 17.37 45.07 30.88
N GLY C 718 16.62 45.50 29.86
CA GLY C 718 16.93 45.15 28.50
C GLY C 718 16.07 44.02 27.96
N ASP C 719 16.66 43.21 27.10
CA ASP C 719 15.96 42.12 26.43
C ASP C 719 16.03 40.86 27.31
N PHE C 720 15.50 39.75 26.79
CA PHE C 720 15.65 38.47 27.44
C PHE C 720 17.11 38.02 27.38
N LYS C 721 17.53 37.30 28.41
CA LYS C 721 18.89 36.84 28.51
C LYS C 721 18.96 35.33 28.29
N THR C 722 19.98 34.89 27.55
CA THR C 722 20.18 33.48 27.27
C THR C 722 20.97 32.83 28.41
N ILE C 723 21.22 31.53 28.28
CA ILE C 723 21.83 30.78 29.38
C ILE C 723 23.31 31.14 29.55
N GLU C 724 24.00 31.43 28.45
CA GLU C 724 25.39 31.88 28.54
C GLU C 724 25.50 33.26 29.17
N GLU C 725 24.48 34.10 28.98
CA GLU C 725 24.48 35.42 29.59
C GLU C 725 24.20 35.32 31.09
N LEU C 726 23.27 34.44 31.48
CA LEU C 726 22.98 34.24 32.89
C LEU C 726 24.11 33.50 33.61
N GLU C 727 24.92 32.73 32.89
CA GLU C 727 26.06 32.07 33.50
C GLU C 727 27.21 33.02 33.81
N LYS C 728 27.17 34.26 33.32
CA LYS C 728 28.25 35.22 33.54
C LYS C 728 27.73 36.52 34.13
N LEU C 729 26.78 36.43 35.06
CA LEU C 729 26.29 37.59 35.78
C LEU C 729 26.90 37.66 37.17
N LYS C 730 26.86 38.85 37.74
CA LYS C 730 27.29 39.00 39.12
C LYS C 730 26.22 38.47 40.07
N PRO C 731 26.61 37.98 41.26
CA PRO C 731 25.61 37.62 42.26
C PRO C 731 24.94 38.87 42.82
N GLY C 732 23.61 38.83 42.89
CA GLY C 732 22.84 39.98 43.33
C GLY C 732 22.46 40.87 42.17
N GLU C 733 22.08 40.26 41.05
CA GLU C 733 21.77 41.00 39.84
C GLU C 733 20.38 40.61 39.35
N LYS C 734 19.69 41.57 38.77
CA LYS C 734 18.39 41.33 38.17
C LYS C 734 18.54 41.12 36.66
N ALA C 735 17.60 40.36 36.09
CA ALA C 735 17.61 40.04 34.68
C ALA C 735 16.18 39.74 34.25
N ASN C 736 15.99 39.51 32.96
CA ASN C 736 14.68 39.19 32.42
C ASN C 736 14.75 37.86 31.68
N ILE C 737 13.73 37.02 31.86
CA ILE C 737 13.76 35.64 31.40
C ILE C 737 12.38 35.26 30.87
N LEU C 738 12.32 34.66 29.69
CA LEU C 738 11.08 34.10 29.17
C LEU C 738 10.99 32.64 29.57
N LEU C 739 9.99 32.30 30.40
CA LEU C 739 9.84 30.93 30.86
C LEU C 739 9.33 30.04 29.74
N TYR C 740 8.11 30.30 29.27
CA TYR C 740 7.62 29.75 28.03
C TYR C 740 6.90 30.89 27.31
N GLN C 741 6.22 30.57 26.22
CA GLN C 741 5.74 31.59 25.30
C GLN C 741 4.58 32.35 25.92
N GLY C 742 4.90 33.49 26.53
CA GLY C 742 3.90 34.35 27.14
C GLY C 742 4.17 34.74 28.57
N LYS C 743 5.22 34.23 29.22
CA LYS C 743 5.47 34.52 30.63
C LYS C 743 6.89 35.06 30.83
N PRO C 744 7.08 36.37 30.67
CA PRO C 744 8.38 36.96 31.00
C PRO C 744 8.43 37.41 32.46
N VAL C 745 9.54 37.08 33.12
CA VAL C 745 9.71 37.25 34.56
C VAL C 745 11.03 37.96 34.83
N LYS C 746 11.00 38.95 35.72
CA LYS C 746 12.21 39.60 36.23
C LYS C 746 12.73 38.83 37.43
N VAL C 747 14.03 38.50 37.38
CA VAL C 747 14.63 37.43 38.16
C VAL C 747 15.91 37.93 38.82
N VAL C 748 16.03 37.71 40.14
CA VAL C 748 17.25 38.00 40.87
C VAL C 748 18.07 36.71 41.00
N LYS C 749 19.33 36.77 40.59
CA LYS C 749 20.28 35.73 40.90
C LYS C 749 20.72 35.86 42.35
N ARG C 750 20.64 34.75 43.10
CA ARG C 750 21.00 34.65 44.52
C ARG C 750 20.27 35.67 45.40
PA GTG D 1 32.87 -1.70 12.32
O1A GTG D 1 31.59 -1.41 11.67
O2A GTG D 1 33.96 -0.71 12.28
O3A GTG D 1 32.60 -2.09 13.85
PB GTG D 1 31.46 -1.38 14.70
O1B GTG D 1 31.37 0.03 14.29
O2B GTG D 1 31.67 -1.73 16.12
O3B GTG D 1 30.16 -2.19 14.18
N9A GTG D 1 37.38 -3.30 12.92
C8A GTG D 1 37.44 -2.52 11.86
N7A GTG D 1 38.55 -1.82 11.94
C7X GTG D 1 38.84 -0.87 10.83
C5A GTG D 1 39.18 -2.14 13.08
C6A GTG D 1 40.31 -1.75 13.67
O6A GTG D 1 41.06 -0.90 13.19
N1A GTG D 1 40.70 -2.30 14.89
C2A GTG D 1 39.90 -3.25 15.48
N2A GTG D 1 40.23 -3.81 16.62
N3A GTG D 1 38.78 -3.61 14.85
C4A GTG D 1 38.43 -3.07 13.68
O5D GTG D 1 33.42 -3.11 11.76
C5D GTG D 1 33.04 -4.30 12.44
C4D GTG D 1 34.26 -5.15 12.82
O4D GTG D 1 35.41 -4.54 12.19
C3D GTG D 1 34.54 -5.04 14.32
O3D GTG D 1 35.35 -6.13 14.75
C2D GTG D 1 35.39 -3.79 14.33
O2D GTG D 1 36.04 -3.63 15.59
C1D GTG D 1 36.33 -4.28 13.27
PG GTG D 1 28.68 -1.74 14.55
O1G GTG D 1 28.38 -2.17 15.92
O2G GTG D 1 28.52 -0.32 14.19
O5E GTG D 1 27.82 -2.63 13.54
C5E GTG D 1 28.42 -3.78 12.95
C4E GTG D 1 27.36 -4.84 12.60
O4E GTG D 1 27.98 -6.14 12.49
C3E GTG D 1 26.38 -5.08 13.74
O3E GTG D 1 25.42 -6.05 13.31
C2E GTG D 1 27.32 -5.70 14.71
O2E GTG D 1 26.61 -6.30 15.82
C1E GTG D 1 27.93 -6.76 13.82
N9B GTG D 1 29.26 -7.14 14.31
C8B GTG D 1 30.22 -6.33 14.73
N7B GTG D 1 31.27 -7.06 15.07
C5B GTG D 1 30.96 -8.33 14.87
C6B GTG D 1 31.66 -9.45 15.06
O6B GTG D 1 32.81 -9.41 15.50
N1B GTG D 1 31.08 -10.67 14.75
C2B GTG D 1 29.78 -10.69 14.26
N2B GTG D 1 29.20 -11.85 13.96
N3B GTG D 1 29.13 -9.54 14.09
C4B GTG D 1 29.72 -8.38 14.39
MG MG G . 25.29 -19.35 -33.74
MG MG H . -2.81 18.38 5.53
#